data_6ZSO
#
_entry.id   6ZSO
#
_cell.length_a   1.000
_cell.length_b   1.000
_cell.length_c   1.000
_cell.angle_alpha   90.00
_cell.angle_beta   90.00
_cell.angle_gamma   90.00
#
_symmetry.space_group_name_H-M   'P 1'
#
_entity_poly.entity_id   1
_entity_poly.type   'polypeptide(L)'
_entity_poly.pdbx_seq_one_letter_code
;MFKCFTCENAGDNYNCNRWAEDKWCPQNTQYCLTVHHFTSHGRSTSITKKCASRSECHFVGCHHSRDSEHTECRSCCEGM
ICNVELPTNHTNAVFA
;
_entity_poly.pdbx_strand_id   A
#
# COMPACT_ATOMS: atom_id res chain seq x y z
N MET A 1 -17.31 9.34 1.35
CA MET A 1 -15.88 9.50 1.58
C MET A 1 -15.33 8.34 2.41
N PHE A 2 -14.01 8.22 2.45
CA PHE A 2 -13.35 7.16 3.21
C PHE A 2 -11.94 7.57 3.61
N LYS A 3 -11.43 6.92 4.65
CA LYS A 3 -10.08 7.22 5.14
C LYS A 3 -9.12 6.07 4.82
N CYS A 4 -8.03 6.40 4.13
CA CYS A 4 -7.04 5.40 3.76
C CYS A 4 -5.66 5.78 4.30
N PHE A 5 -4.76 4.80 4.36
CA PHE A 5 -3.41 5.03 4.85
C PHE A 5 -2.52 5.62 3.76
N THR A 6 -2.24 6.92 3.87
CA THR A 6 -1.41 7.61 2.89
C THR A 6 -0.02 7.88 3.45
N CYS A 7 0.59 6.85 4.03
CA CYS A 7 1.92 6.99 4.61
C CYS A 7 3.00 6.82 3.55
N GLU A 8 4.19 7.33 3.81
CA GLU A 8 5.30 7.24 2.88
C GLU A 8 6.35 6.26 3.38
N ASN A 9 7.14 6.70 4.35
CA ASN A 9 8.19 5.86 4.92
C ASN A 9 7.73 5.22 6.22
N ALA A 10 7.45 3.91 6.16
CA ALA A 10 6.99 3.18 7.34
C ALA A 10 7.53 1.74 7.32
N GLY A 11 8.39 1.43 8.28
CA GLY A 11 8.96 0.10 8.36
C GLY A 11 7.95 -0.94 8.79
N ASP A 12 7.01 -0.53 9.65
CA ASP A 12 5.98 -1.43 10.14
C ASP A 12 4.60 -0.80 10.00
N ASN A 13 3.57 -1.64 10.00
CA ASN A 13 2.20 -1.17 9.88
C ASN A 13 1.90 -0.06 10.88
N TYR A 14 2.30 -0.29 12.13
CA TYR A 14 2.07 0.69 13.19
C TYR A 14 2.60 2.06 12.79
N ASN A 15 3.86 2.10 12.37
CA ASN A 15 4.49 3.34 11.95
C ASN A 15 3.67 4.03 10.86
N CYS A 16 3.24 3.26 9.88
CA CYS A 16 2.45 3.80 8.78
C CYS A 16 1.21 4.52 9.31
N ASN A 17 0.68 4.03 10.42
CA ASN A 17 -0.51 4.63 11.03
C ASN A 17 -0.16 5.94 11.72
N ARG A 18 1.02 5.98 12.34
CA ARG A 18 1.47 7.18 13.04
C ARG A 18 1.63 8.35 12.07
N TRP A 19 1.97 8.05 10.83
CA TRP A 19 2.14 9.08 9.82
C TRP A 19 0.83 9.36 9.10
N ALA A 20 0.24 8.33 8.50
CA ALA A 20 -1.01 8.46 7.79
C ALA A 20 -2.19 8.48 8.75
N GLU A 21 -2.76 9.67 8.97
CA GLU A 21 -3.90 9.82 9.87
C GLU A 21 -5.20 9.48 9.16
N ASP A 22 -6.32 9.75 9.83
CA ASP A 22 -7.64 9.48 9.26
C ASP A 22 -8.14 10.67 8.46
N LYS A 23 -7.55 10.88 7.28
CA LYS A 23 -7.94 11.98 6.42
C LYS A 23 -8.70 11.48 5.20
N TRP A 24 -9.63 12.27 4.72
CA TRP A 24 -10.43 11.90 3.55
C TRP A 24 -9.56 11.80 2.30
N CYS A 25 -9.92 10.90 1.41
CA CYS A 25 -9.16 10.71 0.16
C CYS A 25 -9.56 11.75 -0.87
N PRO A 26 -8.67 11.96 -1.87
CA PRO A 26 -8.90 12.93 -2.94
C PRO A 26 -10.20 12.65 -3.70
N GLN A 27 -10.60 13.60 -4.54
CA GLN A 27 -11.81 13.46 -5.34
C GLN A 27 -11.57 12.56 -6.55
N ASN A 28 -10.38 12.67 -7.13
CA ASN A 28 -10.01 11.87 -8.29
C ASN A 28 -9.40 10.54 -7.88
N THR A 29 -10.07 9.85 -6.95
CA THR A 29 -9.59 8.56 -6.46
C THR A 29 -10.75 7.67 -6.04
N GLN A 30 -10.59 6.36 -6.25
CA GLN A 30 -11.63 5.40 -5.89
C GLN A 30 -11.02 4.07 -5.45
N TYR A 31 -9.72 4.09 -5.17
CA TYR A 31 -9.01 2.89 -4.76
C TYR A 31 -7.95 3.21 -3.72
N CYS A 32 -7.43 2.18 -3.07
CA CYS A 32 -6.40 2.35 -2.03
C CYS A 32 -5.11 1.63 -2.44
N LEU A 33 -4.21 2.37 -3.06
CA LEU A 33 -2.93 1.81 -3.48
C LEU A 33 -2.15 1.25 -2.30
N THR A 34 -1.44 0.14 -2.53
CA THR A 34 -0.66 -0.50 -1.48
C THR A 34 0.66 -1.04 -2.03
N VAL A 35 1.72 -0.26 -1.86
CA VAL A 35 3.05 -0.67 -2.34
C VAL A 35 3.79 -1.47 -1.27
N HIS A 36 4.34 -2.60 -1.68
CA HIS A 36 5.08 -3.46 -0.76
C HIS A 36 6.53 -3.64 -1.23
N HIS A 37 7.46 -3.09 -0.47
CA HIS A 37 8.88 -3.18 -0.82
C HIS A 37 9.52 -4.39 -0.13
N PHE A 38 9.76 -5.44 -0.90
CA PHE A 38 10.38 -6.66 -0.36
C PHE A 38 11.81 -6.82 -0.88
N THR A 39 12.75 -6.88 0.06
CA THR A 39 14.17 -7.04 -0.29
C THR A 39 14.53 -8.50 -0.48
N SER A 40 15.16 -8.81 -1.61
CA SER A 40 15.57 -10.18 -1.90
C SER A 40 16.35 -10.78 -0.74
N HIS A 41 17.22 -9.97 -0.14
CA HIS A 41 18.03 -10.42 0.99
C HIS A 41 18.09 -9.35 2.08
N GLY A 42 17.29 -9.53 3.12
CA GLY A 42 17.27 -8.57 4.21
C GLY A 42 15.93 -8.55 4.94
N ARG A 43 15.98 -8.45 6.26
CA ARG A 43 14.77 -8.42 7.06
C ARG A 43 14.02 -7.10 6.86
N SER A 44 14.77 -6.02 6.67
CA SER A 44 14.18 -4.71 6.47
C SER A 44 13.32 -4.69 5.21
N THR A 45 12.17 -4.02 5.29
CA THR A 45 11.26 -3.92 4.16
C THR A 45 10.49 -2.61 4.19
N SER A 46 10.61 -1.84 3.11
CA SER A 46 9.93 -0.55 3.02
C SER A 46 8.45 -0.74 2.71
N ILE A 47 7.63 0.21 3.14
CA ILE A 47 6.19 0.14 2.92
C ILE A 47 5.61 1.53 2.64
N THR A 48 4.77 1.61 1.61
CA THR A 48 4.15 2.88 1.24
C THR A 48 2.77 2.65 0.63
N LYS A 49 1.79 3.44 1.07
CA LYS A 49 0.43 3.33 0.57
C LYS A 49 -0.21 4.70 0.42
N LYS A 50 -1.29 4.77 -0.34
CA LYS A 50 -2.00 6.03 -0.56
C LYS A 50 -3.19 5.83 -1.48
N CYS A 51 -4.09 6.80 -1.51
CA CYS A 51 -5.28 6.73 -2.35
C CYS A 51 -4.90 6.73 -3.83
N ALA A 52 -5.66 5.99 -4.63
CA ALA A 52 -5.40 5.90 -6.06
C ALA A 52 -6.69 5.63 -6.83
N SER A 53 -6.56 5.40 -8.13
CA SER A 53 -7.71 5.14 -8.98
C SER A 53 -7.41 4.03 -9.98
N ARG A 54 -8.35 3.77 -10.88
CA ARG A 54 -8.19 2.73 -11.90
C ARG A 54 -7.07 3.09 -12.86
N SER A 55 -6.89 4.39 -13.11
CA SER A 55 -5.86 4.86 -14.02
C SER A 55 -4.50 4.90 -13.32
N GLU A 56 -4.48 5.44 -12.11
CA GLU A 56 -3.25 5.54 -11.34
C GLU A 56 -2.52 4.20 -11.29
N CYS A 57 -3.28 3.14 -11.04
CA CYS A 57 -2.72 1.80 -10.96
C CYS A 57 -3.42 0.86 -11.94
N HIS A 58 -3.57 1.32 -13.18
CA HIS A 58 -4.22 0.52 -14.21
C HIS A 58 -3.40 -0.73 -14.52
N PHE A 59 -2.09 -0.62 -14.37
CA PHE A 59 -1.19 -1.74 -14.64
C PHE A 59 -0.35 -2.07 -13.42
N VAL A 60 -0.98 -2.63 -12.40
CA VAL A 60 -0.29 -2.99 -11.17
C VAL A 60 0.73 -4.09 -11.41
N GLY A 61 1.41 -4.51 -10.35
CA GLY A 61 2.41 -5.56 -10.48
C GLY A 61 3.64 -5.28 -9.64
N CYS A 62 4.71 -6.05 -9.89
CA CYS A 62 5.95 -5.87 -9.15
C CYS A 62 7.03 -5.26 -10.04
N HIS A 63 7.97 -4.56 -9.41
CA HIS A 63 9.07 -3.92 -10.14
C HIS A 63 10.39 -4.11 -9.41
N HIS A 64 11.22 -5.02 -9.93
CA HIS A 64 12.52 -5.29 -9.33
C HIS A 64 13.47 -4.13 -9.56
N SER A 65 14.10 -3.66 -8.47
CA SER A 65 15.05 -2.55 -8.56
C SER A 65 16.16 -2.86 -9.54
N ARG A 66 16.62 -1.84 -10.25
CA ARG A 66 17.70 -2.00 -11.22
C ARG A 66 19.05 -2.14 -10.53
N ASP A 67 19.28 -1.29 -9.53
CA ASP A 67 20.52 -1.31 -8.79
C ASP A 67 20.48 -2.36 -7.67
N SER A 68 19.44 -2.30 -6.85
CA SER A 68 19.28 -3.24 -5.74
C SER A 68 18.43 -4.43 -6.16
N GLU A 69 18.44 -5.47 -5.34
CA GLU A 69 17.66 -6.68 -5.63
C GLU A 69 16.35 -6.66 -4.87
N HIS A 70 15.81 -5.47 -4.62
CA HIS A 70 14.55 -5.32 -3.90
C HIS A 70 13.39 -5.09 -4.87
N THR A 71 12.34 -5.88 -4.72
CA THR A 71 11.17 -5.76 -5.58
C THR A 71 10.08 -4.93 -4.91
N GLU A 72 9.25 -4.27 -5.72
CA GLU A 72 8.17 -3.45 -5.20
C GLU A 72 6.84 -3.84 -5.84
N CYS A 73 6.01 -4.55 -5.08
CA CYS A 73 4.71 -4.99 -5.56
C CYS A 73 3.61 -4.05 -5.08
N ARG A 74 2.95 -3.38 -6.02
CA ARG A 74 1.88 -2.45 -5.71
C ARG A 74 0.54 -2.96 -6.23
N SER A 75 -0.50 -2.88 -5.40
CA SER A 75 -1.83 -3.33 -5.79
C SER A 75 -2.88 -2.27 -5.45
N CYS A 76 -4.14 -2.60 -5.72
CA CYS A 76 -5.24 -1.70 -5.44
C CYS A 76 -6.38 -2.41 -4.71
N CYS A 77 -6.56 -2.10 -3.44
CA CYS A 77 -7.61 -2.73 -2.63
C CYS A 77 -8.74 -1.74 -2.39
N GLU A 78 -9.97 -2.25 -2.37
CA GLU A 78 -11.14 -1.43 -2.13
C GLU A 78 -11.60 -1.52 -0.68
N GLY A 79 -12.33 -0.51 -0.23
CA GLY A 79 -12.82 -0.49 1.14
C GLY A 79 -12.10 0.52 2.01
N MET A 80 -12.84 1.18 2.89
CA MET A 80 -12.27 2.18 3.78
C MET A 80 -11.06 1.61 4.54
N ILE A 81 -9.97 2.35 4.54
CA ILE A 81 -8.75 1.91 5.24
C ILE A 81 -8.54 0.42 5.06
N CYS A 82 -8.78 -0.08 3.86
CA CYS A 82 -8.61 -1.49 3.56
C CYS A 82 -7.14 -1.89 3.64
N ASN A 83 -6.26 -0.93 3.38
CA ASN A 83 -4.83 -1.17 3.41
C ASN A 83 -4.30 -1.14 4.84
N VAL A 84 -4.90 -1.95 5.71
CA VAL A 84 -4.50 -2.02 7.11
C VAL A 84 -3.16 -2.72 7.26
N GLU A 85 -3.16 -4.05 7.11
CA GLU A 85 -1.96 -4.84 7.23
C GLU A 85 -1.46 -5.30 5.86
N LEU A 86 -0.15 -5.32 5.68
CA LEU A 86 0.44 -5.74 4.42
C LEU A 86 -0.06 -7.11 4.01
N PRO A 87 0.16 -8.12 4.87
CA PRO A 87 -0.28 -9.49 4.62
C PRO A 87 -1.80 -9.65 4.68
N THR A 88 -2.46 -9.35 3.57
CA THR A 88 -3.91 -9.46 3.50
C THR A 88 -4.35 -10.90 3.37
N ASN A 89 -5.23 -11.33 4.29
CA ASN A 89 -5.73 -12.69 4.28
C ASN A 89 -7.12 -12.77 3.65
N HIS A 90 -8.04 -11.96 4.16
CA HIS A 90 -9.40 -11.92 3.65
C HIS A 90 -10.11 -10.64 4.08
N THR A 91 -11.36 -10.50 3.66
CA THR A 91 -12.15 -9.31 3.99
C THR A 91 -13.04 -9.57 5.21
N ASN A 92 -13.15 -8.56 6.07
CA ASN A 92 -13.96 -8.68 7.27
C ASN A 92 -15.38 -8.19 7.02
N ALA A 93 -16.22 -8.25 8.05
CA ALA A 93 -17.60 -7.81 7.94
C ALA A 93 -17.76 -6.36 8.38
N VAL A 94 -18.95 -5.80 8.18
CA VAL A 94 -19.23 -4.43 8.57
C VAL A 94 -20.06 -4.37 9.84
N PHE A 95 -19.75 -3.42 10.71
CA PHE A 95 -20.47 -3.25 11.97
C PHE A 95 -21.40 -2.03 11.91
N ALA A 96 -22.03 -1.83 10.75
CA ALA A 96 -22.93 -0.71 10.57
C ALA A 96 -24.39 -1.13 10.80
N MET A 1 -16.88 9.16 1.22
CA MET A 1 -15.45 9.31 1.45
C MET A 1 -14.91 8.14 2.27
N PHE A 2 -13.60 7.93 2.21
CA PHE A 2 -12.96 6.85 2.95
C PHE A 2 -11.55 7.24 3.38
N LYS A 3 -11.14 6.75 4.54
CA LYS A 3 -9.81 7.05 5.07
C LYS A 3 -8.81 5.97 4.69
N CYS A 4 -7.73 6.37 4.03
CA CYS A 4 -6.70 5.43 3.60
C CYS A 4 -5.32 5.88 4.09
N PHE A 5 -4.43 4.92 4.30
CA PHE A 5 -3.08 5.21 4.77
C PHE A 5 -2.20 5.66 3.61
N THR A 6 -1.77 6.92 3.65
CA THR A 6 -0.91 7.47 2.60
C THR A 6 0.51 7.69 3.11
N CYS A 7 1.05 6.67 3.78
CA CYS A 7 2.41 6.76 4.32
C CYS A 7 3.44 6.40 3.25
N GLU A 8 4.67 6.82 3.48
CA GLU A 8 5.75 6.55 2.53
C GLU A 8 6.76 5.56 3.14
N ASN A 9 7.52 6.03 4.13
CA ASN A 9 8.52 5.19 4.78
C ASN A 9 8.04 4.75 6.16
N ALA A 10 7.68 3.48 6.28
CA ALA A 10 7.20 2.93 7.54
C ALA A 10 7.64 1.48 7.70
N GLY A 11 8.52 1.22 8.66
CA GLY A 11 9.00 -0.12 8.91
C GLY A 11 7.90 -1.04 9.39
N ASP A 12 6.95 -0.48 10.14
CA ASP A 12 5.84 -1.26 10.67
C ASP A 12 4.50 -0.57 10.40
N ASN A 13 3.45 -1.37 10.24
CA ASN A 13 2.12 -0.82 9.97
C ASN A 13 1.76 0.25 11.00
N TYR A 14 2.01 -0.04 12.27
CA TYR A 14 1.71 0.90 13.33
C TYR A 14 2.28 2.28 13.03
N ASN A 15 3.57 2.33 12.74
CA ASN A 15 4.24 3.59 12.42
C ASN A 15 3.54 4.30 11.26
N CYS A 16 3.12 3.52 10.26
CA CYS A 16 2.44 4.08 9.10
C CYS A 16 1.13 4.73 9.50
N ASN A 17 0.49 4.20 10.54
CA ASN A 17 -0.78 4.72 11.02
C ASN A 17 -0.57 6.09 11.69
N ARG A 18 0.53 6.22 12.43
CA ARG A 18 0.84 7.46 13.12
C ARG A 18 1.34 8.51 12.15
N TRP A 19 1.87 8.07 11.01
CA TRP A 19 2.38 8.98 10.00
C TRP A 19 1.29 9.38 9.02
N ALA A 20 0.71 8.40 8.33
CA ALA A 20 -0.35 8.65 7.38
C ALA A 20 -1.62 9.11 8.07
N GLU A 21 -1.91 10.40 7.99
CA GLU A 21 -3.09 10.96 8.63
C GLU A 21 -4.35 10.20 8.19
N ASP A 22 -5.26 9.99 9.13
CA ASP A 22 -6.50 9.28 8.85
C ASP A 22 -7.59 10.25 8.38
N LYS A 23 -7.45 10.73 7.16
CA LYS A 23 -8.42 11.66 6.59
C LYS A 23 -8.94 11.15 5.26
N TRP A 24 -10.13 11.63 4.87
CA TRP A 24 -10.74 11.21 3.61
C TRP A 24 -9.76 11.36 2.45
N CYS A 25 -9.91 10.50 1.45
CA CYS A 25 -9.03 10.53 0.28
C CYS A 25 -9.48 11.61 -0.71
N PRO A 26 -8.58 11.98 -1.61
CA PRO A 26 -8.86 13.00 -2.64
C PRO A 26 -10.15 12.72 -3.40
N GLN A 27 -10.57 13.68 -4.22
CA GLN A 27 -11.79 13.53 -5.01
C GLN A 27 -11.53 12.68 -6.25
N ASN A 28 -10.33 12.81 -6.81
CA ASN A 28 -9.96 12.05 -8.00
C ASN A 28 -9.35 10.70 -7.62
N THR A 29 -10.00 9.98 -6.71
CA THR A 29 -9.53 8.69 -6.26
C THR A 29 -10.68 7.78 -5.86
N GLN A 30 -10.53 6.49 -6.12
CA GLN A 30 -11.56 5.52 -5.78
C GLN A 30 -10.95 4.17 -5.42
N TYR A 31 -9.64 4.17 -5.17
CA TYR A 31 -8.93 2.95 -4.81
C TYR A 31 -7.83 3.24 -3.80
N CYS A 32 -7.26 2.17 -3.23
CA CYS A 32 -6.21 2.31 -2.24
C CYS A 32 -4.95 1.57 -2.68
N LEU A 33 -4.02 2.28 -3.31
CA LEU A 33 -2.78 1.70 -3.78
C LEU A 33 -1.98 1.11 -2.62
N THR A 34 -1.39 -0.06 -2.84
CA THR A 34 -0.59 -0.73 -1.83
C THR A 34 0.71 -1.27 -2.41
N VAL A 35 1.78 -0.48 -2.28
CA VAL A 35 3.08 -0.89 -2.78
C VAL A 35 3.89 -1.61 -1.71
N HIS A 36 4.77 -2.50 -2.15
CA HIS A 36 5.61 -3.26 -1.22
C HIS A 36 7.05 -3.35 -1.74
N HIS A 37 8.01 -3.03 -0.88
CA HIS A 37 9.41 -3.07 -1.25
C HIS A 37 10.03 -4.42 -0.88
N PHE A 38 10.06 -5.34 -1.84
CA PHE A 38 10.61 -6.67 -1.61
C PHE A 38 11.94 -6.83 -2.35
N THR A 39 13.02 -7.01 -1.59
CA THR A 39 14.34 -7.17 -2.17
C THR A 39 14.48 -8.54 -2.83
N SER A 40 15.38 -8.63 -3.81
CA SER A 40 15.60 -9.88 -4.53
C SER A 40 15.78 -11.04 -3.56
N HIS A 41 16.48 -10.78 -2.46
CA HIS A 41 16.71 -11.81 -1.45
C HIS A 41 16.04 -11.44 -0.13
N GLY A 42 16.08 -10.16 0.21
CA GLY A 42 15.47 -9.70 1.45
C GLY A 42 13.96 -9.55 1.34
N ARG A 43 13.24 -10.16 2.27
CA ARG A 43 11.78 -10.09 2.27
C ARG A 43 11.30 -8.65 2.26
N SER A 44 9.99 -8.47 2.18
CA SER A 44 9.41 -7.14 2.17
C SER A 44 9.42 -6.51 3.56
N THR A 45 10.24 -5.48 3.73
CA THR A 45 10.35 -4.80 5.01
C THR A 45 9.52 -3.52 5.04
N SER A 46 9.94 -2.53 4.25
CA SER A 46 9.23 -1.26 4.19
C SER A 46 8.01 -1.36 3.26
N ILE A 47 6.95 -0.64 3.62
CA ILE A 47 5.73 -0.65 2.83
C ILE A 47 5.22 0.77 2.58
N THR A 48 4.71 1.01 1.38
CA THR A 48 4.19 2.32 1.02
C THR A 48 2.79 2.21 0.43
N LYS A 49 1.90 3.08 0.88
CA LYS A 49 0.52 3.09 0.40
C LYS A 49 0.04 4.51 0.14
N LYS A 50 -1.06 4.65 -0.59
CA LYS A 50 -1.63 5.94 -0.90
C LYS A 50 -2.88 5.81 -1.76
N CYS A 51 -3.75 6.81 -1.70
CA CYS A 51 -4.99 6.80 -2.48
C CYS A 51 -4.70 6.81 -3.97
N ALA A 52 -5.50 6.07 -4.73
CA ALA A 52 -5.32 6.00 -6.17
C ALA A 52 -6.66 5.75 -6.88
N SER A 53 -6.59 5.52 -8.19
CA SER A 53 -7.79 5.28 -8.97
C SER A 53 -7.57 4.13 -9.96
N ARG A 54 -8.55 3.92 -10.84
CA ARG A 54 -8.47 2.86 -11.84
C ARG A 54 -7.39 3.18 -12.87
N SER A 55 -7.20 4.46 -13.15
CA SER A 55 -6.21 4.90 -14.12
C SER A 55 -4.81 4.93 -13.50
N GLU A 56 -4.73 5.47 -12.29
CA GLU A 56 -3.45 5.55 -11.58
C GLU A 56 -2.76 4.20 -11.55
N CYS A 57 -3.52 3.16 -11.24
CA CYS A 57 -2.99 1.80 -11.17
C CYS A 57 -3.71 0.87 -12.14
N HIS A 58 -3.95 1.37 -13.36
CA HIS A 58 -4.64 0.59 -14.37
C HIS A 58 -3.85 -0.68 -14.70
N PHE A 59 -2.52 -0.58 -14.66
CA PHE A 59 -1.66 -1.72 -14.95
C PHE A 59 -0.76 -2.04 -13.76
N VAL A 60 -1.35 -2.58 -12.71
CA VAL A 60 -0.61 -2.93 -11.51
C VAL A 60 0.43 -4.01 -11.81
N GLY A 61 1.14 -4.45 -10.77
CA GLY A 61 2.15 -5.48 -10.94
C GLY A 61 3.45 -5.13 -10.25
N CYS A 62 4.49 -5.92 -10.51
CA CYS A 62 5.80 -5.69 -9.91
C CYS A 62 6.75 -5.05 -10.91
N HIS A 63 7.73 -4.31 -10.40
CA HIS A 63 8.72 -3.65 -11.24
C HIS A 63 10.13 -3.89 -10.73
N HIS A 64 10.91 -4.64 -11.50
CA HIS A 64 12.29 -4.95 -11.13
C HIS A 64 13.20 -3.75 -11.35
N SER A 65 13.86 -3.31 -10.29
CA SER A 65 14.75 -2.16 -10.36
C SER A 65 15.88 -2.41 -11.36
N ARG A 66 16.30 -1.36 -12.05
CA ARG A 66 17.37 -1.47 -13.04
C ARG A 66 18.73 -1.51 -12.37
N ASP A 67 19.02 -0.50 -11.56
CA ASP A 67 20.29 -0.43 -10.85
C ASP A 67 20.37 -1.49 -9.75
N SER A 68 19.36 -1.51 -8.89
CA SER A 68 19.32 -2.48 -7.79
C SER A 68 18.39 -3.65 -8.14
N GLU A 69 18.43 -4.69 -7.31
CA GLU A 69 17.60 -5.86 -7.52
C GLU A 69 16.37 -5.83 -6.61
N HIS A 70 15.93 -4.63 -6.27
CA HIS A 70 14.76 -4.46 -5.41
C HIS A 70 13.49 -4.33 -6.24
N THR A 71 12.57 -5.29 -6.05
CA THR A 71 11.31 -5.28 -6.78
C THR A 71 10.23 -4.52 -6.02
N GLU A 72 9.34 -3.88 -6.75
CA GLU A 72 8.26 -3.12 -6.14
C GLU A 72 6.90 -3.55 -6.69
N CYS A 73 6.12 -4.22 -5.85
CA CYS A 73 4.80 -4.70 -6.26
C CYS A 73 3.70 -3.79 -5.70
N ARG A 74 2.87 -3.26 -6.59
CA ARG A 74 1.78 -2.38 -6.18
C ARG A 74 0.43 -2.94 -6.62
N SER A 75 -0.57 -2.77 -5.77
CA SER A 75 -1.92 -3.28 -6.07
C SER A 75 -2.97 -2.28 -5.61
N CYS A 76 -4.22 -2.53 -6.02
CA CYS A 76 -5.33 -1.65 -5.65
C CYS A 76 -6.38 -2.41 -4.85
N CYS A 77 -6.52 -2.04 -3.58
CA CYS A 77 -7.49 -2.69 -2.71
C CYS A 77 -8.71 -1.81 -2.50
N GLU A 78 -9.88 -2.43 -2.36
CA GLU A 78 -11.12 -1.69 -2.16
C GLU A 78 -11.57 -1.79 -0.71
N GLY A 79 -12.25 -0.75 -0.23
CA GLY A 79 -12.73 -0.74 1.14
C GLY A 79 -12.03 0.30 1.99
N MET A 80 -12.81 0.97 2.85
CA MET A 80 -12.25 2.01 3.72
C MET A 80 -11.03 1.49 4.46
N ILE A 81 -9.95 2.27 4.42
CA ILE A 81 -8.72 1.89 5.09
C ILE A 81 -8.43 0.41 4.93
N CYS A 82 -8.75 -0.13 3.76
CA CYS A 82 -8.53 -1.54 3.48
C CYS A 82 -7.06 -1.91 3.61
N ASN A 83 -6.19 -0.90 3.49
CA ASN A 83 -4.76 -1.11 3.60
C ASN A 83 -4.29 -0.98 5.05
N VAL A 84 -4.99 -1.67 5.95
CA VAL A 84 -4.65 -1.64 7.37
C VAL A 84 -3.27 -2.25 7.61
N GLU A 85 -3.22 -3.58 7.60
CA GLU A 85 -1.96 -4.29 7.83
C GLU A 85 -1.67 -5.27 6.70
N LEU A 86 -0.60 -5.03 5.96
CA LEU A 86 -0.23 -5.90 4.85
C LEU A 86 -1.32 -5.94 3.79
N PRO A 87 -0.96 -6.35 2.57
CA PRO A 87 -1.90 -6.44 1.46
C PRO A 87 -2.90 -7.58 1.63
N THR A 88 -4.18 -7.25 1.47
CA THR A 88 -5.24 -8.24 1.62
C THR A 88 -5.25 -9.21 0.45
N ASN A 89 -4.91 -8.70 -0.74
CA ASN A 89 -4.89 -9.53 -1.94
C ASN A 89 -3.74 -10.53 -1.88
N HIS A 90 -2.52 -10.02 -1.71
CA HIS A 90 -1.35 -10.87 -1.64
C HIS A 90 -1.27 -11.59 -0.30
N THR A 91 -1.32 -12.91 -0.33
CA THR A 91 -1.26 -13.73 0.88
C THR A 91 0.17 -13.95 1.32
N ASN A 92 0.38 -14.07 2.63
CA ASN A 92 1.71 -14.30 3.17
C ASN A 92 2.03 -15.78 3.23
N ALA A 93 3.29 -16.12 3.00
CA ALA A 93 3.74 -17.52 3.04
C ALA A 93 4.24 -17.89 4.43
N VAL A 94 3.53 -18.80 5.08
CA VAL A 94 3.91 -19.25 6.41
C VAL A 94 4.37 -20.71 6.39
N PHE A 95 5.48 -20.98 7.07
CA PHE A 95 6.02 -22.34 7.13
C PHE A 95 5.77 -22.97 8.49
N ALA A 96 5.86 -22.15 9.53
CA ALA A 96 5.63 -22.62 10.90
C ALA A 96 4.15 -22.81 11.18
N MET A 1 -17.40 9.76 1.63
CA MET A 1 -15.94 9.71 1.56
C MET A 1 -15.40 8.56 2.40
N PHE A 2 -14.12 8.27 2.24
CA PHE A 2 -13.47 7.19 2.98
C PHE A 2 -12.07 7.59 3.42
N LYS A 3 -11.57 6.92 4.45
CA LYS A 3 -10.24 7.21 4.98
C LYS A 3 -9.29 6.05 4.72
N CYS A 4 -8.18 6.34 4.04
CA CYS A 4 -7.19 5.32 3.72
C CYS A 4 -5.82 5.68 4.31
N PHE A 5 -4.93 4.71 4.33
CA PHE A 5 -3.59 4.92 4.88
C PHE A 5 -2.65 5.48 3.81
N THR A 6 -2.30 6.76 3.94
CA THR A 6 -1.41 7.41 2.99
C THR A 6 -0.04 7.66 3.60
N CYS A 7 0.50 6.65 4.25
CA CYS A 7 1.82 6.76 4.88
C CYS A 7 2.94 6.51 3.87
N GLU A 8 4.04 7.23 4.04
CA GLU A 8 5.19 7.08 3.14
C GLU A 8 6.14 5.99 3.63
N ASN A 9 7.38 6.05 3.18
CA ASN A 9 8.39 5.07 3.57
C ASN A 9 8.37 4.86 5.08
N ALA A 10 7.74 3.77 5.52
CA ALA A 10 7.66 3.45 6.93
C ALA A 10 8.33 2.12 7.24
N GLY A 11 7.90 1.07 6.55
CA GLY A 11 8.49 -0.25 6.76
C GLY A 11 7.72 -1.06 7.79
N ASP A 12 7.02 -0.37 8.68
CA ASP A 12 6.24 -1.04 9.71
C ASP A 12 4.80 -0.51 9.74
N ASN A 13 3.85 -1.44 9.83
CA ASN A 13 2.44 -1.07 9.87
C ASN A 13 2.15 -0.11 11.02
N TYR A 14 2.89 -0.28 12.11
CA TYR A 14 2.70 0.57 13.29
C TYR A 14 3.01 2.02 12.96
N ASN A 15 4.27 2.31 12.65
CA ASN A 15 4.69 3.66 12.32
C ASN A 15 3.80 4.26 11.24
N CYS A 16 3.40 3.42 10.28
CA CYS A 16 2.54 3.87 9.19
C CYS A 16 1.31 4.60 9.73
N ASN A 17 0.50 3.88 10.49
CA ASN A 17 -0.71 4.47 11.06
C ASN A 17 -0.40 5.75 11.83
N ARG A 18 0.76 5.77 12.48
CA ARG A 18 1.18 6.93 13.25
C ARG A 18 1.31 8.16 12.35
N TRP A 19 1.70 7.93 11.10
CA TRP A 19 1.87 9.01 10.14
C TRP A 19 0.57 9.27 9.39
N ALA A 20 0.05 8.24 8.74
CA ALA A 20 -1.19 8.36 7.98
C ALA A 20 -2.40 8.31 8.91
N GLU A 21 -3.03 9.47 9.12
CA GLU A 21 -4.20 9.56 9.98
C GLU A 21 -5.47 9.28 9.20
N ASP A 22 -6.61 9.53 9.82
CA ASP A 22 -7.90 9.30 9.18
C ASP A 22 -8.35 10.54 8.40
N LYS A 23 -7.70 10.77 7.27
CA LYS A 23 -8.03 11.91 6.42
C LYS A 23 -8.78 11.48 5.18
N TRP A 24 -9.63 12.36 4.67
CA TRP A 24 -10.43 12.06 3.48
C TRP A 24 -9.53 11.96 2.24
N CYS A 25 -9.85 11.03 1.36
CA CYS A 25 -9.08 10.82 0.15
C CYS A 25 -9.48 11.83 -0.92
N PRO A 26 -8.59 12.04 -1.90
CA PRO A 26 -8.82 12.98 -3.00
C PRO A 26 -10.10 12.68 -3.76
N GLN A 27 -10.52 13.61 -4.62
CA GLN A 27 -11.73 13.45 -5.41
C GLN A 27 -11.48 12.55 -6.62
N ASN A 28 -10.28 12.66 -7.18
CA ASN A 28 -9.91 11.87 -8.35
C ASN A 28 -9.30 10.53 -7.93
N THR A 29 -9.96 9.85 -7.01
CA THR A 29 -9.49 8.56 -6.52
C THR A 29 -10.65 7.66 -6.11
N GLN A 30 -10.47 6.35 -6.30
CA GLN A 30 -11.50 5.39 -5.95
C GLN A 30 -10.89 4.05 -5.53
N TYR A 31 -9.60 4.08 -5.19
CA TYR A 31 -8.90 2.88 -4.78
C TYR A 31 -7.82 3.21 -3.74
N CYS A 32 -7.25 2.17 -3.14
CA CYS A 32 -6.21 2.34 -2.14
C CYS A 32 -4.92 1.66 -2.57
N LEU A 33 -4.02 2.42 -3.19
CA LEU A 33 -2.75 1.87 -3.65
C LEU A 33 -1.92 1.35 -2.48
N THR A 34 -1.26 0.22 -2.69
CA THR A 34 -0.43 -0.38 -1.65
C THR A 34 0.90 -0.86 -2.22
N VAL A 35 1.94 -0.05 -2.05
CA VAL A 35 3.26 -0.40 -2.54
C VAL A 35 4.06 -1.17 -1.50
N HIS A 36 4.65 -2.29 -1.91
CA HIS A 36 5.44 -3.12 -1.02
C HIS A 36 6.82 -3.42 -1.62
N HIS A 37 7.86 -3.07 -0.88
CA HIS A 37 9.22 -3.30 -1.33
C HIS A 37 9.77 -4.62 -0.80
N PHE A 38 9.90 -5.61 -1.67
CA PHE A 38 10.40 -6.93 -1.28
C PHE A 38 11.73 -7.21 -1.95
N THR A 39 12.80 -7.20 -1.16
CA THR A 39 14.14 -7.46 -1.68
C THR A 39 14.32 -8.94 -2.01
N SER A 40 15.21 -9.22 -2.96
CA SER A 40 15.47 -10.60 -3.38
C SER A 40 15.86 -11.46 -2.19
N HIS A 41 16.64 -10.89 -1.27
CA HIS A 41 17.08 -11.61 -0.08
C HIS A 41 17.31 -10.64 1.08
N GLY A 42 16.35 -10.60 2.00
CA GLY A 42 16.46 -9.72 3.15
C GLY A 42 15.13 -9.45 3.82
N ARG A 43 15.04 -9.77 5.10
CA ARG A 43 13.82 -9.58 5.86
C ARG A 43 13.28 -8.16 5.68
N SER A 44 14.21 -7.21 5.48
CA SER A 44 13.84 -5.81 5.31
C SER A 44 12.78 -5.66 4.22
N THR A 45 11.82 -4.77 4.45
CA THR A 45 10.75 -4.53 3.50
C THR A 45 10.04 -3.21 3.80
N SER A 46 10.18 -2.25 2.90
CA SER A 46 9.55 -0.94 3.05
C SER A 46 8.04 -1.04 2.84
N ILE A 47 7.31 -0.08 3.40
CA ILE A 47 5.86 -0.06 3.27
C ILE A 47 5.37 1.36 2.98
N THR A 48 4.59 1.48 1.91
CA THR A 48 4.04 2.78 1.51
C THR A 48 2.71 2.62 0.79
N LYS A 49 1.69 3.31 1.27
CA LYS A 49 0.37 3.25 0.67
C LYS A 49 -0.20 4.66 0.45
N LYS A 50 -1.27 4.74 -0.32
CA LYS A 50 -1.91 6.02 -0.61
C LYS A 50 -3.11 5.84 -1.54
N CYS A 51 -4.05 6.78 -1.48
CA CYS A 51 -5.23 6.72 -2.32
C CYS A 51 -4.87 6.79 -3.80
N ALA A 52 -5.59 6.05 -4.62
CA ALA A 52 -5.35 6.03 -6.06
C ALA A 52 -6.63 5.75 -6.83
N SER A 53 -6.49 5.48 -8.12
CA SER A 53 -7.64 5.22 -8.98
C SER A 53 -7.33 4.08 -9.95
N ARG A 54 -8.36 3.62 -10.67
CA ARG A 54 -8.20 2.54 -11.63
C ARG A 54 -7.10 2.86 -12.64
N SER A 55 -6.94 4.15 -12.94
CA SER A 55 -5.94 4.59 -13.90
C SER A 55 -4.56 4.64 -13.26
N GLU A 56 -4.47 5.32 -12.11
CA GLU A 56 -3.21 5.45 -11.39
C GLU A 56 -2.55 4.07 -11.21
N CYS A 57 -3.37 3.09 -10.84
CA CYS A 57 -2.87 1.73 -10.63
C CYS A 57 -3.47 0.76 -11.64
N HIS A 58 -3.57 1.22 -12.89
CA HIS A 58 -4.12 0.39 -13.96
C HIS A 58 -3.14 -0.69 -14.37
N PHE A 59 -1.85 -0.38 -14.30
CA PHE A 59 -0.81 -1.34 -14.67
C PHE A 59 -0.11 -1.88 -13.43
N VAL A 60 -0.91 -2.34 -12.47
CA VAL A 60 -0.38 -2.89 -11.23
C VAL A 60 0.54 -4.08 -11.50
N GLY A 61 1.19 -4.57 -10.46
CA GLY A 61 2.10 -5.70 -10.62
C GLY A 61 3.44 -5.47 -9.96
N CYS A 62 4.39 -6.36 -10.22
CA CYS A 62 5.72 -6.25 -9.64
C CYS A 62 6.71 -5.70 -10.66
N HIS A 63 7.73 -4.99 -10.18
CA HIS A 63 8.74 -4.42 -11.05
C HIS A 63 10.14 -4.79 -10.58
N HIS A 64 10.80 -5.66 -11.33
CA HIS A 64 12.15 -6.11 -10.99
C HIS A 64 13.17 -5.00 -11.25
N SER A 65 13.93 -4.64 -10.22
CA SER A 65 14.93 -3.59 -10.35
C SER A 65 16.05 -4.02 -11.30
N ARG A 66 16.47 -3.10 -12.17
CA ARG A 66 17.53 -3.38 -13.12
C ARG A 66 18.89 -3.35 -12.45
N ASP A 67 19.09 -2.36 -11.59
CA ASP A 67 20.36 -2.21 -10.88
C ASP A 67 20.43 -3.16 -9.69
N SER A 68 19.42 -3.11 -8.84
CA SER A 68 19.37 -3.97 -7.65
C SER A 68 18.45 -5.17 -7.90
N GLU A 69 18.46 -6.11 -6.95
CA GLU A 69 17.63 -7.30 -7.05
C GLU A 69 16.36 -7.17 -6.20
N HIS A 70 15.89 -5.93 -6.06
CA HIS A 70 14.69 -5.67 -5.27
C HIS A 70 13.48 -5.49 -6.17
N THR A 71 12.37 -6.15 -5.82
CA THR A 71 11.15 -6.08 -6.60
C THR A 71 10.13 -5.17 -5.92
N GLU A 72 9.37 -4.43 -6.72
CA GLU A 72 8.36 -3.52 -6.20
C GLU A 72 6.96 -3.94 -6.67
N CYS A 73 6.21 -4.56 -5.76
CA CYS A 73 4.85 -5.00 -6.07
C CYS A 73 3.82 -4.07 -5.47
N ARG A 74 2.94 -3.53 -6.32
CA ARG A 74 1.90 -2.62 -5.86
C ARG A 74 0.53 -3.09 -6.34
N SER A 75 -0.50 -2.79 -5.54
CA SER A 75 -1.87 -3.19 -5.88
C SER A 75 -2.87 -2.18 -5.34
N CYS A 76 -4.13 -2.34 -5.72
CA CYS A 76 -5.19 -1.45 -5.29
C CYS A 76 -6.30 -2.22 -4.60
N CYS A 77 -6.59 -1.88 -3.35
CA CYS A 77 -7.64 -2.55 -2.59
C CYS A 77 -8.83 -1.63 -2.39
N GLU A 78 -10.03 -2.21 -2.41
CA GLU A 78 -11.26 -1.44 -2.23
C GLU A 78 -11.77 -1.55 -0.78
N GLY A 79 -12.39 -0.48 -0.30
CA GLY A 79 -12.91 -0.49 1.05
C GLY A 79 -12.20 0.50 1.95
N MET A 80 -12.96 1.18 2.80
CA MET A 80 -12.39 2.16 3.72
C MET A 80 -11.23 1.56 4.51
N ILE A 81 -10.14 2.30 4.60
CA ILE A 81 -8.96 1.84 5.32
C ILE A 81 -8.73 0.34 5.11
N CYS A 82 -8.93 -0.11 3.89
CA CYS A 82 -8.75 -1.52 3.54
C CYS A 82 -7.28 -1.91 3.64
N ASN A 83 -6.39 -0.95 3.39
CA ASN A 83 -4.97 -1.20 3.46
C ASN A 83 -4.45 -1.10 4.89
N VAL A 84 -5.08 -1.85 5.79
CA VAL A 84 -4.69 -1.83 7.20
C VAL A 84 -3.27 -2.36 7.38
N GLU A 85 -3.10 -3.67 7.21
CA GLU A 85 -1.79 -4.30 7.35
C GLU A 85 -1.15 -4.55 5.99
N LEU A 86 0.00 -5.18 6.00
CA LEU A 86 0.72 -5.48 4.75
C LEU A 86 -0.19 -6.17 3.75
N PRO A 87 -0.75 -7.33 4.15
CA PRO A 87 -1.64 -8.11 3.31
C PRO A 87 -3.00 -7.42 3.10
N THR A 88 -3.56 -7.57 1.91
CA THR A 88 -4.84 -6.97 1.59
C THR A 88 -6.00 -7.93 1.88
N ASN A 89 -5.71 -9.23 1.80
CA ASN A 89 -6.72 -10.24 2.06
C ASN A 89 -7.09 -10.27 3.54
N HIS A 90 -6.11 -10.03 4.40
CA HIS A 90 -6.34 -10.03 5.84
C HIS A 90 -7.07 -8.77 6.27
N THR A 91 -8.40 -8.85 6.33
CA THR A 91 -9.22 -7.72 6.72
C THR A 91 -10.48 -8.17 7.45
N ASN A 92 -11.26 -7.22 7.95
CA ASN A 92 -12.49 -7.53 8.67
C ASN A 92 -13.70 -7.36 7.76
N ALA A 93 -14.65 -8.28 7.88
CA ALA A 93 -15.87 -8.22 7.09
C ALA A 93 -17.03 -7.64 7.88
N VAL A 94 -18.02 -7.11 7.16
CA VAL A 94 -19.19 -6.52 7.80
C VAL A 94 -20.43 -6.67 6.94
N PHE A 95 -21.56 -6.95 7.56
CA PHE A 95 -22.82 -7.12 6.85
C PHE A 95 -23.76 -5.95 7.10
N ALA A 96 -23.75 -5.47 8.35
CA ALA A 96 -24.61 -4.34 8.73
C ALA A 96 -23.96 -3.51 9.82
N MET A 1 -14.52 10.07 0.79
CA MET A 1 -15.55 9.57 1.72
C MET A 1 -15.02 8.40 2.53
N PHE A 2 -13.70 8.18 2.45
CA PHE A 2 -13.07 7.08 3.18
C PHE A 2 -11.66 7.48 3.62
N LYS A 3 -11.22 6.91 4.75
CA LYS A 3 -9.90 7.20 5.28
C LYS A 3 -8.90 6.10 4.90
N CYS A 4 -7.89 6.46 4.11
CA CYS A 4 -6.89 5.52 3.67
C CYS A 4 -5.51 5.91 4.18
N PHE A 5 -4.61 4.94 4.27
CA PHE A 5 -3.25 5.20 4.75
C PHE A 5 -2.37 5.70 3.62
N THR A 6 -1.95 6.96 3.73
CA THR A 6 -1.10 7.57 2.72
C THR A 6 0.31 7.80 3.25
N CYS A 7 0.87 6.78 3.89
CA CYS A 7 2.22 6.86 4.44
C CYS A 7 3.27 6.57 3.37
N GLU A 8 4.52 6.87 3.68
CA GLU A 8 5.62 6.64 2.75
C GLU A 8 6.66 5.70 3.36
N ASN A 9 7.46 6.24 4.28
CA ASN A 9 8.50 5.46 4.94
C ASN A 9 8.09 5.10 6.37
N ALA A 10 7.48 3.93 6.52
CA ALA A 10 7.03 3.47 7.83
C ALA A 10 7.71 2.15 8.20
N GLY A 11 7.82 1.25 7.23
CA GLY A 11 8.44 -0.04 7.47
C GLY A 11 7.72 -0.83 8.55
N ASP A 12 6.48 -0.47 8.81
CA ASP A 12 5.68 -1.16 9.82
C ASP A 12 4.23 -0.68 9.80
N ASN A 13 3.32 -1.57 10.16
CA ASN A 13 1.89 -1.25 10.18
C ASN A 13 1.61 -0.10 11.15
N TYR A 14 2.15 -0.22 12.36
CA TYR A 14 1.95 0.80 13.39
C TYR A 14 2.52 2.15 12.94
N ASN A 15 3.75 2.13 12.43
CA ASN A 15 4.40 3.34 11.96
C ASN A 15 3.54 4.05 10.92
N CYS A 16 3.01 3.28 9.97
CA CYS A 16 2.18 3.83 8.91
C CYS A 16 0.90 4.44 9.49
N ASN A 17 0.43 3.87 10.59
CA ASN A 17 -0.78 4.37 11.24
C ASN A 17 -0.55 5.73 11.88
N ARG A 18 0.59 5.87 12.55
CA ARG A 18 0.94 7.13 13.21
C ARG A 18 1.49 8.13 12.20
N TRP A 19 1.90 7.63 11.04
CA TRP A 19 2.45 8.49 9.99
C TRP A 19 1.35 9.02 9.08
N ALA A 20 0.59 8.11 8.48
CA ALA A 20 -0.50 8.49 7.59
C ALA A 20 -1.73 8.90 8.38
N GLU A 21 -2.05 10.19 8.33
CA GLU A 21 -3.21 10.73 9.04
C GLU A 21 -4.50 10.08 8.54
N ASP A 22 -5.50 10.04 9.40
CA ASP A 22 -6.79 9.46 9.05
C ASP A 22 -7.73 10.50 8.44
N LYS A 23 -7.39 10.96 7.24
CA LYS A 23 -8.19 11.96 6.55
C LYS A 23 -8.83 11.38 5.30
N TRP A 24 -9.99 11.91 4.93
CA TRP A 24 -10.71 11.44 3.76
C TRP A 24 -9.83 11.55 2.51
N CYS A 25 -10.01 10.61 1.58
CA CYS A 25 -9.24 10.60 0.35
C CYS A 25 -9.78 11.62 -0.65
N PRO A 26 -8.95 12.01 -1.63
CA PRO A 26 -9.33 12.97 -2.65
C PRO A 26 -10.50 12.50 -3.49
N GLN A 27 -11.09 13.42 -4.26
CA GLN A 27 -12.23 13.09 -5.11
C GLN A 27 -11.77 12.40 -6.38
N ASN A 28 -10.51 12.63 -6.77
CA ASN A 28 -9.95 12.03 -7.96
C ASN A 28 -9.32 10.67 -7.66
N THR A 29 -9.99 9.89 -6.81
CA THR A 29 -9.50 8.57 -6.43
C THR A 29 -10.65 7.64 -6.07
N GLN A 30 -10.45 6.35 -6.29
CA GLN A 30 -11.47 5.35 -5.99
C GLN A 30 -10.84 4.04 -5.56
N TYR A 31 -9.54 4.09 -5.24
CA TYR A 31 -8.81 2.90 -4.81
C TYR A 31 -7.72 3.25 -3.81
N CYS A 32 -7.12 2.23 -3.21
CA CYS A 32 -6.06 2.44 -2.23
C CYS A 32 -4.79 1.71 -2.65
N LEU A 33 -3.87 2.45 -3.25
CA LEU A 33 -2.60 1.88 -3.71
C LEU A 33 -1.82 1.30 -2.53
N THR A 34 -1.15 0.18 -2.77
CA THR A 34 -0.36 -0.48 -1.74
C THR A 34 0.95 -1.02 -2.30
N VAL A 35 2.00 -0.22 -2.20
CA VAL A 35 3.31 -0.60 -2.70
C VAL A 35 4.12 -1.34 -1.63
N HIS A 36 4.96 -2.26 -2.07
CA HIS A 36 5.79 -3.04 -1.14
C HIS A 36 7.21 -3.17 -1.66
N HIS A 37 8.19 -2.99 -0.79
CA HIS A 37 9.60 -3.09 -1.16
C HIS A 37 10.09 -4.52 -0.99
N PHE A 38 10.53 -5.12 -2.11
CA PHE A 38 11.03 -6.49 -2.08
C PHE A 38 12.43 -6.56 -2.70
N THR A 39 13.42 -6.89 -1.87
CA THR A 39 14.79 -7.00 -2.34
C THR A 39 15.02 -8.29 -3.11
N SER A 40 15.98 -8.27 -4.03
CA SER A 40 16.28 -9.43 -4.85
C SER A 40 16.52 -10.66 -3.97
N HIS A 41 17.23 -10.46 -2.86
CA HIS A 41 17.52 -11.54 -1.93
C HIS A 41 16.41 -11.70 -0.90
N GLY A 42 16.39 -10.81 0.09
CA GLY A 42 15.38 -10.86 1.12
C GLY A 42 14.42 -9.69 1.05
N ARG A 43 13.12 -9.99 0.97
CA ARG A 43 12.10 -8.96 0.89
C ARG A 43 12.32 -7.91 1.98
N SER A 44 12.12 -6.64 1.60
CA SER A 44 12.30 -5.54 2.55
C SER A 44 11.06 -5.37 3.42
N THR A 45 11.20 -4.57 4.48
CA THR A 45 10.09 -4.33 5.40
C THR A 45 9.44 -2.99 5.11
N SER A 46 10.08 -2.18 4.28
CA SER A 46 9.56 -0.86 3.93
C SER A 46 8.19 -0.98 3.26
N ILE A 47 7.23 -0.22 3.77
CA ILE A 47 5.87 -0.24 3.22
C ILE A 47 5.43 1.16 2.82
N THR A 48 4.62 1.24 1.77
CA THR A 48 4.12 2.53 1.28
C THR A 48 2.73 2.37 0.66
N LYS A 49 1.83 3.28 1.01
CA LYS A 49 0.47 3.25 0.48
C LYS A 49 -0.06 4.67 0.27
N LYS A 50 -1.14 4.77 -0.50
CA LYS A 50 -1.75 6.07 -0.78
C LYS A 50 -2.97 5.92 -1.68
N CYS A 51 -3.87 6.89 -1.63
CA CYS A 51 -5.09 6.86 -2.44
C CYS A 51 -4.74 6.90 -3.93
N ALA A 52 -5.48 6.13 -4.72
CA ALA A 52 -5.25 6.08 -6.16
C ALA A 52 -6.55 5.79 -6.90
N SER A 53 -6.44 5.47 -8.19
CA SER A 53 -7.60 5.18 -9.02
C SER A 53 -7.32 4.00 -9.95
N ARG A 54 -8.34 3.58 -10.68
CA ARG A 54 -8.21 2.46 -11.61
C ARG A 54 -7.13 2.75 -12.66
N SER A 55 -6.97 4.02 -12.99
CA SER A 55 -5.97 4.42 -13.98
C SER A 55 -4.58 4.48 -13.36
N GLU A 56 -4.47 5.17 -12.22
CA GLU A 56 -3.19 5.29 -11.54
C GLU A 56 -2.54 3.93 -11.33
N CYS A 57 -3.34 2.95 -10.94
CA CYS A 57 -2.86 1.60 -10.71
C CYS A 57 -3.43 0.63 -11.73
N HIS A 58 -3.62 1.11 -12.96
CA HIS A 58 -4.15 0.27 -14.03
C HIS A 58 -3.20 -0.86 -14.38
N PHE A 59 -1.91 -0.59 -14.24
CA PHE A 59 -0.89 -1.60 -14.55
C PHE A 59 -0.22 -2.10 -13.26
N VAL A 60 -1.04 -2.57 -12.33
CA VAL A 60 -0.53 -3.07 -11.06
C VAL A 60 0.41 -4.25 -11.28
N GLY A 61 0.95 -4.78 -10.18
CA GLY A 61 1.86 -5.91 -10.28
C GLY A 61 3.26 -5.57 -9.81
N CYS A 62 4.19 -6.50 -10.01
CA CYS A 62 5.57 -6.29 -9.61
C CYS A 62 6.44 -5.92 -10.80
N HIS A 63 7.29 -4.91 -10.62
CA HIS A 63 8.18 -4.46 -11.68
C HIS A 63 9.64 -4.56 -11.26
N HIS A 64 10.50 -4.95 -12.20
CA HIS A 64 11.92 -5.09 -11.92
C HIS A 64 12.67 -3.79 -12.23
N SER A 65 13.37 -3.27 -11.23
CA SER A 65 14.13 -2.03 -11.39
C SER A 65 15.36 -2.25 -12.27
N ARG A 66 15.62 -1.30 -13.16
CA ARG A 66 16.78 -1.40 -14.06
C ARG A 66 18.06 -0.97 -13.35
N ASP A 67 17.91 -0.07 -12.38
CA ASP A 67 19.06 0.41 -11.62
C ASP A 67 19.20 -0.33 -10.29
N SER A 68 18.16 -0.25 -9.47
CA SER A 68 18.16 -0.91 -8.18
C SER A 68 18.06 -2.43 -8.33
N GLU A 69 18.53 -3.15 -7.31
CA GLU A 69 18.50 -4.60 -7.34
C GLU A 69 17.31 -5.14 -6.53
N HIS A 70 16.17 -4.47 -6.65
CA HIS A 70 14.96 -4.87 -5.94
C HIS A 70 13.71 -4.58 -6.76
N THR A 71 12.67 -5.38 -6.55
CA THR A 71 11.42 -5.20 -7.27
C THR A 71 10.40 -4.42 -6.44
N GLU A 72 9.37 -3.91 -7.11
CA GLU A 72 8.34 -3.15 -6.43
C GLU A 72 6.95 -3.66 -6.80
N CYS A 73 6.23 -4.16 -5.80
CA CYS A 73 4.89 -4.69 -6.01
C CYS A 73 3.83 -3.72 -5.49
N ARG A 74 2.94 -3.29 -6.37
CA ARG A 74 1.88 -2.37 -6.00
C ARG A 74 0.51 -2.91 -6.39
N SER A 75 -0.47 -2.72 -5.52
CA SER A 75 -1.83 -3.19 -5.78
C SER A 75 -2.86 -2.17 -5.34
N CYS A 76 -4.12 -2.42 -5.69
CA CYS A 76 -5.21 -1.51 -5.33
C CYS A 76 -6.33 -2.26 -4.62
N CYS A 77 -6.65 -1.84 -3.40
CA CYS A 77 -7.71 -2.47 -2.63
C CYS A 77 -8.88 -1.51 -2.42
N GLU A 78 -10.09 -2.06 -2.43
CA GLU A 78 -11.30 -1.25 -2.24
C GLU A 78 -11.81 -1.38 -0.81
N GLY A 79 -12.28 -0.27 -0.25
CA GLY A 79 -12.79 -0.29 1.11
C GLY A 79 -12.07 0.68 2.02
N MET A 80 -12.82 1.34 2.89
CA MET A 80 -12.24 2.30 3.83
C MET A 80 -11.06 1.68 4.59
N ILE A 81 -9.95 2.42 4.66
CA ILE A 81 -8.77 1.94 5.36
C ILE A 81 -8.56 0.44 5.12
N CYS A 82 -8.76 0.02 3.88
CA CYS A 82 -8.59 -1.38 3.52
C CYS A 82 -7.11 -1.79 3.57
N ASN A 83 -6.24 -0.80 3.41
CA ASN A 83 -4.80 -1.05 3.44
C ASN A 83 -4.27 -0.98 4.88
N VAL A 84 -4.96 -1.65 5.78
CA VAL A 84 -4.55 -1.68 7.19
C VAL A 84 -3.12 -2.17 7.34
N GLU A 85 -2.92 -3.47 7.13
CA GLU A 85 -1.59 -4.06 7.25
C GLU A 85 -1.05 -4.45 5.87
N LEU A 86 0.26 -4.55 5.77
CA LEU A 86 0.92 -4.91 4.51
C LEU A 86 0.26 -6.14 3.90
N PRO A 87 0.32 -6.24 2.56
CA PRO A 87 -0.26 -7.37 1.83
C PRO A 87 0.50 -8.67 2.05
N THR A 88 1.82 -8.60 1.89
CA THR A 88 2.67 -9.77 2.07
C THR A 88 3.23 -9.83 3.49
N ASN A 89 2.66 -10.71 4.31
CA ASN A 89 3.10 -10.86 5.70
C ASN A 89 4.23 -11.88 5.79
N HIS A 90 5.01 -11.79 6.88
CA HIS A 90 6.13 -12.70 7.08
C HIS A 90 6.29 -13.02 8.57
N THR A 91 6.01 -14.26 8.94
CA THR A 91 6.12 -14.69 10.32
C THR A 91 7.52 -15.23 10.63
N ASN A 92 8.12 -15.89 9.64
CA ASN A 92 9.46 -16.44 9.79
C ASN A 92 10.52 -15.34 9.76
N ALA A 93 11.78 -15.73 9.93
CA ALA A 93 12.88 -14.78 9.92
C ALA A 93 14.16 -15.43 9.41
N VAL A 94 15.22 -14.63 9.29
CA VAL A 94 16.51 -15.14 8.82
C VAL A 94 17.37 -15.63 9.98
N PHE A 95 17.25 -14.95 11.11
CA PHE A 95 18.02 -15.31 12.30
C PHE A 95 17.13 -16.01 13.33
N ALA A 96 15.88 -15.56 13.43
CA ALA A 96 14.93 -16.14 14.37
C ALA A 96 14.12 -17.24 13.72
N MET A 1 -14.92 9.36 0.18
CA MET A 1 -15.31 9.65 1.56
C MET A 1 -14.76 8.58 2.50
N PHE A 2 -13.79 7.81 2.02
CA PHE A 2 -13.18 6.75 2.83
C PHE A 2 -11.82 7.19 3.36
N LYS A 3 -11.40 6.58 4.46
CA LYS A 3 -10.12 6.91 5.07
C LYS A 3 -9.08 5.83 4.77
N CYS A 4 -8.08 6.19 3.96
CA CYS A 4 -7.02 5.26 3.59
C CYS A 4 -5.69 5.69 4.20
N PHE A 5 -4.74 4.75 4.22
CA PHE A 5 -3.42 5.03 4.79
C PHE A 5 -2.48 5.58 3.72
N THR A 6 -2.19 6.87 3.81
CA THR A 6 -1.30 7.53 2.85
C THR A 6 0.09 7.74 3.44
N CYS A 7 0.64 6.68 4.03
CA CYS A 7 1.97 6.75 4.63
C CYS A 7 3.05 6.47 3.59
N GLU A 8 4.18 7.16 3.73
CA GLU A 8 5.30 6.98 2.80
C GLU A 8 6.29 5.95 3.33
N ASN A 9 7.09 6.36 4.30
CA ASN A 9 8.09 5.46 4.90
C ASN A 9 7.65 4.99 6.28
N ALA A 10 7.58 3.67 6.45
CA ALA A 10 7.17 3.09 7.72
C ALA A 10 7.72 1.68 7.88
N GLY A 11 8.65 1.51 8.80
CA GLY A 11 9.24 0.20 9.03
C GLY A 11 8.20 -0.83 9.45
N ASP A 12 7.16 -0.38 10.14
CA ASP A 12 6.11 -1.28 10.59
C ASP A 12 4.73 -0.67 10.32
N ASN A 13 3.73 -1.53 10.19
CA ASN A 13 2.37 -1.08 9.93
C ASN A 13 1.95 -0.01 10.95
N TYR A 14 2.45 -0.13 12.16
CA TYR A 14 2.13 0.82 13.22
C TYR A 14 2.61 2.23 12.86
N ASN A 15 3.91 2.37 12.65
CA ASN A 15 4.49 3.66 12.29
C ASN A 15 3.75 4.28 11.11
N CYS A 16 3.31 3.44 10.18
CA CYS A 16 2.60 3.91 9.00
C CYS A 16 1.32 4.65 9.40
N ASN A 17 0.55 4.05 10.29
CA ASN A 17 -0.69 4.66 10.76
C ASN A 17 -0.43 6.03 11.36
N ARG A 18 0.69 6.15 12.08
CA ARG A 18 1.05 7.41 12.71
C ARG A 18 1.67 8.38 11.70
N TRP A 19 2.09 7.84 10.56
CA TRP A 19 2.69 8.65 9.50
C TRP A 19 1.63 9.19 8.56
N ALA A 20 0.61 8.38 8.30
CA ALA A 20 -0.47 8.78 7.41
C ALA A 20 -1.46 9.71 8.11
N GLU A 21 -2.52 10.08 7.41
CA GLU A 21 -3.53 10.97 7.97
C GLU A 21 -4.89 10.28 8.02
N ASP A 22 -5.66 10.58 9.07
CA ASP A 22 -6.98 9.99 9.24
C ASP A 22 -8.05 10.89 8.63
N LYS A 23 -7.92 11.15 7.33
CA LYS A 23 -8.89 11.99 6.62
C LYS A 23 -9.39 11.30 5.37
N TRP A 24 -10.37 11.92 4.71
CA TRP A 24 -10.94 11.36 3.48
C TRP A 24 -9.96 11.48 2.32
N CYS A 25 -10.05 10.55 1.37
CA CYS A 25 -9.18 10.55 0.21
C CYS A 25 -9.57 11.66 -0.77
N PRO A 26 -8.64 12.00 -1.67
CA PRO A 26 -8.86 13.04 -2.67
C PRO A 26 -10.11 12.80 -3.50
N GLN A 27 -10.47 13.77 -4.33
CA GLN A 27 -11.66 13.65 -5.19
C GLN A 27 -11.37 12.78 -6.40
N ASN A 28 -10.14 12.86 -6.90
CA ASN A 28 -9.74 12.07 -8.06
C ASN A 28 -9.15 10.73 -7.64
N THR A 29 -9.84 10.05 -6.73
CA THR A 29 -9.39 8.76 -6.24
C THR A 29 -10.57 7.85 -5.91
N GLN A 30 -10.41 6.56 -6.19
CA GLN A 30 -11.47 5.59 -5.92
C GLN A 30 -10.88 4.23 -5.55
N TYR A 31 -9.59 4.22 -5.20
CA TYR A 31 -8.92 2.99 -4.83
C TYR A 31 -7.80 3.27 -3.82
N CYS A 32 -7.26 2.20 -3.24
CA CYS A 32 -6.19 2.33 -2.25
C CYS A 32 -4.93 1.61 -2.73
N LEU A 33 -3.93 2.38 -3.13
CA LEU A 33 -2.68 1.83 -3.60
C LEU A 33 -1.89 1.20 -2.45
N THR A 34 -1.27 0.06 -2.71
CA THR A 34 -0.49 -0.64 -1.70
C THR A 34 0.80 -1.19 -2.28
N VAL A 35 1.89 -0.44 -2.11
CA VAL A 35 3.19 -0.85 -2.63
C VAL A 35 3.97 -1.65 -1.58
N HIS A 36 4.70 -2.66 -2.04
CA HIS A 36 5.49 -3.50 -1.14
C HIS A 36 6.81 -3.91 -1.80
N HIS A 37 7.91 -3.48 -1.20
CA HIS A 37 9.23 -3.80 -1.73
C HIS A 37 9.76 -5.09 -1.13
N PHE A 38 9.69 -6.18 -1.90
CA PHE A 38 10.16 -7.48 -1.44
C PHE A 38 11.52 -7.80 -2.04
N THR A 39 12.56 -7.77 -1.21
CA THR A 39 13.92 -8.06 -1.64
C THR A 39 14.08 -9.54 -1.97
N SER A 40 14.84 -9.84 -3.03
CA SER A 40 15.07 -11.21 -3.44
C SER A 40 15.55 -12.06 -2.28
N HIS A 41 16.45 -11.51 -1.47
CA HIS A 41 16.99 -12.21 -0.32
C HIS A 41 17.18 -11.25 0.86
N GLY A 42 16.23 -11.26 1.79
CA GLY A 42 16.31 -10.39 2.95
C GLY A 42 14.96 -10.16 3.59
N ARG A 43 14.98 -9.84 4.89
CA ARG A 43 13.75 -9.59 5.63
C ARG A 43 13.23 -8.17 5.37
N SER A 44 14.16 -7.22 5.30
CA SER A 44 13.80 -5.82 5.06
C SER A 44 12.91 -5.70 3.83
N THR A 45 11.84 -4.93 3.97
CA THR A 45 10.90 -4.73 2.87
C THR A 45 10.17 -3.40 3.01
N SER A 46 10.47 -2.47 2.11
CA SER A 46 9.84 -1.14 2.13
C SER A 46 8.33 -1.27 2.02
N ILE A 47 7.62 -0.29 2.59
CA ILE A 47 6.16 -0.27 2.54
C ILE A 47 5.63 1.13 2.35
N THR A 48 4.77 1.31 1.34
CA THR A 48 4.19 2.61 1.05
C THR A 48 2.83 2.46 0.40
N LYS A 49 1.82 3.15 0.97
CA LYS A 49 0.47 3.09 0.43
C LYS A 49 -0.16 4.48 0.39
N LYS A 50 -1.15 4.66 -0.48
CA LYS A 50 -1.82 5.94 -0.62
C LYS A 50 -3.01 5.83 -1.57
N CYS A 51 -3.89 6.83 -1.53
CA CYS A 51 -5.06 6.84 -2.39
C CYS A 51 -4.66 6.73 -3.85
N ALA A 52 -5.51 6.06 -4.65
CA ALA A 52 -5.25 5.89 -6.06
C ALA A 52 -6.55 5.78 -6.86
N SER A 53 -6.42 5.57 -8.17
CA SER A 53 -7.59 5.46 -9.04
C SER A 53 -7.39 4.37 -10.07
N ARG A 54 -8.46 4.06 -10.81
CA ARG A 54 -8.40 3.03 -11.84
C ARG A 54 -7.27 3.30 -12.83
N SER A 55 -6.97 4.57 -13.03
CA SER A 55 -5.91 4.97 -13.96
C SER A 55 -4.54 4.82 -13.31
N GLU A 56 -4.39 5.39 -12.12
CA GLU A 56 -3.13 5.33 -11.39
C GLU A 56 -2.63 3.90 -11.30
N CYS A 57 -3.55 2.97 -11.01
CA CYS A 57 -3.20 1.56 -10.89
C CYS A 57 -3.96 0.73 -11.91
N HIS A 58 -3.98 1.19 -13.16
CA HIS A 58 -4.68 0.49 -14.23
C HIS A 58 -3.98 -0.82 -14.57
N PHE A 59 -2.65 -0.82 -14.46
CA PHE A 59 -1.85 -2.00 -14.76
C PHE A 59 -0.97 -2.37 -13.58
N VAL A 60 -1.58 -2.85 -12.50
CA VAL A 60 -0.85 -3.23 -11.31
C VAL A 60 0.11 -4.38 -11.60
N GLY A 61 0.85 -4.80 -10.58
CA GLY A 61 1.80 -5.89 -10.75
C GLY A 61 3.11 -5.62 -10.05
N CYS A 62 4.16 -6.34 -10.45
CA CYS A 62 5.48 -6.18 -9.86
C CYS A 62 6.49 -5.70 -10.90
N HIS A 63 7.57 -5.09 -10.42
CA HIS A 63 8.61 -4.58 -11.30
C HIS A 63 10.00 -4.85 -10.72
N HIS A 64 10.64 -5.91 -11.19
CA HIS A 64 11.96 -6.29 -10.72
C HIS A 64 12.98 -5.18 -11.03
N SER A 65 13.83 -4.89 -10.06
CA SER A 65 14.85 -3.85 -10.22
C SER A 65 15.89 -4.28 -11.24
N ARG A 66 16.43 -3.30 -11.97
CA ARG A 66 17.45 -3.57 -12.98
C ARG A 66 18.82 -3.75 -12.35
N ASP A 67 19.13 -2.89 -11.38
CA ASP A 67 20.42 -2.96 -10.69
C ASP A 67 20.35 -3.92 -9.51
N SER A 68 19.37 -3.72 -8.63
CA SER A 68 19.20 -4.56 -7.47
C SER A 68 18.28 -5.74 -7.77
N GLU A 69 18.23 -6.69 -6.86
CA GLU A 69 17.38 -7.86 -7.03
C GLU A 69 16.08 -7.73 -6.23
N HIS A 70 15.64 -6.49 -6.04
CA HIS A 70 14.42 -6.22 -5.29
C HIS A 70 13.26 -5.94 -6.24
N THR A 71 12.10 -6.52 -5.93
CA THR A 71 10.91 -6.33 -6.77
C THR A 71 9.93 -5.36 -6.11
N GLU A 72 9.25 -4.58 -6.94
CA GLU A 72 8.29 -3.61 -6.45
C GLU A 72 6.86 -3.98 -6.86
N CYS A 73 6.14 -4.61 -5.95
CA CYS A 73 4.76 -5.03 -6.21
C CYS A 73 3.77 -4.02 -5.64
N ARG A 74 2.76 -3.67 -6.44
CA ARG A 74 1.74 -2.73 -6.00
C ARG A 74 0.36 -3.19 -6.45
N SER A 75 -0.63 -2.98 -5.59
CA SER A 75 -2.01 -3.37 -5.89
C SER A 75 -3.00 -2.35 -5.33
N CYS A 76 -4.22 -2.38 -5.85
CA CYS A 76 -5.26 -1.46 -5.40
C CYS A 76 -6.39 -2.22 -4.71
N CYS A 77 -6.55 -1.99 -3.42
CA CYS A 77 -7.59 -2.65 -2.64
C CYS A 77 -8.80 -1.73 -2.45
N GLU A 78 -9.98 -2.32 -2.41
CA GLU A 78 -11.21 -1.56 -2.25
C GLU A 78 -11.73 -1.68 -0.82
N GLY A 79 -12.35 -0.60 -0.33
CA GLY A 79 -12.88 -0.59 1.02
C GLY A 79 -12.17 0.39 1.91
N MET A 80 -12.93 1.07 2.77
CA MET A 80 -12.37 2.04 3.69
C MET A 80 -11.20 1.45 4.47
N ILE A 81 -10.11 2.21 4.55
CA ILE A 81 -8.92 1.76 5.27
C ILE A 81 -8.68 0.26 5.05
N CYS A 82 -8.84 -0.18 3.81
CA CYS A 82 -8.65 -1.59 3.47
C CYS A 82 -7.18 -1.97 3.59
N ASN A 83 -6.30 -0.99 3.40
CA ASN A 83 -4.86 -1.24 3.49
C ASN A 83 -4.38 -1.12 4.93
N VAL A 84 -5.06 -1.84 5.83
CA VAL A 84 -4.69 -1.83 7.24
C VAL A 84 -3.26 -2.32 7.45
N GLU A 85 -3.06 -3.62 7.26
CA GLU A 85 -1.74 -4.22 7.43
C GLU A 85 -1.30 -4.93 6.16
N LEU A 86 -0.15 -5.59 6.22
CA LEU A 86 0.39 -6.30 5.06
C LEU A 86 -0.66 -7.25 4.48
N PRO A 87 -0.45 -7.65 3.21
CA PRO A 87 -1.37 -8.56 2.52
C PRO A 87 -1.33 -9.97 3.08
N THR A 88 -0.18 -10.36 3.63
CA THR A 88 -0.01 -11.68 4.21
C THR A 88 -0.84 -11.83 5.48
N ASN A 89 -0.96 -10.74 6.23
CA ASN A 89 -1.71 -10.75 7.47
C ASN A 89 -2.54 -9.47 7.62
N HIS A 90 -3.86 -9.63 7.70
CA HIS A 90 -4.76 -8.50 7.84
C HIS A 90 -5.50 -8.55 9.18
N THR A 91 -5.96 -7.39 9.65
CA THR A 91 -6.68 -7.31 10.91
C THR A 91 -8.18 -7.25 10.69
N ASN A 92 -8.94 -7.21 11.78
CA ASN A 92 -10.39 -7.15 11.70
C ASN A 92 -10.86 -5.77 11.23
N ALA A 93 -12.15 -5.65 10.96
CA ALA A 93 -12.72 -4.39 10.51
C ALA A 93 -13.01 -3.46 11.69
N VAL A 94 -14.00 -3.83 12.50
CA VAL A 94 -14.39 -3.04 13.66
C VAL A 94 -14.59 -3.92 14.88
N PHE A 95 -14.01 -3.52 16.01
CA PHE A 95 -14.13 -4.28 17.25
C PHE A 95 -14.83 -3.45 18.32
N ALA A 96 -14.56 -2.14 18.33
CA ALA A 96 -15.16 -1.25 19.30
C ALA A 96 -16.43 -0.60 18.74
N MET A 1 -16.87 9.92 0.96
CA MET A 1 -15.43 9.94 1.22
C MET A 1 -15.00 8.72 2.02
N PHE A 2 -13.69 8.50 2.10
CA PHE A 2 -13.15 7.37 2.85
C PHE A 2 -11.69 7.62 3.23
N LYS A 3 -11.31 7.14 4.40
CA LYS A 3 -9.95 7.30 4.89
C LYS A 3 -9.07 6.13 4.47
N CYS A 4 -7.78 6.41 4.23
CA CYS A 4 -6.84 5.38 3.83
C CYS A 4 -5.44 5.71 4.34
N PHE A 5 -4.59 4.68 4.40
CA PHE A 5 -3.22 4.86 4.87
C PHE A 5 -2.32 5.38 3.74
N THR A 6 -2.08 6.69 3.75
CA THR A 6 -1.25 7.32 2.74
C THR A 6 0.17 7.56 3.26
N CYS A 7 0.76 6.53 3.87
CA CYS A 7 2.10 6.62 4.41
C CYS A 7 3.15 6.36 3.33
N GLU A 8 4.33 6.92 3.51
CA GLU A 8 5.42 6.74 2.55
C GLU A 8 6.43 5.72 3.06
N ASN A 9 7.25 6.12 4.01
CA ASN A 9 8.27 5.24 4.58
C ASN A 9 7.86 4.77 5.98
N ALA A 10 7.44 3.52 6.07
CA ALA A 10 7.02 2.94 7.35
C ALA A 10 7.53 1.52 7.50
N GLY A 11 8.50 1.33 8.39
CA GLY A 11 9.05 0.01 8.62
C GLY A 11 8.02 -0.98 9.12
N ASP A 12 7.04 -0.48 9.88
CA ASP A 12 5.99 -1.32 10.43
C ASP A 12 4.63 -0.66 10.27
N ASN A 13 3.58 -1.47 10.23
CA ASN A 13 2.22 -0.96 10.10
C ASN A 13 1.95 0.12 11.13
N TYR A 14 2.52 -0.04 12.31
CA TYR A 14 2.33 0.93 13.39
C TYR A 14 2.82 2.31 12.97
N ASN A 15 4.07 2.39 12.53
CA ASN A 15 4.66 3.65 12.10
C ASN A 15 3.81 4.31 11.02
N CYS A 16 3.23 3.49 10.15
CA CYS A 16 2.40 3.99 9.07
C CYS A 16 1.12 4.62 9.61
N ASN A 17 0.62 4.06 10.72
CA ASN A 17 -0.60 4.57 11.34
C ASN A 17 -0.37 5.96 11.93
N ARG A 18 0.82 6.17 12.47
CA ARG A 18 1.15 7.47 13.07
C ARG A 18 1.52 8.47 11.99
N TRP A 19 1.92 7.98 10.82
CA TRP A 19 2.31 8.84 9.72
C TRP A 19 1.10 9.20 8.85
N ALA A 20 0.47 8.17 8.27
CA ALA A 20 -0.70 8.39 7.43
C ALA A 20 -1.87 8.92 8.23
N GLU A 21 -2.20 10.18 8.03
CA GLU A 21 -3.31 10.81 8.74
C GLU A 21 -4.63 10.17 8.36
N ASP A 22 -5.60 10.23 9.28
CA ASP A 22 -6.92 9.66 9.05
C ASP A 22 -7.86 10.70 8.45
N LYS A 23 -7.59 11.11 7.21
CA LYS A 23 -8.41 12.10 6.53
C LYS A 23 -9.01 11.52 5.25
N TRP A 24 -10.14 12.06 4.84
CA TRP A 24 -10.81 11.60 3.63
C TRP A 24 -9.86 11.59 2.45
N CYS A 25 -10.07 10.66 1.52
CA CYS A 25 -9.22 10.54 0.34
C CYS A 25 -9.62 11.56 -0.72
N PRO A 26 -8.71 11.82 -1.67
CA PRO A 26 -8.94 12.77 -2.76
C PRO A 26 -10.24 12.49 -3.51
N GLN A 27 -10.69 13.46 -4.30
CA GLN A 27 -11.92 13.30 -5.06
C GLN A 27 -11.68 12.48 -6.31
N ASN A 28 -10.48 12.60 -6.88
CA ASN A 28 -10.13 11.86 -8.08
C ASN A 28 -9.47 10.53 -7.72
N THR A 29 -10.10 9.79 -6.83
CA THR A 29 -9.59 8.50 -6.39
C THR A 29 -10.71 7.55 -6.02
N GLN A 30 -10.58 6.29 -6.42
CA GLN A 30 -11.59 5.28 -6.12
C GLN A 30 -10.94 3.98 -5.65
N TYR A 31 -9.66 4.04 -5.36
CA TYR A 31 -8.92 2.87 -4.91
C TYR A 31 -7.80 3.26 -3.94
N CYS A 32 -7.11 2.26 -3.42
CA CYS A 32 -6.01 2.50 -2.49
C CYS A 32 -4.78 1.67 -2.85
N LEU A 33 -3.83 2.32 -3.52
CA LEU A 33 -2.60 1.65 -3.93
C LEU A 33 -1.86 1.08 -2.72
N THR A 34 -1.35 -0.14 -2.87
CA THR A 34 -0.61 -0.79 -1.79
C THR A 34 0.71 -1.37 -2.29
N VAL A 35 1.79 -0.62 -2.08
CA VAL A 35 3.11 -1.06 -2.50
C VAL A 35 3.80 -1.88 -1.43
N HIS A 36 4.48 -2.94 -1.85
CA HIS A 36 5.18 -3.81 -0.91
C HIS A 36 6.62 -4.06 -1.36
N HIS A 37 7.57 -3.86 -0.45
CA HIS A 37 8.98 -4.05 -0.76
C HIS A 37 9.41 -5.48 -0.45
N PHE A 38 9.25 -6.37 -1.44
CA PHE A 38 9.61 -7.76 -1.27
C PHE A 38 11.07 -7.99 -1.66
N THR A 39 11.95 -7.98 -0.67
CA THR A 39 13.38 -8.18 -0.90
C THR A 39 13.73 -9.65 -0.92
N SER A 40 14.65 -10.03 -1.79
CA SER A 40 15.07 -11.42 -1.91
C SER A 40 15.70 -11.91 -0.61
N HIS A 41 16.41 -11.01 0.07
CA HIS A 41 17.06 -11.36 1.33
C HIS A 41 16.07 -11.99 2.30
N GLY A 42 15.16 -11.18 2.84
CA GLY A 42 14.17 -11.68 3.78
C GLY A 42 12.78 -11.16 3.48
N ARG A 43 11.96 -11.04 4.51
CA ARG A 43 10.60 -10.56 4.36
C ARG A 43 10.58 -9.09 3.95
N SER A 44 9.39 -8.56 3.70
CA SER A 44 9.24 -7.17 3.29
C SER A 44 9.31 -6.24 4.49
N THR A 45 10.25 -5.30 4.47
CA THR A 45 10.43 -4.36 5.56
C THR A 45 9.81 -3.00 5.22
N SER A 46 10.11 -2.51 4.03
CA SER A 46 9.59 -1.22 3.58
C SER A 46 8.16 -1.36 3.07
N ILE A 47 7.33 -0.38 3.38
CA ILE A 47 5.93 -0.40 2.94
C ILE A 47 5.45 1.00 2.59
N THR A 48 4.60 1.09 1.57
CA THR A 48 4.07 2.37 1.12
C THR A 48 2.69 2.20 0.51
N LYS A 49 1.78 3.12 0.82
CA LYS A 49 0.42 3.08 0.30
C LYS A 49 -0.15 4.48 0.18
N LYS A 50 -1.24 4.60 -0.57
CA LYS A 50 -1.91 5.89 -0.77
C LYS A 50 -3.14 5.74 -1.65
N CYS A 51 -4.03 6.73 -1.59
CA CYS A 51 -5.25 6.71 -2.37
C CYS A 51 -4.94 6.87 -3.86
N ALA A 52 -5.65 6.11 -4.69
CA ALA A 52 -5.45 6.17 -6.14
C ALA A 52 -6.74 5.83 -6.88
N SER A 53 -6.61 5.52 -8.17
CA SER A 53 -7.76 5.19 -8.99
C SER A 53 -7.41 4.09 -10.00
N ARG A 54 -8.42 3.60 -10.70
CA ARG A 54 -8.23 2.55 -11.70
C ARG A 54 -7.15 2.95 -12.70
N SER A 55 -7.06 4.24 -12.98
CA SER A 55 -6.09 4.76 -13.94
C SER A 55 -4.72 4.89 -13.28
N GLU A 56 -4.67 5.57 -12.13
CA GLU A 56 -3.42 5.78 -11.41
C GLU A 56 -2.73 4.44 -11.16
N CYS A 57 -3.51 3.43 -10.77
CA CYS A 57 -2.97 2.11 -10.50
C CYS A 57 -3.37 1.12 -11.57
N HIS A 58 -3.49 1.61 -12.80
CA HIS A 58 -3.87 0.77 -13.93
C HIS A 58 -2.70 -0.14 -14.34
N PHE A 59 -1.49 0.40 -14.29
CA PHE A 59 -0.31 -0.36 -14.67
C PHE A 59 0.41 -0.88 -13.42
N VAL A 60 -0.33 -1.56 -12.56
CA VAL A 60 0.23 -2.12 -11.33
C VAL A 60 0.97 -3.42 -11.60
N GLY A 61 1.47 -4.04 -10.54
CA GLY A 61 2.19 -5.30 -10.69
C GLY A 61 3.54 -5.27 -10.01
N CYS A 62 4.30 -6.36 -10.15
CA CYS A 62 5.61 -6.47 -9.52
C CYS A 62 6.70 -6.03 -10.49
N HIS A 63 7.71 -5.33 -9.98
CA HIS A 63 8.82 -4.87 -10.79
C HIS A 63 10.16 -5.15 -10.12
N HIS A 64 10.84 -6.20 -10.60
CA HIS A 64 12.13 -6.58 -10.04
C HIS A 64 13.22 -5.62 -10.49
N SER A 65 14.01 -5.13 -9.53
CA SER A 65 15.09 -4.21 -9.84
C SER A 65 16.27 -4.93 -10.50
N ARG A 66 16.95 -4.23 -11.40
CA ARG A 66 18.09 -4.80 -12.11
C ARG A 66 19.34 -4.76 -11.24
N ASP A 67 19.48 -3.70 -10.45
CA ASP A 67 20.63 -3.55 -9.58
C ASP A 67 20.44 -4.33 -8.28
N SER A 68 19.31 -4.09 -7.62
CA SER A 68 19.01 -4.77 -6.37
C SER A 68 18.28 -6.08 -6.62
N GLU A 69 18.24 -6.94 -5.60
CA GLU A 69 17.57 -8.24 -5.72
C GLU A 69 16.20 -8.19 -5.07
N HIS A 70 15.63 -7.00 -4.98
CA HIS A 70 14.31 -6.82 -4.38
C HIS A 70 13.24 -6.67 -5.46
N THR A 71 11.99 -6.54 -5.03
CA THR A 71 10.86 -6.40 -5.95
C THR A 71 9.79 -5.48 -5.37
N GLU A 72 9.18 -4.68 -6.24
CA GLU A 72 8.12 -3.76 -5.81
C GLU A 72 6.77 -4.18 -6.39
N CYS A 73 5.93 -4.77 -5.55
CA CYS A 73 4.61 -5.21 -5.97
C CYS A 73 3.53 -4.27 -5.45
N ARG A 74 2.78 -3.67 -6.36
CA ARG A 74 1.71 -2.75 -6.00
C ARG A 74 0.35 -3.27 -6.47
N SER A 75 -0.67 -3.02 -5.67
CA SER A 75 -2.03 -3.47 -6.02
C SER A 75 -3.06 -2.45 -5.57
N CYS A 76 -4.29 -2.60 -6.06
CA CYS A 76 -5.38 -1.69 -5.72
C CYS A 76 -6.42 -2.39 -4.86
N CYS A 77 -6.70 -1.81 -3.70
CA CYS A 77 -7.69 -2.38 -2.79
C CYS A 77 -8.86 -1.42 -2.57
N GLU A 78 -10.06 -1.97 -2.48
CA GLU A 78 -11.26 -1.16 -2.28
C GLU A 78 -11.76 -1.28 -0.85
N GLY A 79 -12.32 -0.19 -0.33
CA GLY A 79 -12.83 -0.18 1.02
C GLY A 79 -12.05 0.73 1.93
N MET A 80 -12.75 1.39 2.85
CA MET A 80 -12.11 2.31 3.79
C MET A 80 -10.96 1.62 4.52
N ILE A 81 -9.83 2.32 4.64
CA ILE A 81 -8.66 1.78 5.32
C ILE A 81 -8.48 0.29 4.99
N CYS A 82 -8.73 -0.06 3.73
CA CYS A 82 -8.57 -1.45 3.30
C CYS A 82 -7.14 -1.91 3.45
N ASN A 83 -6.20 -0.97 3.41
CA ASN A 83 -4.78 -1.30 3.55
C ASN A 83 -4.37 -1.29 5.02
N VAL A 84 -5.19 -1.92 5.86
CA VAL A 84 -4.90 -1.98 7.29
C VAL A 84 -3.47 -2.45 7.54
N GLU A 85 -3.25 -3.76 7.35
CA GLU A 85 -1.92 -4.33 7.56
C GLU A 85 -1.29 -4.74 6.23
N LEU A 86 -0.12 -5.37 6.30
CA LEU A 86 0.59 -5.81 5.11
C LEU A 86 -0.35 -6.58 4.18
N PRO A 87 0.04 -6.68 2.90
CA PRO A 87 -0.74 -7.38 1.88
C PRO A 87 -0.76 -8.90 2.10
N THR A 88 0.12 -9.37 2.97
CA THR A 88 0.21 -10.80 3.27
C THR A 88 0.45 -11.03 4.76
N ASN A 89 -0.15 -12.10 5.28
CA ASN A 89 0.01 -12.43 6.70
C ASN A 89 1.42 -12.92 7.00
N HIS A 90 2.07 -12.27 7.95
CA HIS A 90 3.42 -12.64 8.34
C HIS A 90 3.44 -13.27 9.74
N THR A 91 2.59 -12.77 10.62
CA THR A 91 2.51 -13.28 11.98
C THR A 91 1.06 -13.37 12.44
N ASN A 92 0.69 -14.52 13.00
CA ASN A 92 -0.67 -14.74 13.49
C ASN A 92 -0.92 -13.92 14.75
N ALA A 93 0.09 -13.82 15.60
CA ALA A 93 -0.03 -13.06 16.84
C ALA A 93 1.25 -12.28 17.13
N VAL A 94 1.13 -10.95 17.15
CA VAL A 94 2.29 -10.10 17.43
C VAL A 94 1.89 -8.90 18.30
N PHE A 95 2.73 -8.60 19.29
CA PHE A 95 2.46 -7.49 20.19
C PHE A 95 3.76 -6.84 20.64
N ALA A 96 3.67 -5.60 21.12
CA ALA A 96 4.84 -4.87 21.59
C ALA A 96 5.09 -5.13 23.07
N MET A 1 -17.15 10.01 1.30
CA MET A 1 -15.70 9.92 1.38
C MET A 1 -15.26 8.77 2.29
N PHE A 2 -13.98 8.41 2.22
CA PHE A 2 -13.45 7.33 3.03
C PHE A 2 -12.03 7.65 3.50
N LYS A 3 -11.68 7.17 4.69
CA LYS A 3 -10.36 7.41 5.25
C LYS A 3 -9.41 6.25 4.91
N CYS A 4 -8.32 6.58 4.22
CA CYS A 4 -7.34 5.57 3.83
C CYS A 4 -5.96 5.93 4.36
N PHE A 5 -5.06 4.95 4.39
CA PHE A 5 -3.70 5.16 4.88
C PHE A 5 -2.81 5.72 3.77
N THR A 6 -2.39 6.97 3.94
CA THR A 6 -1.53 7.63 2.96
C THR A 6 -0.14 7.85 3.52
N CYS A 7 0.44 6.80 4.11
CA CYS A 7 1.78 6.88 4.68
C CYS A 7 2.84 6.69 3.60
N GLU A 8 4.00 7.29 3.82
CA GLU A 8 5.11 7.18 2.87
C GLU A 8 6.16 6.19 3.36
N ASN A 9 6.90 6.58 4.40
CA ASN A 9 7.93 5.72 4.97
C ASN A 9 7.44 5.04 6.23
N ALA A 10 7.29 3.72 6.16
CA ALA A 10 6.83 2.93 7.31
C ALA A 10 7.26 1.47 7.19
N GLY A 11 8.35 1.13 7.85
CA GLY A 11 8.85 -0.24 7.81
C GLY A 11 7.81 -1.25 8.22
N ASP A 12 6.94 -0.85 9.14
CA ASP A 12 5.87 -1.73 9.63
C ASP A 12 4.52 -1.03 9.58
N ASN A 13 3.45 -1.82 9.64
CA ASN A 13 2.11 -1.28 9.60
C ASN A 13 1.93 -0.19 10.65
N TYR A 14 2.38 -0.47 11.87
CA TYR A 14 2.27 0.48 12.97
C TYR A 14 2.85 1.84 12.57
N ASN A 15 4.00 1.81 11.91
CA ASN A 15 4.67 3.03 11.48
C ASN A 15 3.80 3.79 10.48
N CYS A 16 3.16 3.05 9.58
CA CYS A 16 2.30 3.64 8.56
C CYS A 16 1.23 4.52 9.20
N ASN A 17 0.58 4.00 10.23
CA ASN A 17 -0.47 4.74 10.93
C ASN A 17 0.11 5.96 11.64
N ARG A 18 1.34 5.83 12.13
CA ARG A 18 2.00 6.92 12.83
C ARG A 18 2.31 8.07 11.88
N TRP A 19 2.43 7.75 10.60
CA TRP A 19 2.73 8.75 9.58
C TRP A 19 1.44 9.38 9.04
N ALA A 20 0.54 8.52 8.55
CA ALA A 20 -0.73 9.00 8.00
C ALA A 20 -1.73 9.28 9.11
N GLU A 21 -2.95 9.64 8.72
CA GLU A 21 -4.00 9.94 9.69
C GLU A 21 -5.37 9.57 9.14
N ASP A 22 -6.41 9.96 9.87
CA ASP A 22 -7.78 9.66 9.45
C ASP A 22 -8.35 10.79 8.60
N LYS A 23 -7.77 10.97 7.41
CA LYS A 23 -8.22 12.02 6.49
C LYS A 23 -8.99 11.42 5.32
N TRP A 24 -9.87 12.23 4.73
CA TRP A 24 -10.67 11.77 3.59
C TRP A 24 -9.82 11.73 2.32
N CYS A 25 -10.15 10.81 1.42
CA CYS A 25 -9.43 10.65 0.17
C CYS A 25 -9.91 11.69 -0.85
N PRO A 26 -9.07 11.93 -1.87
CA PRO A 26 -9.38 12.88 -2.94
C PRO A 26 -10.62 12.48 -3.74
N GLN A 27 -11.06 13.37 -4.62
CA GLN A 27 -12.23 13.11 -5.44
C GLN A 27 -11.89 12.20 -6.61
N ASN A 28 -10.67 12.34 -7.13
CA ASN A 28 -10.22 11.52 -8.25
C ASN A 28 -9.51 10.27 -7.76
N THR A 29 -10.10 9.60 -6.77
CA THR A 29 -9.53 8.39 -6.21
C THR A 29 -10.62 7.40 -5.80
N GLN A 30 -10.51 6.17 -6.30
CA GLN A 30 -11.47 5.13 -5.98
C GLN A 30 -10.78 3.85 -5.53
N TYR A 31 -9.51 3.97 -5.15
CA TYR A 31 -8.74 2.82 -4.71
C TYR A 31 -7.67 3.25 -3.70
N CYS A 32 -6.97 2.27 -3.15
CA CYS A 32 -5.92 2.54 -2.17
C CYS A 32 -4.64 1.78 -2.51
N LEU A 33 -3.69 2.48 -3.12
CA LEU A 33 -2.42 1.87 -3.50
C LEU A 33 -1.69 1.31 -2.28
N THR A 34 -0.98 0.20 -2.48
CA THR A 34 -0.23 -0.43 -1.40
C THR A 34 1.01 -1.13 -1.93
N VAL A 35 2.14 -0.43 -1.88
CA VAL A 35 3.40 -0.99 -2.35
C VAL A 35 4.14 -1.72 -1.23
N HIS A 36 4.98 -2.67 -1.60
CA HIS A 36 5.74 -3.45 -0.63
C HIS A 36 7.16 -3.71 -1.13
N HIS A 37 8.13 -3.11 -0.45
CA HIS A 37 9.54 -3.29 -0.84
C HIS A 37 10.15 -4.50 -0.12
N PHE A 38 10.55 -5.49 -0.91
CA PHE A 38 11.15 -6.70 -0.35
C PHE A 38 12.59 -6.87 -0.83
N THR A 39 13.53 -6.77 0.10
CA THR A 39 14.94 -6.90 -0.24
C THR A 39 15.39 -8.36 -0.15
N SER A 40 16.05 -8.83 -1.20
CA SER A 40 16.53 -10.20 -1.25
C SER A 40 17.30 -10.55 0.02
N HIS A 41 18.19 -9.65 0.44
CA HIS A 41 18.99 -9.86 1.64
C HIS A 41 18.26 -9.35 2.87
N GLY A 42 18.04 -8.04 2.92
CA GLY A 42 17.36 -7.45 4.06
C GLY A 42 16.08 -8.19 4.42
N ARG A 43 15.91 -8.46 5.72
CA ARG A 43 14.73 -9.17 6.19
C ARG A 43 13.53 -8.23 6.31
N SER A 44 13.82 -6.95 6.47
CA SER A 44 12.77 -5.94 6.59
C SER A 44 12.14 -5.62 5.24
N THR A 45 10.98 -5.01 5.25
CA THR A 45 10.27 -4.65 4.03
C THR A 45 9.41 -3.41 4.22
N SER A 46 9.80 -2.32 3.59
CA SER A 46 9.06 -1.06 3.71
C SER A 46 7.73 -1.15 2.98
N ILE A 47 6.79 -0.30 3.37
CA ILE A 47 5.46 -0.28 2.75
C ILE A 47 4.95 1.14 2.57
N THR A 48 4.31 1.40 1.44
CA THR A 48 3.77 2.72 1.15
C THR A 48 2.39 2.63 0.51
N LYS A 49 1.43 3.36 1.09
CA LYS A 49 0.07 3.36 0.57
C LYS A 49 -0.45 4.78 0.41
N LYS A 50 -1.51 4.94 -0.38
CA LYS A 50 -2.11 6.25 -0.61
C LYS A 50 -3.30 6.14 -1.56
N CYS A 51 -4.23 7.09 -1.45
CA CYS A 51 -5.41 7.10 -2.30
C CYS A 51 -5.03 7.11 -3.77
N ALA A 52 -5.70 6.28 -4.56
CA ALA A 52 -5.43 6.20 -5.99
C ALA A 52 -6.69 5.79 -6.76
N SER A 53 -6.50 5.45 -8.03
CA SER A 53 -7.63 5.06 -8.88
C SER A 53 -7.24 3.89 -9.78
N ARG A 54 -8.15 3.50 -10.67
CA ARG A 54 -7.90 2.39 -11.58
C ARG A 54 -6.79 2.73 -12.57
N SER A 55 -6.71 4.01 -12.94
CA SER A 55 -5.70 4.47 -13.87
C SER A 55 -4.35 4.66 -13.18
N GLU A 56 -4.39 5.27 -12.00
CA GLU A 56 -3.16 5.51 -11.24
C GLU A 56 -2.36 4.23 -11.09
N CYS A 57 -3.04 3.15 -10.72
CA CYS A 57 -2.39 1.85 -10.55
C CYS A 57 -2.92 0.83 -11.55
N HIS A 58 -3.02 1.24 -12.80
CA HIS A 58 -3.52 0.36 -13.85
C HIS A 58 -2.46 -0.67 -14.24
N PHE A 59 -1.19 -0.31 -14.06
CA PHE A 59 -0.09 -1.21 -14.39
C PHE A 59 0.55 -1.77 -13.13
N VAL A 60 -0.28 -2.30 -12.23
CA VAL A 60 0.21 -2.87 -10.98
C VAL A 60 1.12 -4.07 -11.24
N GLY A 61 1.63 -4.66 -10.16
CA GLY A 61 2.50 -5.81 -10.29
C GLY A 61 3.83 -5.61 -9.58
N CYS A 62 4.71 -6.59 -9.72
CA CYS A 62 6.03 -6.52 -9.07
C CYS A 62 7.08 -5.96 -10.04
N HIS A 63 8.10 -5.33 -9.48
CA HIS A 63 9.17 -4.75 -10.28
C HIS A 63 10.52 -4.97 -9.64
N HIS A 64 11.31 -5.89 -10.20
CA HIS A 64 12.63 -6.20 -9.67
C HIS A 64 13.62 -5.09 -10.01
N SER A 65 14.37 -4.66 -9.00
CA SER A 65 15.35 -3.59 -9.18
C SER A 65 16.48 -4.04 -10.10
N ARG A 66 16.91 -3.15 -10.99
CA ARG A 66 17.98 -3.46 -11.93
C ARG A 66 19.32 -3.51 -11.22
N ASP A 67 19.63 -2.49 -10.43
CA ASP A 67 20.88 -2.42 -9.70
C ASP A 67 20.83 -3.31 -8.46
N SER A 68 19.80 -3.10 -7.64
CA SER A 68 19.64 -3.88 -6.41
C SER A 68 18.75 -5.09 -6.65
N GLU A 69 18.76 -6.02 -5.70
CA GLU A 69 17.95 -7.23 -5.81
C GLU A 69 16.69 -7.13 -4.95
N HIS A 70 16.19 -5.90 -4.80
CA HIS A 70 14.99 -5.66 -4.00
C HIS A 70 13.77 -5.50 -4.91
N THR A 71 12.83 -6.42 -4.79
CA THR A 71 11.61 -6.39 -5.59
C THR A 71 10.51 -5.59 -4.89
N GLU A 72 9.70 -4.89 -5.67
CA GLU A 72 8.61 -4.09 -5.12
C GLU A 72 7.30 -4.36 -5.86
N CYS A 73 6.26 -4.69 -5.12
CA CYS A 73 4.96 -4.97 -5.71
C CYS A 73 3.91 -4.00 -5.19
N ARG A 74 3.14 -3.42 -6.11
CA ARG A 74 2.10 -2.45 -5.74
C ARG A 74 0.73 -2.96 -6.17
N SER A 75 -0.25 -2.84 -5.28
CA SER A 75 -1.61 -3.30 -5.57
C SER A 75 -2.62 -2.22 -5.19
N CYS A 76 -3.90 -2.52 -5.40
CA CYS A 76 -4.97 -1.59 -5.08
C CYS A 76 -6.13 -2.30 -4.40
N CYS A 77 -6.57 -1.76 -3.26
CA CYS A 77 -7.67 -2.34 -2.51
C CYS A 77 -8.82 -1.34 -2.37
N GLU A 78 -10.04 -1.85 -2.39
CA GLU A 78 -11.22 -1.00 -2.27
C GLU A 78 -11.84 -1.13 -0.88
N GLY A 79 -12.33 -0.02 -0.35
CA GLY A 79 -12.94 -0.04 0.97
C GLY A 79 -12.23 0.89 1.95
N MET A 80 -13.00 1.51 2.84
CA MET A 80 -12.43 2.43 3.82
C MET A 80 -11.31 1.75 4.61
N ILE A 81 -10.20 2.46 4.78
CA ILE A 81 -9.06 1.94 5.51
C ILE A 81 -8.84 0.45 5.20
N CYS A 82 -9.01 0.09 3.94
CA CYS A 82 -8.84 -1.29 3.50
C CYS A 82 -7.37 -1.71 3.60
N ASN A 83 -6.48 -0.74 3.42
CA ASN A 83 -5.05 -1.01 3.48
C ASN A 83 -4.55 -0.97 4.93
N VAL A 84 -5.13 -1.81 5.78
CA VAL A 84 -4.75 -1.87 7.18
C VAL A 84 -3.32 -2.39 7.34
N GLU A 85 -3.15 -3.69 7.07
CA GLU A 85 -1.84 -4.32 7.19
C GLU A 85 -1.49 -5.09 5.92
N LEU A 86 -0.38 -4.72 5.29
CA LEU A 86 0.06 -5.37 4.07
C LEU A 86 -0.97 -5.21 2.96
N PRO A 87 -0.53 -5.38 1.70
CA PRO A 87 -1.40 -5.27 0.53
C PRO A 87 -2.40 -6.41 0.44
N THR A 88 -3.45 -6.35 1.25
CA THR A 88 -4.48 -7.37 1.26
C THR A 88 -5.70 -6.94 0.47
N ASN A 89 -6.32 -7.89 -0.23
CA ASN A 89 -7.50 -7.61 -1.03
C ASN A 89 -8.78 -7.99 -0.29
N HIS A 90 -9.90 -7.42 -0.71
CA HIS A 90 -11.18 -7.69 -0.08
C HIS A 90 -12.26 -7.93 -1.13
N THR A 91 -13.23 -8.78 -0.81
CA THR A 91 -14.32 -9.09 -1.72
C THR A 91 -15.57 -8.29 -1.37
N ASN A 92 -16.45 -8.12 -2.35
CA ASN A 92 -17.69 -7.38 -2.15
C ASN A 92 -18.82 -8.32 -1.72
N ALA A 93 -19.95 -7.74 -1.33
CA ALA A 93 -21.10 -8.52 -0.91
C ALA A 93 -22.12 -8.68 -2.04
N VAL A 94 -23.14 -9.48 -1.80
CA VAL A 94 -24.18 -9.71 -2.81
C VAL A 94 -25.57 -9.47 -2.22
N PHE A 95 -26.45 -8.92 -3.03
CA PHE A 95 -27.82 -8.64 -2.59
C PHE A 95 -28.82 -8.94 -3.71
N ALA A 96 -29.92 -9.60 -3.34
CA ALA A 96 -30.95 -9.94 -4.30
C ALA A 96 -32.33 -9.94 -3.65
N MET A 1 -17.56 9.95 1.83
CA MET A 1 -16.11 9.85 1.70
C MET A 1 -15.57 8.69 2.51
N PHE A 2 -14.28 8.39 2.32
CA PHE A 2 -13.64 7.29 3.04
C PHE A 2 -12.20 7.65 3.41
N LYS A 3 -11.68 6.97 4.42
CA LYS A 3 -10.31 7.22 4.87
C LYS A 3 -9.38 6.10 4.42
N CYS A 4 -8.11 6.43 4.19
CA CYS A 4 -7.12 5.45 3.75
C CYS A 4 -5.74 5.81 4.28
N PHE A 5 -4.88 4.81 4.39
CA PHE A 5 -3.52 5.02 4.88
C PHE A 5 -2.62 5.58 3.78
N THR A 6 -2.31 6.87 3.87
CA THR A 6 -1.46 7.52 2.88
C THR A 6 -0.08 7.80 3.44
N CYS A 7 0.53 6.77 4.03
CA CYS A 7 1.87 6.90 4.61
C CYS A 7 2.94 6.74 3.54
N GLU A 8 4.11 7.31 3.80
CA GLU A 8 5.22 7.24 2.86
C GLU A 8 6.31 6.30 3.37
N ASN A 9 7.07 6.76 4.35
CA ASN A 9 8.15 5.97 4.94
C ASN A 9 7.70 5.35 6.26
N ALA A 10 7.53 4.03 6.26
CA ALA A 10 7.11 3.32 7.46
C ALA A 10 7.67 1.90 7.47
N GLY A 11 8.71 1.67 8.26
CA GLY A 11 9.30 0.35 8.35
C GLY A 11 8.29 -0.73 8.64
N ASP A 12 7.35 -0.42 9.53
CA ASP A 12 6.30 -1.39 9.90
C ASP A 12 4.93 -0.76 9.78
N ASN A 13 3.90 -1.60 9.70
CA ASN A 13 2.53 -1.13 9.58
C ASN A 13 2.20 -0.12 10.69
N TYR A 14 2.78 -0.34 11.87
CA TYR A 14 2.55 0.55 13.00
C TYR A 14 2.93 1.99 12.65
N ASN A 15 4.17 2.17 12.20
CA ASN A 15 4.66 3.49 11.83
C ASN A 15 3.74 4.14 10.80
N CYS A 16 3.29 3.36 9.83
CA CYS A 16 2.41 3.86 8.78
C CYS A 16 1.13 4.45 9.38
N ASN A 17 0.67 3.85 10.48
CA ASN A 17 -0.54 4.31 11.14
C ASN A 17 -0.29 5.64 11.86
N ARG A 18 0.91 5.81 12.40
CA ARG A 18 1.27 7.03 13.10
C ARG A 18 1.46 8.18 12.12
N TRP A 19 1.81 7.85 10.88
CA TRP A 19 2.02 8.86 9.85
C TRP A 19 0.73 9.17 9.12
N ALA A 20 0.14 8.15 8.51
CA ALA A 20 -1.12 8.31 7.78
C ALA A 20 -2.31 8.34 8.73
N GLU A 21 -2.84 9.54 8.97
CA GLU A 21 -3.99 9.70 9.86
C GLU A 21 -5.29 9.33 9.14
N ASP A 22 -6.41 9.61 9.79
CA ASP A 22 -7.72 9.32 9.23
C ASP A 22 -8.22 10.49 8.39
N LYS A 23 -7.59 10.71 7.24
CA LYS A 23 -7.99 11.79 6.35
C LYS A 23 -8.73 11.26 5.14
N TRP A 24 -9.60 12.10 4.57
CA TRP A 24 -10.38 11.71 3.41
C TRP A 24 -9.51 11.61 2.16
N CYS A 25 -9.90 10.77 1.22
CA CYS A 25 -9.15 10.59 -0.01
C CYS A 25 -9.46 11.70 -1.01
N PRO A 26 -8.59 11.85 -2.02
CA PRO A 26 -8.76 12.88 -3.06
C PRO A 26 -10.01 12.65 -3.90
N GLN A 27 -10.36 13.63 -4.71
CA GLN A 27 -11.53 13.54 -5.58
C GLN A 27 -11.24 12.70 -6.81
N ASN A 28 -9.99 12.75 -7.28
CA ASN A 28 -9.58 11.99 -8.45
C ASN A 28 -9.05 10.62 -8.05
N THR A 29 -9.76 9.95 -7.15
CA THR A 29 -9.36 8.63 -6.68
C THR A 29 -10.57 7.79 -6.27
N GLN A 30 -10.45 6.49 -6.40
CA GLN A 30 -11.54 5.57 -6.05
C GLN A 30 -11.00 4.23 -5.60
N TYR A 31 -9.72 4.21 -5.23
CA TYR A 31 -9.08 2.97 -4.77
C TYR A 31 -8.00 3.26 -3.74
N CYS A 32 -7.51 2.22 -3.09
CA CYS A 32 -6.48 2.36 -2.07
C CYS A 32 -5.22 1.59 -2.47
N LEU A 33 -4.28 2.29 -3.10
CA LEU A 33 -3.03 1.68 -3.52
C LEU A 33 -2.22 1.19 -2.32
N THR A 34 -1.68 -0.02 -2.45
CA THR A 34 -0.88 -0.61 -1.37
C THR A 34 0.47 -1.11 -1.89
N VAL A 35 1.50 -0.32 -1.67
CA VAL A 35 2.84 -0.69 -2.11
C VAL A 35 3.59 -1.48 -1.04
N HIS A 36 4.34 -2.49 -1.47
CA HIS A 36 5.09 -3.32 -0.54
C HIS A 36 6.56 -3.42 -0.98
N HIS A 37 7.46 -3.07 -0.06
CA HIS A 37 8.89 -3.12 -0.35
C HIS A 37 9.48 -4.46 0.05
N PHE A 38 9.50 -5.39 -0.90
CA PHE A 38 10.04 -6.73 -0.65
C PHE A 38 11.51 -6.81 -1.06
N THR A 39 12.38 -7.05 -0.09
CA THR A 39 13.82 -7.14 -0.34
C THR A 39 14.17 -8.51 -0.92
N SER A 40 15.13 -8.53 -1.83
CA SER A 40 15.57 -9.78 -2.46
C SER A 40 15.94 -10.80 -1.40
N HIS A 41 16.72 -10.38 -0.41
CA HIS A 41 17.15 -11.26 0.67
C HIS A 41 16.91 -10.61 2.03
N GLY A 42 17.13 -9.30 2.10
CA GLY A 42 16.94 -8.59 3.35
C GLY A 42 15.63 -8.93 4.02
N ARG A 43 15.66 -9.08 5.34
CA ARG A 43 14.46 -9.42 6.10
C ARG A 43 13.52 -8.22 6.19
N SER A 44 14.10 -7.03 6.32
CA SER A 44 13.31 -5.81 6.41
C SER A 44 12.30 -5.72 5.26
N THR A 45 11.28 -4.89 5.44
CA THR A 45 10.26 -4.70 4.43
C THR A 45 9.49 -3.41 4.65
N SER A 46 9.84 -2.38 3.88
CA SER A 46 9.18 -1.08 4.00
C SER A 46 7.71 -1.18 3.62
N ILE A 47 6.95 -0.14 3.94
CA ILE A 47 5.53 -0.10 3.63
C ILE A 47 5.09 1.29 3.21
N THR A 48 4.38 1.37 2.08
CA THR A 48 3.90 2.64 1.57
C THR A 48 2.56 2.48 0.86
N LYS A 49 1.61 3.35 1.19
CA LYS A 49 0.28 3.30 0.59
C LYS A 49 -0.27 4.71 0.39
N LYS A 50 -1.34 4.82 -0.40
CA LYS A 50 -1.96 6.09 -0.67
C LYS A 50 -3.17 5.93 -1.60
N CYS A 51 -4.09 6.88 -1.55
CA CYS A 51 -5.28 6.84 -2.39
C CYS A 51 -4.91 6.86 -3.87
N ALA A 52 -5.65 6.11 -4.66
CA ALA A 52 -5.39 6.03 -6.10
C ALA A 52 -6.68 5.76 -6.87
N SER A 53 -6.53 5.41 -8.14
CA SER A 53 -7.68 5.12 -9.00
C SER A 53 -7.34 4.03 -10.02
N ARG A 54 -8.37 3.55 -10.71
CA ARG A 54 -8.18 2.51 -11.72
C ARG A 54 -7.08 2.90 -12.70
N SER A 55 -6.97 4.20 -12.98
CA SER A 55 -5.97 4.69 -13.91
C SER A 55 -4.61 4.81 -13.23
N GLU A 56 -4.56 5.54 -12.13
CA GLU A 56 -3.33 5.72 -11.38
C GLU A 56 -2.67 4.38 -11.06
N CYS A 57 -3.50 3.40 -10.69
CA CYS A 57 -3.01 2.08 -10.35
C CYS A 57 -3.33 1.08 -11.45
N HIS A 58 -3.45 1.57 -12.68
CA HIS A 58 -3.76 0.73 -13.83
C HIS A 58 -2.58 -0.18 -14.17
N PHE A 59 -1.37 0.36 -14.02
CA PHE A 59 -0.16 -0.39 -14.32
C PHE A 59 0.55 -0.82 -13.03
N VAL A 60 -0.19 -1.52 -12.17
CA VAL A 60 0.36 -1.99 -10.90
C VAL A 60 1.17 -3.26 -11.09
N GLY A 61 1.66 -3.82 -9.99
CA GLY A 61 2.46 -5.04 -10.07
C GLY A 61 3.78 -4.90 -9.35
N CYS A 62 4.66 -5.89 -9.53
CA CYS A 62 5.97 -5.88 -8.91
C CYS A 62 7.02 -5.30 -9.85
N HIS A 63 7.92 -4.51 -9.29
CA HIS A 63 8.99 -3.89 -10.08
C HIS A 63 10.34 -4.04 -9.39
N HIS A 64 11.26 -4.72 -10.07
CA HIS A 64 12.59 -4.94 -9.51
C HIS A 64 13.46 -3.69 -9.67
N SER A 65 13.98 -3.19 -8.57
CA SER A 65 14.82 -2.00 -8.58
C SER A 65 16.05 -2.21 -9.47
N ARG A 66 16.44 -1.17 -10.18
CA ARG A 66 17.60 -1.23 -11.07
C ARG A 66 18.90 -1.16 -10.27
N ASP A 67 18.97 -0.21 -9.36
CA ASP A 67 20.16 -0.04 -8.53
C ASP A 67 20.20 -1.07 -7.40
N SER A 68 19.11 -1.14 -6.64
CA SER A 68 19.02 -2.08 -5.54
C SER A 68 18.21 -3.32 -5.93
N GLU A 69 18.22 -4.33 -5.07
CA GLU A 69 17.50 -5.57 -5.33
C GLU A 69 16.17 -5.59 -4.57
N HIS A 70 15.63 -4.41 -4.30
CA HIS A 70 14.37 -4.29 -3.58
C HIS A 70 13.20 -4.18 -4.55
N THR A 71 12.27 -5.14 -4.48
CA THR A 71 11.11 -5.15 -5.36
C THR A 71 9.95 -4.37 -4.73
N GLU A 72 9.16 -3.73 -5.58
CA GLU A 72 8.02 -2.95 -5.12
C GLU A 72 6.72 -3.45 -5.76
N CYS A 73 5.91 -4.14 -4.97
CA CYS A 73 4.65 -4.68 -5.46
C CYS A 73 3.48 -3.84 -4.97
N ARG A 74 2.79 -3.19 -5.90
CA ARG A 74 1.64 -2.35 -5.56
C ARG A 74 0.34 -2.98 -6.06
N SER A 75 -0.75 -2.71 -5.35
CA SER A 75 -2.05 -3.24 -5.71
C SER A 75 -3.17 -2.29 -5.29
N CYS A 76 -4.36 -2.50 -5.85
CA CYS A 76 -5.51 -1.67 -5.54
C CYS A 76 -6.54 -2.44 -4.71
N CYS A 77 -6.74 -2.00 -3.48
CA CYS A 77 -7.70 -2.65 -2.59
C CYS A 77 -8.93 -1.78 -2.38
N GLU A 78 -10.09 -2.41 -2.25
CA GLU A 78 -11.34 -1.69 -2.06
C GLU A 78 -11.79 -1.79 -0.60
N GLY A 79 -12.44 -0.73 -0.11
CA GLY A 79 -12.92 -0.72 1.25
C GLY A 79 -12.20 0.31 2.10
N MET A 80 -12.95 1.01 2.95
CA MET A 80 -12.38 2.03 3.82
C MET A 80 -11.21 1.48 4.61
N ILE A 81 -10.12 2.24 4.65
CA ILE A 81 -8.92 1.83 5.37
C ILE A 81 -8.66 0.33 5.18
N CYS A 82 -8.87 -0.14 3.96
CA CYS A 82 -8.66 -1.55 3.65
C CYS A 82 -7.17 -1.91 3.71
N ASN A 83 -6.33 -0.92 3.41
CA ASN A 83 -4.88 -1.12 3.43
C ASN A 83 -4.33 -1.02 4.85
N VAL A 84 -4.91 -1.82 5.76
CA VAL A 84 -4.48 -1.83 7.15
C VAL A 84 -3.07 -2.38 7.29
N GLU A 85 -2.94 -3.69 7.11
CA GLU A 85 -1.63 -4.35 7.21
C GLU A 85 -1.26 -5.02 5.89
N LEU A 86 -0.11 -5.69 5.89
CA LEU A 86 0.37 -6.37 4.68
C LEU A 86 -0.58 -7.50 4.29
N PRO A 87 -0.90 -8.37 5.26
CA PRO A 87 -1.81 -9.51 5.04
C PRO A 87 -3.25 -9.06 4.82
N THR A 88 -3.65 -8.91 3.57
CA THR A 88 -4.99 -8.50 3.23
C THR A 88 -5.46 -9.14 1.93
N ASN A 89 -6.78 -9.30 1.80
CA ASN A 89 -7.36 -9.91 0.60
C ASN A 89 -8.86 -9.62 0.52
N HIS A 90 -9.45 -9.93 -0.62
CA HIS A 90 -10.87 -9.71 -0.83
C HIS A 90 -11.54 -10.95 -1.45
N THR A 91 -12.86 -10.91 -1.57
CA THR A 91 -13.60 -12.03 -2.13
C THR A 91 -14.90 -11.54 -2.79
N ASN A 92 -15.44 -12.37 -3.68
CA ASN A 92 -16.68 -12.03 -4.38
C ASN A 92 -17.24 -13.24 -5.11
N ALA A 93 -18.46 -13.10 -5.63
CA ALA A 93 -19.10 -14.18 -6.36
C ALA A 93 -20.19 -13.65 -7.28
N VAL A 94 -20.63 -14.47 -8.23
CA VAL A 94 -21.66 -14.09 -9.18
C VAL A 94 -22.73 -15.17 -9.29
N PHE A 95 -23.99 -14.74 -9.36
CA PHE A 95 -25.10 -15.67 -9.48
C PHE A 95 -26.04 -15.26 -10.61
N ALA A 96 -26.61 -16.25 -11.29
CA ALA A 96 -27.52 -15.99 -12.39
C ALA A 96 -28.88 -15.51 -11.88
N MET A 1 -16.39 10.84 2.51
CA MET A 1 -15.36 10.03 1.86
C MET A 1 -14.81 8.98 2.84
N PHE A 2 -13.94 8.12 2.32
CA PHE A 2 -13.35 7.07 3.15
C PHE A 2 -11.93 7.46 3.57
N LYS A 3 -11.51 6.93 4.72
CA LYS A 3 -10.18 7.22 5.25
C LYS A 3 -9.22 6.07 4.96
N CYS A 4 -8.21 6.34 4.14
CA CYS A 4 -7.22 5.33 3.78
C CYS A 4 -5.85 5.71 4.30
N PHE A 5 -4.94 4.73 4.36
CA PHE A 5 -3.59 4.96 4.84
C PHE A 5 -2.71 5.53 3.73
N THR A 6 -2.33 6.79 3.87
CA THR A 6 -1.49 7.46 2.88
C THR A 6 -0.08 7.68 3.43
N CYS A 7 0.51 6.64 4.00
CA CYS A 7 1.85 6.73 4.56
C CYS A 7 2.90 6.54 3.47
N GLU A 8 4.10 7.06 3.71
CA GLU A 8 5.20 6.95 2.75
C GLU A 8 6.32 6.08 3.31
N ASN A 9 7.00 6.57 4.33
CA ASN A 9 8.10 5.83 4.95
C ASN A 9 7.66 5.22 6.27
N ALA A 10 7.53 3.90 6.30
CA ALA A 10 7.12 3.19 7.50
C ALA A 10 7.66 1.76 7.51
N GLY A 11 8.57 1.49 8.43
CA GLY A 11 9.15 0.15 8.53
C GLY A 11 8.11 -0.91 8.81
N ASP A 12 7.07 -0.54 9.56
CA ASP A 12 6.00 -1.48 9.89
C ASP A 12 4.65 -0.80 9.80
N ASN A 13 3.58 -1.60 9.78
CA ASN A 13 2.22 -1.08 9.70
C ASN A 13 1.97 -0.06 10.79
N TYR A 14 2.52 -0.30 11.97
CA TYR A 14 2.36 0.60 13.09
C TYR A 14 2.76 2.03 12.72
N ASN A 15 4.02 2.20 12.32
CA ASN A 15 4.53 3.50 11.93
C ASN A 15 3.68 4.12 10.82
N CYS A 16 3.32 3.28 9.84
CA CYS A 16 2.50 3.74 8.72
C CYS A 16 1.25 4.47 9.21
N ASN A 17 0.71 4.00 10.33
CA ASN A 17 -0.48 4.61 10.91
C ASN A 17 -0.15 5.91 11.62
N ARG A 18 1.01 5.95 12.26
CA ARG A 18 1.46 7.14 12.98
C ARG A 18 1.59 8.33 12.04
N TRP A 19 1.94 8.04 10.79
CA TRP A 19 2.10 9.10 9.79
C TRP A 19 0.78 9.37 9.06
N ALA A 20 0.21 8.33 8.47
CA ALA A 20 -1.04 8.46 7.76
C ALA A 20 -2.22 8.54 8.72
N GLU A 21 -2.71 9.76 8.96
CA GLU A 21 -3.83 9.98 9.86
C GLU A 21 -5.15 9.57 9.20
N ASP A 22 -6.25 9.86 9.88
CA ASP A 22 -7.58 9.52 9.36
C ASP A 22 -8.13 10.67 8.51
N LYS A 23 -7.54 10.86 7.33
CA LYS A 23 -7.97 11.92 6.42
C LYS A 23 -8.76 11.35 5.25
N TRP A 24 -9.58 12.19 4.63
CA TRP A 24 -10.38 11.76 3.49
C TRP A 24 -9.54 11.70 2.21
N CYS A 25 -9.89 10.77 1.33
CA CYS A 25 -9.17 10.61 0.07
C CYS A 25 -9.62 11.65 -0.95
N PRO A 26 -8.79 11.88 -1.97
CA PRO A 26 -9.08 12.85 -3.03
C PRO A 26 -10.39 12.53 -3.75
N GLN A 27 -10.88 13.48 -4.54
CA GLN A 27 -12.12 13.30 -5.28
C GLN A 27 -11.92 12.34 -6.45
N ASN A 28 -10.76 12.45 -7.10
CA ASN A 28 -10.44 11.59 -8.23
C ASN A 28 -9.72 10.33 -7.78
N THR A 29 -10.23 9.70 -6.72
CA THR A 29 -9.63 8.49 -6.19
C THR A 29 -10.68 7.59 -5.56
N GLN A 30 -10.58 6.29 -5.84
CA GLN A 30 -11.53 5.33 -5.30
C GLN A 30 -10.84 4.02 -4.95
N TYR A 31 -9.50 4.04 -4.95
CA TYR A 31 -8.72 2.85 -4.64
C TYR A 31 -7.60 3.19 -3.66
N CYS A 32 -7.03 2.15 -3.06
CA CYS A 32 -5.95 2.33 -2.08
C CYS A 32 -4.68 1.62 -2.55
N LEU A 33 -3.78 2.37 -3.16
CA LEU A 33 -2.52 1.83 -3.66
C LEU A 33 -1.72 1.20 -2.52
N THR A 34 -1.13 0.03 -2.79
CA THR A 34 -0.34 -0.67 -1.80
C THR A 34 0.97 -1.17 -2.39
N VAL A 35 2.04 -0.40 -2.18
CA VAL A 35 3.36 -0.76 -2.69
C VAL A 35 4.12 -1.61 -1.68
N HIS A 36 4.84 -2.61 -2.20
CA HIS A 36 5.62 -3.50 -1.34
C HIS A 36 7.06 -3.62 -1.85
N HIS A 37 8.02 -3.41 -0.94
CA HIS A 37 9.43 -3.50 -1.30
C HIS A 37 9.97 -4.91 -1.04
N PHE A 38 10.16 -5.66 -2.11
CA PHE A 38 10.67 -7.02 -2.00
C PHE A 38 11.89 -7.22 -2.90
N THR A 39 13.07 -7.34 -2.28
CA THR A 39 14.30 -7.54 -3.02
C THR A 39 14.63 -9.02 -3.16
N SER A 40 15.40 -9.35 -4.20
CA SER A 40 15.79 -10.73 -4.45
C SER A 40 16.39 -11.37 -3.20
N HIS A 41 17.44 -10.73 -2.68
CA HIS A 41 18.11 -11.23 -1.49
C HIS A 41 17.88 -10.31 -0.30
N GLY A 42 16.99 -10.71 0.60
CA GLY A 42 16.70 -9.90 1.77
C GLY A 42 15.49 -9.01 1.57
N ARG A 43 14.31 -9.62 1.49
CA ARG A 43 13.08 -8.87 1.29
C ARG A 43 12.97 -7.73 2.30
N SER A 44 12.98 -6.50 1.81
CA SER A 44 12.88 -5.32 2.66
C SER A 44 11.51 -5.23 3.31
N THR A 45 11.44 -4.58 4.47
CA THR A 45 10.19 -4.43 5.20
C THR A 45 9.58 -3.05 4.96
N SER A 46 9.87 -2.48 3.80
CA SER A 46 9.35 -1.16 3.46
C SER A 46 7.93 -1.26 2.90
N ILE A 47 7.04 -0.42 3.42
CA ILE A 47 5.66 -0.42 2.96
C ILE A 47 5.16 1.00 2.69
N THR A 48 4.38 1.16 1.64
CA THR A 48 3.84 2.47 1.26
C THR A 48 2.47 2.34 0.63
N LYS A 49 1.54 3.18 1.06
CA LYS A 49 0.18 3.17 0.54
C LYS A 49 -0.36 4.58 0.38
N LYS A 50 -1.41 4.73 -0.42
CA LYS A 50 -2.02 6.03 -0.66
C LYS A 50 -3.20 5.92 -1.63
N CYS A 51 -4.12 6.86 -1.55
CA CYS A 51 -5.29 6.87 -2.41
C CYS A 51 -4.89 6.88 -3.88
N ALA A 52 -5.61 6.14 -4.71
CA ALA A 52 -5.33 6.08 -6.13
C ALA A 52 -6.59 5.81 -6.93
N SER A 53 -6.44 5.54 -8.23
CA SER A 53 -7.57 5.28 -9.10
C SER A 53 -7.24 4.16 -10.09
N ARG A 54 -8.27 3.67 -10.79
CA ARG A 54 -8.09 2.61 -11.77
C ARG A 54 -6.99 2.97 -12.77
N SER A 55 -6.84 4.26 -13.03
CA SER A 55 -5.84 4.73 -13.97
C SER A 55 -4.45 4.78 -13.32
N GLU A 56 -4.38 5.43 -12.17
CA GLU A 56 -3.11 5.55 -11.44
C GLU A 56 -2.46 4.18 -11.28
N CYS A 57 -3.26 3.19 -10.93
CA CYS A 57 -2.76 1.84 -10.74
C CYS A 57 -3.41 0.86 -11.72
N HIS A 58 -3.43 1.25 -12.99
CA HIS A 58 -4.02 0.42 -14.03
C HIS A 58 -3.07 -0.71 -14.42
N PHE A 59 -1.78 -0.41 -14.44
CA PHE A 59 -0.77 -1.42 -14.80
C PHE A 59 -0.07 -1.94 -13.55
N VAL A 60 -0.86 -2.42 -12.59
CA VAL A 60 -0.31 -2.96 -11.35
C VAL A 60 0.54 -4.20 -11.61
N GLY A 61 1.14 -4.73 -10.55
CA GLY A 61 1.97 -5.91 -10.69
C GLY A 61 3.37 -5.69 -10.16
N CYS A 62 4.26 -6.64 -10.45
CA CYS A 62 5.64 -6.56 -9.99
C CYS A 62 6.56 -6.09 -11.12
N HIS A 63 7.56 -5.29 -10.77
CA HIS A 63 8.51 -4.78 -11.75
C HIS A 63 9.94 -5.11 -11.34
N HIS A 64 10.65 -5.83 -12.21
CA HIS A 64 12.02 -6.22 -11.95
C HIS A 64 13.00 -5.16 -12.49
N SER A 65 13.67 -4.47 -11.57
CA SER A 65 14.62 -3.43 -11.96
C SER A 65 15.77 -4.02 -12.78
N ARG A 66 16.35 -3.19 -13.64
CA ARG A 66 17.45 -3.63 -14.48
C ARG A 66 18.77 -3.63 -13.71
N ASP A 67 19.11 -2.48 -13.13
CA ASP A 67 20.34 -2.35 -12.36
C ASP A 67 20.26 -3.15 -11.06
N SER A 68 19.33 -2.75 -10.19
CA SER A 68 19.15 -3.43 -8.91
C SER A 68 18.56 -4.82 -9.11
N GLU A 69 18.77 -5.69 -8.12
CA GLU A 69 18.26 -7.05 -8.19
C GLU A 69 17.00 -7.21 -7.35
N HIS A 70 16.40 -6.08 -6.98
CA HIS A 70 15.19 -6.08 -6.17
C HIS A 70 13.96 -5.83 -7.04
N THR A 71 12.80 -6.26 -6.55
CA THR A 71 11.54 -6.09 -7.28
C THR A 71 10.55 -5.27 -6.47
N GLU A 72 9.59 -4.65 -7.16
CA GLU A 72 8.58 -3.84 -6.50
C GLU A 72 7.18 -4.23 -6.97
N CYS A 73 6.34 -4.64 -6.04
CA CYS A 73 4.98 -5.04 -6.35
C CYS A 73 3.97 -4.08 -5.72
N ARG A 74 3.09 -3.53 -6.54
CA ARG A 74 2.07 -2.60 -6.06
C ARG A 74 0.67 -3.07 -6.47
N SER A 75 -0.30 -2.85 -5.59
CA SER A 75 -1.67 -3.24 -5.85
C SER A 75 -2.64 -2.12 -5.51
N CYS A 76 -3.94 -2.42 -5.57
CA CYS A 76 -4.96 -1.44 -5.25
C CYS A 76 -6.20 -2.12 -4.65
N CYS A 77 -6.47 -1.81 -3.39
CA CYS A 77 -7.61 -2.39 -2.69
C CYS A 77 -8.67 -1.33 -2.41
N GLU A 78 -9.94 -1.73 -2.46
CA GLU A 78 -11.04 -0.81 -2.21
C GLU A 78 -11.58 -0.98 -0.79
N GLY A 79 -12.33 0.03 -0.34
CA GLY A 79 -12.89 -0.02 1.00
C GLY A 79 -12.17 0.89 1.97
N MET A 80 -12.92 1.50 2.88
CA MET A 80 -12.34 2.41 3.87
C MET A 80 -11.20 1.73 4.62
N ILE A 81 -10.07 2.43 4.72
CA ILE A 81 -8.91 1.90 5.42
C ILE A 81 -8.74 0.40 5.15
N CYS A 82 -8.98 0.00 3.91
CA CYS A 82 -8.85 -1.39 3.52
C CYS A 82 -7.40 -1.86 3.63
N ASN A 83 -6.47 -0.92 3.48
CA ASN A 83 -5.05 -1.23 3.57
C ASN A 83 -4.57 -1.21 5.02
N VAL A 84 -5.26 -1.94 5.88
CA VAL A 84 -4.91 -2.00 7.29
C VAL A 84 -3.51 -2.57 7.48
N GLU A 85 -3.36 -3.86 7.22
CA GLU A 85 -2.07 -4.53 7.36
C GLU A 85 -1.72 -5.33 6.11
N LEU A 86 -0.47 -5.73 6.01
CA LEU A 86 -0.01 -6.51 4.85
C LEU A 86 -0.62 -7.90 4.86
N PRO A 87 -0.48 -8.61 5.99
CA PRO A 87 -1.02 -9.96 6.14
C PRO A 87 -2.54 -9.98 6.21
N THR A 88 -3.18 -9.82 5.06
CA THR A 88 -4.64 -9.80 4.99
C THR A 88 -5.20 -11.23 5.03
N ASN A 89 -5.96 -11.53 6.08
CA ASN A 89 -6.55 -12.85 6.24
C ASN A 89 -8.02 -12.85 5.79
N HIS A 90 -8.73 -11.78 6.14
CA HIS A 90 -10.14 -11.65 5.78
C HIS A 90 -10.58 -10.19 5.85
N THR A 91 -11.74 -9.90 5.28
CA THR A 91 -12.28 -8.55 5.28
C THR A 91 -12.91 -8.21 6.62
N ASN A 92 -12.35 -7.22 7.30
CA ASN A 92 -12.85 -6.79 8.60
C ASN A 92 -13.71 -5.54 8.46
N ALA A 93 -14.27 -5.09 9.59
CA ALA A 93 -15.11 -3.89 9.59
C ALA A 93 -14.87 -3.06 10.85
N VAL A 94 -15.53 -1.91 10.93
CA VAL A 94 -15.39 -1.02 12.08
C VAL A 94 -16.74 -0.41 12.46
N PHE A 95 -16.91 -0.13 13.75
CA PHE A 95 -18.15 0.47 14.24
C PHE A 95 -17.89 1.83 14.88
N ALA A 96 -18.93 2.64 14.97
CA ALA A 96 -18.82 3.98 15.55
C ALA A 96 -18.98 3.92 17.07
N MET A 1 -17.30 9.56 1.40
CA MET A 1 -15.91 9.80 1.77
C MET A 1 -15.33 8.62 2.54
N PHE A 2 -14.02 8.49 2.54
CA PHE A 2 -13.35 7.40 3.24
C PHE A 2 -11.91 7.78 3.60
N LYS A 3 -11.37 7.12 4.62
CA LYS A 3 -10.01 7.39 5.07
C LYS A 3 -9.09 6.22 4.75
N CYS A 4 -7.95 6.51 4.13
CA CYS A 4 -6.98 5.48 3.76
C CYS A 4 -5.60 5.85 4.28
N PHE A 5 -4.73 4.83 4.41
CA PHE A 5 -3.38 5.05 4.88
C PHE A 5 -2.48 5.57 3.76
N THR A 6 -2.14 6.85 3.82
CA THR A 6 -1.30 7.46 2.80
C THR A 6 0.11 7.71 3.35
N CYS A 7 0.69 6.69 3.97
CA CYS A 7 2.03 6.80 4.52
C CYS A 7 3.08 6.53 3.46
N GLU A 8 4.29 7.05 3.67
CA GLU A 8 5.38 6.87 2.74
C GLU A 8 6.50 6.03 3.36
N ASN A 9 7.22 6.61 4.30
CA ASN A 9 8.30 5.92 4.99
C ASN A 9 7.85 5.36 6.33
N ALA A 10 7.78 4.04 6.42
CA ALA A 10 7.36 3.36 7.64
C ALA A 10 7.98 1.97 7.76
N GLY A 11 8.66 1.73 8.88
CA GLY A 11 9.30 0.44 9.08
C GLY A 11 8.29 -0.66 9.33
N ASP A 12 7.18 -0.31 9.99
CA ASP A 12 6.14 -1.29 10.30
C ASP A 12 4.76 -0.64 10.22
N ASN A 13 3.72 -1.47 10.21
CA ASN A 13 2.35 -0.98 10.13
C ASN A 13 2.09 0.05 11.21
N TYR A 14 2.69 -0.14 12.38
CA TYR A 14 2.51 0.78 13.49
C TYR A 14 2.82 2.22 13.08
N ASN A 15 4.08 2.47 12.76
CA ASN A 15 4.51 3.80 12.33
C ASN A 15 3.73 4.26 11.12
N CYS A 16 3.56 3.35 10.16
CA CYS A 16 2.83 3.66 8.93
C CYS A 16 1.41 4.12 9.24
N ASN A 17 0.88 3.66 10.38
CA ASN A 17 -0.47 4.02 10.78
C ASN A 17 -0.49 5.41 11.42
N ARG A 18 0.38 5.63 12.40
CA ARG A 18 0.45 6.91 13.09
C ARG A 18 1.06 7.97 12.18
N TRP A 19 1.60 7.54 11.04
CA TRP A 19 2.20 8.46 10.09
C TRP A 19 1.18 8.97 9.09
N ALA A 20 0.36 8.06 8.56
CA ALA A 20 -0.67 8.42 7.60
C ALA A 20 -1.90 8.99 8.30
N GLU A 21 -2.15 10.28 8.08
CA GLU A 21 -3.30 10.94 8.69
C GLU A 21 -4.61 10.33 8.21
N ASP A 22 -5.59 10.25 9.10
CA ASP A 22 -6.89 9.68 8.76
C ASP A 22 -7.82 10.75 8.20
N LYS A 23 -7.52 11.21 7.00
CA LYS A 23 -8.33 12.25 6.35
C LYS A 23 -8.95 11.73 5.06
N TRP A 24 -10.07 12.31 4.68
CA TRP A 24 -10.75 11.91 3.45
C TRP A 24 -9.80 11.89 2.27
N CYS A 25 -10.01 10.96 1.35
CA CYS A 25 -9.17 10.84 0.17
C CYS A 25 -9.57 11.84 -0.90
N PRO A 26 -8.66 12.11 -1.85
CA PRO A 26 -8.91 13.05 -2.94
C PRO A 26 -10.22 12.76 -3.68
N GLN A 27 -10.65 13.70 -4.52
CA GLN A 27 -11.88 13.54 -5.28
C GLN A 27 -11.67 12.63 -6.48
N ASN A 28 -10.49 12.72 -7.09
CA ASN A 28 -10.15 11.90 -8.24
C ASN A 28 -9.51 10.59 -7.82
N THR A 29 -10.10 9.92 -6.84
CA THR A 29 -9.58 8.66 -6.34
C THR A 29 -10.71 7.75 -5.86
N GLN A 30 -10.57 6.45 -6.13
CA GLN A 30 -11.59 5.48 -5.73
C GLN A 30 -10.94 4.14 -5.40
N TYR A 31 -9.66 4.18 -5.04
CA TYR A 31 -8.93 2.96 -4.69
C TYR A 31 -7.83 3.27 -3.68
N CYS A 32 -7.23 2.21 -3.13
CA CYS A 32 -6.16 2.36 -2.15
C CYS A 32 -4.90 1.64 -2.60
N LEU A 33 -4.02 2.36 -3.28
CA LEU A 33 -2.78 1.78 -3.77
C LEU A 33 -1.93 1.24 -2.63
N THR A 34 -1.20 0.16 -2.89
CA THR A 34 -0.36 -0.46 -1.88
C THR A 34 0.94 -0.96 -2.49
N VAL A 35 2.01 -0.19 -2.32
CA VAL A 35 3.31 -0.55 -2.84
C VAL A 35 4.10 -1.39 -1.84
N HIS A 36 4.65 -2.51 -2.31
CA HIS A 36 5.42 -3.41 -1.46
C HIS A 36 6.86 -3.52 -1.95
N HIS A 37 7.81 -3.25 -1.07
CA HIS A 37 9.22 -3.33 -1.42
C HIS A 37 9.84 -4.61 -0.89
N PHE A 38 9.85 -5.65 -1.74
CA PHE A 38 10.42 -6.94 -1.35
C PHE A 38 11.81 -7.11 -1.93
N THR A 39 12.73 -7.60 -1.10
CA THR A 39 14.11 -7.81 -1.53
C THR A 39 14.50 -9.29 -1.43
N SER A 40 15.09 -9.82 -2.49
CA SER A 40 15.51 -11.21 -2.53
C SER A 40 16.41 -11.53 -1.34
N HIS A 41 17.41 -10.68 -1.11
CA HIS A 41 18.34 -10.87 0.00
C HIS A 41 18.25 -9.72 0.99
N GLY A 42 17.01 -9.32 1.32
CA GLY A 42 16.82 -8.24 2.26
C GLY A 42 15.62 -8.46 3.16
N ARG A 43 15.84 -8.42 4.47
CA ARG A 43 14.77 -8.61 5.43
C ARG A 43 13.94 -7.34 5.61
N SER A 44 14.62 -6.19 5.53
CA SER A 44 13.95 -4.91 5.68
C SER A 44 13.15 -4.56 4.43
N THR A 45 11.84 -4.82 4.49
CA THR A 45 10.96 -4.54 3.36
C THR A 45 10.21 -3.22 3.58
N SER A 46 10.41 -2.28 2.66
CA SER A 46 9.76 -0.98 2.74
C SER A 46 8.25 -1.11 2.50
N ILE A 47 7.49 -0.13 2.98
CA ILE A 47 6.05 -0.13 2.81
C ILE A 47 5.52 1.27 2.54
N THR A 48 4.69 1.39 1.51
CA THR A 48 4.12 2.68 1.14
C THR A 48 2.75 2.51 0.49
N LYS A 49 1.77 3.26 1.00
CA LYS A 49 0.41 3.18 0.47
C LYS A 49 -0.17 4.59 0.29
N LYS A 50 -1.26 4.67 -0.47
CA LYS A 50 -1.91 5.95 -0.73
C LYS A 50 -3.12 5.77 -1.64
N CYS A 51 -4.03 6.74 -1.61
CA CYS A 51 -5.22 6.68 -2.44
C CYS A 51 -4.86 6.73 -3.92
N ALA A 52 -5.64 6.00 -4.72
CA ALA A 52 -5.41 5.96 -6.17
C ALA A 52 -6.70 5.72 -6.93
N SER A 53 -6.59 5.52 -8.23
CA SER A 53 -7.76 5.29 -9.08
C SER A 53 -7.48 4.18 -10.09
N ARG A 54 -8.54 3.73 -10.76
CA ARG A 54 -8.41 2.66 -11.75
C ARG A 54 -7.32 3.00 -12.77
N SER A 55 -7.13 4.29 -13.02
CA SER A 55 -6.12 4.75 -13.97
C SER A 55 -4.73 4.75 -13.33
N GLU A 56 -4.62 5.39 -12.18
CA GLU A 56 -3.34 5.46 -11.47
C GLU A 56 -2.73 4.07 -11.30
N CYS A 57 -3.57 3.10 -10.93
CA CYS A 57 -3.12 1.73 -10.74
C CYS A 57 -3.78 0.79 -11.74
N HIS A 58 -3.79 1.19 -13.01
CA HIS A 58 -4.40 0.38 -14.06
C HIS A 58 -3.47 -0.76 -14.47
N PHE A 59 -2.16 -0.52 -14.36
CA PHE A 59 -1.17 -1.53 -14.71
C PHE A 59 -0.40 -2.00 -13.49
N VAL A 60 -1.10 -2.59 -12.54
CA VAL A 60 -0.49 -3.09 -11.32
C VAL A 60 0.31 -4.36 -11.58
N GLY A 61 1.07 -4.79 -10.58
CA GLY A 61 1.88 -5.99 -10.72
C GLY A 61 3.26 -5.84 -10.12
N CYS A 62 4.11 -6.83 -10.35
CA CYS A 62 5.48 -6.80 -9.82
C CYS A 62 6.48 -6.37 -10.89
N HIS A 63 7.56 -5.73 -10.45
CA HIS A 63 8.59 -5.25 -11.38
C HIS A 63 9.98 -5.56 -10.83
N HIS A 64 10.56 -6.67 -11.26
CA HIS A 64 11.89 -7.07 -10.81
C HIS A 64 12.95 -6.17 -11.43
N SER A 65 13.89 -5.72 -10.60
CA SER A 65 14.96 -4.85 -11.06
C SER A 65 16.09 -5.66 -11.70
N ARG A 66 16.80 -5.05 -12.63
CA ARG A 66 17.90 -5.70 -13.32
C ARG A 66 19.16 -5.68 -12.47
N ASP A 67 19.53 -4.49 -12.00
CA ASP A 67 20.72 -4.33 -11.17
C ASP A 67 20.52 -4.97 -9.81
N SER A 68 19.44 -4.59 -9.12
CA SER A 68 19.14 -5.11 -7.80
C SER A 68 18.36 -6.41 -7.90
N GLU A 69 18.36 -7.19 -6.82
CA GLU A 69 17.64 -8.46 -6.79
C GLU A 69 16.31 -8.32 -6.06
N HIS A 70 15.82 -7.08 -5.95
CA HIS A 70 14.56 -6.81 -5.28
C HIS A 70 13.43 -6.61 -6.29
N THR A 71 12.21 -6.86 -5.85
CA THR A 71 11.04 -6.72 -6.72
C THR A 71 10.04 -5.73 -6.13
N GLU A 72 9.41 -4.94 -7.00
CA GLU A 72 8.42 -3.97 -6.55
C GLU A 72 7.01 -4.39 -6.98
N CYS A 73 6.22 -4.84 -6.02
CA CYS A 73 4.86 -5.27 -6.30
C CYS A 73 3.85 -4.31 -5.68
N ARG A 74 2.97 -3.77 -6.53
CA ARG A 74 1.95 -2.83 -6.07
C ARG A 74 0.57 -3.24 -6.58
N SER A 75 -0.46 -2.87 -5.82
CA SER A 75 -1.83 -3.19 -6.18
C SER A 75 -2.80 -2.14 -5.66
N CYS A 76 -4.10 -2.43 -5.77
CA CYS A 76 -5.12 -1.50 -5.31
C CYS A 76 -6.25 -2.25 -4.61
N CYS A 77 -6.44 -1.97 -3.32
CA CYS A 77 -7.48 -2.62 -2.53
C CYS A 77 -8.68 -1.70 -2.37
N GLU A 78 -9.88 -2.30 -2.37
CA GLU A 78 -11.11 -1.53 -2.23
C GLU A 78 -11.61 -1.58 -0.78
N GLY A 79 -12.22 -0.49 -0.34
CA GLY A 79 -12.75 -0.43 1.02
C GLY A 79 -12.02 0.59 1.88
N MET A 80 -12.77 1.32 2.68
CA MET A 80 -12.19 2.34 3.55
C MET A 80 -11.05 1.75 4.37
N ILE A 81 -9.93 2.47 4.42
CA ILE A 81 -8.77 2.03 5.17
C ILE A 81 -8.57 0.52 5.03
N CYS A 82 -8.76 0.01 3.82
CA CYS A 82 -8.60 -1.42 3.56
C CYS A 82 -7.14 -1.84 3.69
N ASN A 83 -6.24 -0.90 3.47
CA ASN A 83 -4.80 -1.17 3.55
C ASN A 83 -4.34 -1.16 5.00
N VAL A 84 -5.00 -1.98 5.84
CA VAL A 84 -4.65 -2.06 7.25
C VAL A 84 -3.43 -2.94 7.47
N GLU A 85 -3.48 -4.16 6.93
CA GLU A 85 -2.37 -5.09 7.07
C GLU A 85 -1.40 -4.96 5.90
N LEU A 86 -0.11 -5.06 6.20
CA LEU A 86 0.92 -4.94 5.17
C LEU A 86 0.81 -6.07 4.17
N PRO A 87 0.90 -7.32 4.66
CA PRO A 87 0.81 -8.51 3.82
C PRO A 87 -0.60 -8.73 3.26
N THR A 88 -1.47 -9.30 4.07
CA THR A 88 -2.85 -9.56 3.67
C THR A 88 -3.67 -8.28 3.67
N ASN A 89 -4.87 -8.35 3.10
CA ASN A 89 -5.75 -7.19 3.04
C ASN A 89 -7.21 -7.64 2.94
N HIS A 90 -7.99 -7.34 3.98
CA HIS A 90 -9.40 -7.70 4.01
C HIS A 90 -10.15 -6.90 5.08
N THR A 91 -11.46 -6.93 5.02
CA THR A 91 -12.29 -6.20 5.98
C THR A 91 -13.52 -7.02 6.37
N ASN A 92 -13.60 -7.39 7.65
CA ASN A 92 -14.73 -8.16 8.15
C ASN A 92 -15.80 -7.25 8.73
N ALA A 93 -16.99 -7.81 8.95
CA ALA A 93 -18.10 -7.05 9.52
C ALA A 93 -18.20 -7.25 11.02
N VAL A 94 -19.15 -6.56 11.64
CA VAL A 94 -19.35 -6.66 13.08
C VAL A 94 -20.73 -7.23 13.41
N PHE A 95 -20.80 -8.03 14.46
CA PHE A 95 -22.05 -8.63 14.88
C PHE A 95 -22.42 -8.21 16.30
N ALA A 96 -23.70 -7.93 16.53
CA ALA A 96 -24.17 -7.52 17.84
C ALA A 96 -24.61 -8.72 18.67
N MET A 1 -17.24 9.18 1.36
CA MET A 1 -15.81 9.01 1.12
C MET A 1 -15.25 7.88 1.97
N PHE A 2 -13.95 7.64 1.86
CA PHE A 2 -13.29 6.59 2.62
C PHE A 2 -11.88 7.00 3.03
N LYS A 3 -11.40 6.43 4.13
CA LYS A 3 -10.07 6.74 4.62
C LYS A 3 -9.05 5.71 4.15
N CYS A 4 -7.82 6.15 3.92
CA CYS A 4 -6.75 5.27 3.46
C CYS A 4 -5.40 5.71 4.01
N PHE A 5 -4.53 4.74 4.26
CA PHE A 5 -3.21 5.02 4.79
C PHE A 5 -2.27 5.51 3.69
N THR A 6 -1.96 6.80 3.71
CA THR A 6 -1.08 7.39 2.71
C THR A 6 0.33 7.59 3.26
N CYS A 7 0.88 6.52 3.86
CA CYS A 7 2.21 6.57 4.43
C CYS A 7 3.27 6.31 3.35
N GLU A 8 4.48 6.81 3.59
CA GLU A 8 5.57 6.62 2.65
C GLU A 8 6.61 5.66 3.21
N ASN A 9 7.41 6.14 4.15
CA ASN A 9 8.45 5.32 4.77
C ASN A 9 8.04 4.89 6.17
N ALA A 10 7.55 3.67 6.29
CA ALA A 10 7.13 3.13 7.58
C ALA A 10 7.67 1.73 7.80
N GLY A 11 8.61 1.60 8.73
CA GLY A 11 9.19 0.30 9.02
C GLY A 11 8.19 -0.68 9.58
N ASP A 12 7.22 -0.17 10.32
CA ASP A 12 6.18 -1.01 10.91
C ASP A 12 4.79 -0.46 10.62
N ASN A 13 3.79 -1.33 10.63
CA ASN A 13 2.42 -0.92 10.36
C ASN A 13 2.01 0.25 11.26
N TYR A 14 2.30 0.12 12.54
CA TYR A 14 1.96 1.17 13.51
C TYR A 14 2.48 2.52 13.04
N ASN A 15 3.77 2.58 12.71
CA ASN A 15 4.38 3.81 12.24
C ASN A 15 3.61 4.41 11.07
N CYS A 16 3.19 3.55 10.15
CA CYS A 16 2.43 4.00 8.98
C CYS A 16 1.12 4.63 9.40
N ASN A 17 0.53 4.12 10.49
CA ASN A 17 -0.73 4.65 10.99
C ASN A 17 -0.54 6.04 11.58
N ARG A 18 0.50 6.19 12.39
CA ARG A 18 0.79 7.48 13.03
C ARG A 18 1.22 8.51 12.00
N TRP A 19 1.69 8.02 10.85
CA TRP A 19 2.15 8.90 9.77
C TRP A 19 1.00 9.28 8.85
N ALA A 20 0.31 8.26 8.32
CA ALA A 20 -0.82 8.48 7.42
C ALA A 20 -2.06 8.88 8.20
N GLU A 21 -2.45 10.15 8.08
CA GLU A 21 -3.63 10.65 8.78
C GLU A 21 -4.89 9.91 8.33
N ASP A 22 -5.83 9.77 9.24
CA ASP A 22 -7.09 9.07 8.94
C ASP A 22 -8.13 10.04 8.41
N LYS A 23 -7.92 10.52 7.19
CA LYS A 23 -8.84 11.45 6.56
C LYS A 23 -9.30 10.94 5.19
N TRP A 24 -10.43 11.45 4.72
CA TRP A 24 -10.96 11.04 3.43
C TRP A 24 -9.91 11.18 2.33
N CYS A 25 -10.05 10.38 1.28
CA CYS A 25 -9.12 10.42 0.16
C CYS A 25 -9.46 11.57 -0.78
N PRO A 26 -8.50 11.91 -1.66
CA PRO A 26 -8.67 13.00 -2.63
C PRO A 26 -9.92 12.83 -3.47
N GLN A 27 -10.29 13.88 -4.19
CA GLN A 27 -11.49 13.86 -5.03
C GLN A 27 -11.26 12.99 -6.27
N ASN A 28 -10.03 13.05 -6.80
CA ASN A 28 -9.69 12.27 -7.99
C ASN A 28 -9.12 10.91 -7.60
N THR A 29 -9.73 10.28 -6.60
CA THR A 29 -9.30 8.97 -6.13
C THR A 29 -10.46 8.18 -5.54
N GLN A 30 -10.53 6.90 -5.90
CA GLN A 30 -11.59 6.03 -5.40
C GLN A 30 -11.05 4.65 -5.06
N TYR A 31 -9.73 4.52 -5.09
CA TYR A 31 -9.09 3.24 -4.78
C TYR A 31 -7.97 3.44 -3.77
N CYS A 32 -7.42 2.32 -3.28
CA CYS A 32 -6.34 2.36 -2.30
C CYS A 32 -5.12 1.59 -2.80
N LEU A 33 -4.09 2.33 -3.21
CA LEU A 33 -2.87 1.71 -3.71
C LEU A 33 -2.03 1.14 -2.58
N THR A 34 -1.68 -0.13 -2.69
CA THR A 34 -0.88 -0.80 -1.68
C THR A 34 0.42 -1.34 -2.26
N VAL A 35 1.53 -0.65 -1.97
CA VAL A 35 2.83 -1.08 -2.47
C VAL A 35 3.55 -1.97 -1.46
N HIS A 36 3.82 -3.20 -1.86
CA HIS A 36 4.50 -4.16 -0.99
C HIS A 36 5.91 -4.44 -1.50
N HIS A 37 6.90 -4.20 -0.65
CA HIS A 37 8.29 -4.44 -1.00
C HIS A 37 8.73 -5.86 -0.64
N PHE A 38 8.82 -6.72 -1.65
CA PHE A 38 9.22 -8.11 -1.42
C PHE A 38 10.72 -8.28 -1.62
N THR A 39 11.43 -8.52 -0.52
CA THR A 39 12.88 -8.70 -0.57
C THR A 39 13.24 -10.14 -0.91
N SER A 40 14.19 -10.32 -1.81
CA SER A 40 14.62 -11.65 -2.22
C SER A 40 15.46 -12.31 -1.13
N HIS A 41 16.38 -11.55 -0.55
CA HIS A 41 17.24 -12.05 0.52
C HIS A 41 17.16 -11.16 1.75
N GLY A 42 17.13 -9.84 1.51
CA GLY A 42 17.07 -8.90 2.62
C GLY A 42 15.91 -9.19 3.56
N ARG A 43 16.20 -9.17 4.86
CA ARG A 43 15.17 -9.44 5.87
C ARG A 43 14.19 -8.27 5.96
N SER A 44 14.67 -7.07 5.66
CA SER A 44 13.83 -5.88 5.72
C SER A 44 12.72 -5.95 4.68
N THR A 45 11.76 -5.03 4.78
CA THR A 45 10.64 -4.99 3.86
C THR A 45 9.97 -3.62 3.86
N SER A 46 10.21 -2.86 2.80
CA SER A 46 9.63 -1.52 2.67
C SER A 46 8.12 -1.60 2.48
N ILE A 47 7.43 -0.55 2.94
CA ILE A 47 5.97 -0.50 2.82
C ILE A 47 5.50 0.91 2.51
N THR A 48 4.66 1.04 1.49
CA THR A 48 4.13 2.35 1.09
C THR A 48 2.75 2.20 0.45
N LYS A 49 1.88 3.15 0.76
CA LYS A 49 0.52 3.13 0.22
C LYS A 49 -0.03 4.55 0.09
N LYS A 50 -1.13 4.69 -0.65
CA LYS A 50 -1.76 5.99 -0.85
C LYS A 50 -3.02 5.86 -1.70
N CYS A 51 -3.84 6.90 -1.69
CA CYS A 51 -5.08 6.91 -2.47
C CYS A 51 -4.78 7.03 -3.96
N ALA A 52 -5.54 6.29 -4.76
CA ALA A 52 -5.36 6.31 -6.21
C ALA A 52 -6.68 6.02 -6.93
N SER A 53 -6.59 5.70 -8.22
CA SER A 53 -7.77 5.39 -9.02
C SER A 53 -7.53 4.18 -9.90
N ARG A 54 -8.47 3.92 -10.80
CA ARG A 54 -8.37 2.79 -11.72
C ARG A 54 -7.27 3.02 -12.76
N SER A 55 -7.10 4.28 -13.15
CA SER A 55 -6.09 4.65 -14.14
C SER A 55 -4.70 4.73 -13.51
N GLU A 56 -4.65 5.33 -12.33
CA GLU A 56 -3.38 5.48 -11.61
C GLU A 56 -2.68 4.13 -11.47
N CYS A 57 -3.43 3.12 -11.04
CA CYS A 57 -2.89 1.78 -10.86
C CYS A 57 -3.47 0.81 -11.87
N HIS A 58 -3.69 1.30 -13.10
CA HIS A 58 -4.25 0.46 -14.15
C HIS A 58 -3.30 -0.67 -14.52
N PHE A 59 -2.00 -0.43 -14.33
CA PHE A 59 -0.99 -1.43 -14.64
C PHE A 59 -0.32 -1.94 -13.37
N VAL A 60 -1.09 -2.64 -12.54
CA VAL A 60 -0.58 -3.19 -11.29
C VAL A 60 0.20 -4.48 -11.53
N GLY A 61 0.69 -5.08 -10.46
CA GLY A 61 1.44 -6.31 -10.57
C GLY A 61 2.82 -6.21 -9.96
N CYS A 62 3.67 -7.18 -10.27
CA CYS A 62 5.03 -7.20 -9.74
C CYS A 62 6.03 -6.75 -10.81
N HIS A 63 7.12 -6.11 -10.39
CA HIS A 63 8.14 -5.64 -11.30
C HIS A 63 9.53 -5.96 -10.76
N HIS A 64 10.12 -7.04 -11.26
CA HIS A 64 11.45 -7.45 -10.84
C HIS A 64 12.52 -6.57 -11.46
N SER A 65 13.46 -6.11 -10.64
CA SER A 65 14.54 -5.24 -11.09
C SER A 65 15.86 -6.00 -11.13
N ARG A 66 16.62 -5.80 -12.21
CA ARG A 66 17.91 -6.47 -12.37
C ARG A 66 18.94 -5.88 -11.42
N ASP A 67 18.88 -4.56 -11.23
CA ASP A 67 19.81 -3.87 -10.35
C ASP A 67 19.54 -4.21 -8.90
N SER A 68 18.28 -4.05 -8.48
CA SER A 68 17.89 -4.35 -7.10
C SER A 68 17.64 -5.84 -6.91
N GLU A 69 17.81 -6.32 -5.68
CA GLU A 69 17.61 -7.72 -5.37
C GLU A 69 16.26 -7.94 -4.71
N HIS A 70 15.24 -7.23 -5.20
CA HIS A 70 13.90 -7.34 -4.65
C HIS A 70 12.85 -6.94 -5.70
N THR A 71 11.68 -7.56 -5.63
CA THR A 71 10.60 -7.27 -6.57
C THR A 71 9.60 -6.29 -5.97
N GLU A 72 9.02 -5.46 -6.82
CA GLU A 72 8.05 -4.47 -6.37
C GLU A 72 6.64 -4.84 -6.83
N CYS A 73 5.79 -5.22 -5.88
CA CYS A 73 4.41 -5.60 -6.19
C CYS A 73 3.42 -4.63 -5.56
N ARG A 74 2.36 -4.29 -6.30
CA ARG A 74 1.35 -3.38 -5.81
C ARG A 74 -0.03 -3.75 -6.35
N SER A 75 -1.07 -3.34 -5.64
CA SER A 75 -2.44 -3.63 -6.05
C SER A 75 -3.37 -2.49 -5.70
N CYS A 76 -4.68 -2.72 -5.85
CA CYS A 76 -5.67 -1.70 -5.55
C CYS A 76 -6.87 -2.31 -4.82
N CYS A 77 -7.40 -1.57 -3.85
CA CYS A 77 -8.55 -2.04 -3.08
C CYS A 77 -9.51 -0.89 -2.79
N GLU A 78 -10.81 -1.21 -2.73
CA GLU A 78 -11.82 -0.20 -2.46
C GLU A 78 -12.17 -0.17 -0.98
N GLY A 79 -12.08 -1.33 -0.32
CA GLY A 79 -12.39 -1.40 1.09
C GLY A 79 -11.71 -0.31 1.89
N MET A 80 -12.50 0.39 2.70
CA MET A 80 -11.97 1.47 3.53
C MET A 80 -10.76 1.01 4.33
N ILE A 81 -9.72 1.83 4.36
CA ILE A 81 -8.50 1.50 5.09
C ILE A 81 -8.12 0.04 4.89
N CYS A 82 -8.38 -0.48 3.69
CA CYS A 82 -8.06 -1.86 3.38
C CYS A 82 -6.57 -2.15 3.57
N ASN A 83 -5.75 -1.11 3.40
CA ASN A 83 -4.30 -1.26 3.57
C ASN A 83 -3.92 -1.14 5.05
N VAL A 84 -4.60 -1.90 5.89
CA VAL A 84 -4.33 -1.89 7.32
C VAL A 84 -2.89 -2.30 7.61
N GLU A 85 -2.62 -3.60 7.51
CA GLU A 85 -1.28 -4.12 7.76
C GLU A 85 -0.66 -4.66 6.48
N LEU A 86 0.63 -4.98 6.54
CA LEU A 86 1.34 -5.50 5.39
C LEU A 86 0.95 -6.95 5.12
N PRO A 87 1.15 -7.82 6.12
CA PRO A 87 0.82 -9.24 6.02
C PRO A 87 -0.68 -9.48 5.99
N THR A 88 -1.44 -8.54 6.53
CA THR A 88 -2.90 -8.66 6.57
C THR A 88 -3.56 -7.32 6.26
N ASN A 89 -4.66 -7.37 5.52
CA ASN A 89 -5.40 -6.16 5.15
C ASN A 89 -6.61 -5.97 6.06
N HIS A 90 -7.30 -7.06 6.36
CA HIS A 90 -8.48 -7.01 7.21
C HIS A 90 -8.12 -7.37 8.66
N THR A 91 -8.36 -6.43 9.57
CA THR A 91 -8.06 -6.65 10.98
C THR A 91 -9.02 -5.87 11.87
N ASN A 92 -9.19 -6.34 13.10
CA ASN A 92 -10.08 -5.68 14.05
C ASN A 92 -9.44 -4.41 14.60
N ALA A 93 -10.00 -3.27 14.23
CA ALA A 93 -9.49 -1.98 14.69
C ALA A 93 -9.95 -1.68 16.11
N VAL A 94 -9.07 -1.07 16.90
CA VAL A 94 -9.39 -0.73 18.28
C VAL A 94 -8.83 0.65 18.65
N PHE A 95 -9.62 1.42 19.36
CA PHE A 95 -9.21 2.76 19.78
C PHE A 95 -8.81 2.78 21.25
N ALA A 96 -9.53 2.01 22.05
CA ALA A 96 -9.25 1.92 23.48
C ALA A 96 -8.34 0.74 23.80
N MET A 1 -16.99 9.72 2.55
CA MET A 1 -15.60 9.49 2.17
C MET A 1 -14.95 8.46 3.09
N PHE A 2 -14.02 7.69 2.54
CA PHE A 2 -13.32 6.66 3.30
C PHE A 2 -11.94 7.15 3.73
N LYS A 3 -11.40 6.51 4.76
CA LYS A 3 -10.07 6.87 5.27
C LYS A 3 -9.04 5.80 4.91
N CYS A 4 -8.10 6.17 4.05
CA CYS A 4 -7.05 5.26 3.63
C CYS A 4 -5.69 5.72 4.12
N PHE A 5 -4.80 4.76 4.36
CA PHE A 5 -3.46 5.08 4.84
C PHE A 5 -2.58 5.60 3.71
N THR A 6 -2.07 6.81 3.87
CA THR A 6 -1.21 7.43 2.87
C THR A 6 0.21 7.62 3.39
N CYS A 7 0.76 6.58 3.99
CA CYS A 7 2.11 6.63 4.54
C CYS A 7 3.14 6.31 3.46
N GLU A 8 4.35 6.83 3.64
CA GLU A 8 5.43 6.60 2.69
C GLU A 8 6.54 5.77 3.31
N ASN A 9 7.25 6.36 4.28
CA ASN A 9 8.34 5.68 4.94
C ASN A 9 7.92 5.22 6.34
N ALA A 10 7.88 3.91 6.54
CA ALA A 10 7.50 3.35 7.83
C ALA A 10 8.07 1.94 8.01
N GLY A 11 8.71 1.71 9.15
CA GLY A 11 9.29 0.41 9.43
C GLY A 11 8.25 -0.64 9.73
N ASP A 12 7.15 -0.22 10.36
CA ASP A 12 6.07 -1.13 10.72
C ASP A 12 4.71 -0.51 10.42
N ASN A 13 3.68 -1.35 10.40
CA ASN A 13 2.32 -0.88 10.12
C ASN A 13 1.92 0.22 11.11
N TYR A 14 2.25 0.03 12.37
CA TYR A 14 1.93 0.99 13.41
C TYR A 14 2.45 2.38 13.05
N ASN A 15 3.77 2.51 13.02
CA ASN A 15 4.40 3.78 12.69
C ASN A 15 3.84 4.35 11.38
N CYS A 16 3.60 3.47 10.41
CA CYS A 16 3.06 3.88 9.13
C CYS A 16 1.80 4.73 9.31
N ASN A 17 0.89 4.24 10.13
CA ASN A 17 -0.36 4.95 10.39
C ASN A 17 -0.10 6.29 11.07
N ARG A 18 0.93 6.33 11.92
CA ARG A 18 1.29 7.54 12.63
C ARG A 18 1.88 8.57 11.67
N TRP A 19 2.48 8.10 10.59
CA TRP A 19 3.09 8.98 9.60
C TRP A 19 2.08 9.38 8.53
N ALA A 20 1.18 8.45 8.21
CA ALA A 20 0.15 8.72 7.20
C ALA A 20 -0.80 9.82 7.65
N GLU A 21 -1.92 9.93 6.96
CA GLU A 21 -2.92 10.94 7.30
C GLU A 21 -4.28 10.30 7.57
N ASP A 22 -4.87 10.64 8.72
CA ASP A 22 -6.16 10.10 9.10
C ASP A 22 -7.30 11.00 8.63
N LYS A 23 -7.47 11.07 7.32
CA LYS A 23 -8.52 11.90 6.73
C LYS A 23 -9.13 11.23 5.51
N TRP A 24 -10.09 11.89 4.89
CA TRP A 24 -10.75 11.36 3.70
C TRP A 24 -9.84 11.47 2.48
N CYS A 25 -10.05 10.58 1.52
CA CYS A 25 -9.26 10.57 0.30
C CYS A 25 -9.71 11.66 -0.66
N PRO A 26 -8.83 12.02 -1.61
CA PRO A 26 -9.13 13.05 -2.61
C PRO A 26 -10.28 12.65 -3.53
N GLN A 27 -10.82 13.64 -4.26
CA GLN A 27 -11.92 13.38 -5.17
C GLN A 27 -11.44 12.71 -6.45
N ASN A 28 -10.14 12.88 -6.74
CA ASN A 28 -9.55 12.29 -7.94
C ASN A 28 -9.02 10.89 -7.64
N THR A 29 -9.76 10.14 -6.83
CA THR A 29 -9.37 8.78 -6.47
C THR A 29 -10.59 7.93 -6.14
N GLN A 30 -10.46 6.62 -6.36
CA GLN A 30 -11.56 5.69 -6.09
C GLN A 30 -11.01 4.31 -5.71
N TYR A 31 -9.75 4.26 -5.32
CA TYR A 31 -9.11 3.02 -4.95
C TYR A 31 -8.02 3.24 -3.90
N CYS A 32 -7.55 2.16 -3.30
CA CYS A 32 -6.50 2.25 -2.28
C CYS A 32 -5.26 1.49 -2.73
N LEU A 33 -4.28 2.24 -3.26
CA LEU A 33 -3.04 1.63 -3.72
C LEU A 33 -2.25 1.03 -2.56
N THR A 34 -1.61 -0.10 -2.83
CA THR A 34 -0.82 -0.78 -1.80
C THR A 34 0.52 -1.25 -2.36
N VAL A 35 1.56 -0.47 -2.11
CA VAL A 35 2.90 -0.81 -2.58
C VAL A 35 3.64 -1.66 -1.57
N HIS A 36 4.39 -2.64 -2.06
CA HIS A 36 5.16 -3.53 -1.20
C HIS A 36 6.63 -3.56 -1.61
N HIS A 37 7.51 -3.24 -0.66
CA HIS A 37 8.94 -3.22 -0.94
C HIS A 37 9.56 -4.58 -0.64
N PHE A 38 9.43 -5.50 -1.59
CA PHE A 38 9.98 -6.84 -1.43
C PHE A 38 11.41 -6.91 -1.93
N THR A 39 12.36 -6.92 -1.00
CA THR A 39 13.78 -6.98 -1.34
C THR A 39 14.27 -8.42 -1.37
N SER A 40 15.17 -8.70 -2.31
CA SER A 40 15.73 -10.04 -2.45
C SER A 40 16.41 -10.49 -1.16
N HIS A 41 17.31 -9.65 -0.65
CA HIS A 41 18.03 -9.95 0.57
C HIS A 41 17.86 -8.83 1.60
N GLY A 42 17.62 -9.21 2.85
CA GLY A 42 17.44 -8.22 3.89
C GLY A 42 16.14 -8.39 4.64
N ARG A 43 16.23 -8.78 5.92
CA ARG A 43 15.05 -8.98 6.74
C ARG A 43 14.14 -7.76 6.70
N SER A 44 14.74 -6.59 6.52
CA SER A 44 13.98 -5.34 6.46
C SER A 44 12.98 -5.37 5.30
N THR A 45 11.83 -4.74 5.52
CA THR A 45 10.79 -4.68 4.49
C THR A 45 9.94 -3.42 4.64
N SER A 46 10.20 -2.44 3.79
CA SER A 46 9.47 -1.18 3.83
C SER A 46 8.11 -1.32 3.12
N ILE A 47 7.17 -0.48 3.51
CA ILE A 47 5.83 -0.51 2.92
C ILE A 47 5.32 0.90 2.66
N THR A 48 4.55 1.06 1.58
CA THR A 48 4.00 2.36 1.22
C THR A 48 2.60 2.21 0.61
N LYS A 49 1.67 3.01 1.10
CA LYS A 49 0.29 2.97 0.60
C LYS A 49 -0.28 4.38 0.46
N LYS A 50 -1.35 4.51 -0.31
CA LYS A 50 -2.00 5.80 -0.52
C LYS A 50 -3.20 5.65 -1.44
N CYS A 51 -4.01 6.71 -1.51
CA CYS A 51 -5.21 6.70 -2.35
C CYS A 51 -4.82 6.70 -3.83
N ALA A 52 -5.61 6.01 -4.64
CA ALA A 52 -5.37 5.94 -6.07
C ALA A 52 -6.66 5.76 -6.86
N SER A 53 -6.54 5.53 -8.16
CA SER A 53 -7.70 5.34 -9.01
C SER A 53 -7.46 4.21 -10.02
N ARG A 54 -8.41 4.04 -10.94
CA ARG A 54 -8.30 3.00 -11.95
C ARG A 54 -7.16 3.31 -12.93
N SER A 55 -6.93 4.59 -13.17
CA SER A 55 -5.88 5.03 -14.08
C SER A 55 -4.51 5.00 -13.39
N GLU A 56 -4.48 5.50 -12.15
CA GLU A 56 -3.24 5.53 -11.39
C GLU A 56 -2.57 4.17 -11.36
N CYS A 57 -3.37 3.13 -11.10
CA CYS A 57 -2.86 1.77 -11.05
C CYS A 57 -3.55 0.89 -12.07
N HIS A 58 -3.74 1.42 -13.28
CA HIS A 58 -4.40 0.67 -14.35
C HIS A 58 -3.62 -0.58 -14.70
N PHE A 59 -2.29 -0.51 -14.59
CA PHE A 59 -1.42 -1.63 -14.89
C PHE A 59 -0.55 -1.99 -13.69
N VAL A 60 -1.15 -2.65 -12.71
CA VAL A 60 -0.43 -3.05 -11.50
C VAL A 60 0.55 -4.19 -11.81
N GLY A 61 1.23 -4.66 -10.76
CA GLY A 61 2.19 -5.74 -10.93
C GLY A 61 3.48 -5.49 -10.19
N CYS A 62 4.50 -6.28 -10.49
CA CYS A 62 5.80 -6.14 -9.85
C CYS A 62 6.82 -5.52 -10.80
N HIS A 63 7.75 -4.75 -10.25
CA HIS A 63 8.79 -4.11 -11.05
C HIS A 63 10.18 -4.50 -10.55
N HIS A 64 10.82 -5.42 -11.26
CA HIS A 64 12.16 -5.87 -10.90
C HIS A 64 13.21 -4.84 -11.30
N SER A 65 13.93 -4.32 -10.32
CA SER A 65 14.97 -3.34 -10.57
C SER A 65 16.18 -3.97 -11.26
N ARG A 66 16.75 -3.24 -12.22
CA ARG A 66 17.91 -3.73 -12.96
C ARG A 66 19.19 -3.54 -12.15
N ASP A 67 19.28 -2.43 -11.44
CA ASP A 67 20.44 -2.12 -10.63
C ASP A 67 20.37 -2.84 -9.29
N SER A 68 19.26 -2.66 -8.58
CA SER A 68 19.08 -3.29 -7.28
C SER A 68 18.39 -4.64 -7.41
N GLU A 69 18.45 -5.45 -6.36
CA GLU A 69 17.83 -6.77 -6.38
C GLU A 69 16.49 -6.74 -5.65
N HIS A 70 15.89 -5.56 -5.57
CA HIS A 70 14.60 -5.39 -4.90
C HIS A 70 13.47 -5.31 -5.92
N THR A 71 12.26 -5.66 -5.50
CA THR A 71 11.10 -5.62 -6.37
C THR A 71 9.98 -4.79 -5.76
N GLU A 72 9.27 -4.04 -6.59
CA GLU A 72 8.17 -3.20 -6.14
C GLU A 72 6.83 -3.72 -6.66
N CYS A 73 6.10 -4.41 -5.79
CA CYS A 73 4.80 -4.96 -6.16
C CYS A 73 3.67 -4.12 -5.59
N ARG A 74 2.88 -3.52 -6.48
CA ARG A 74 1.75 -2.69 -6.07
C ARG A 74 0.44 -3.23 -6.60
N SER A 75 -0.64 -3.03 -5.85
CA SER A 75 -1.96 -3.51 -6.24
C SER A 75 -3.05 -2.52 -5.81
N CYS A 76 -4.27 -2.76 -6.28
CA CYS A 76 -5.40 -1.90 -5.95
C CYS A 76 -6.42 -2.65 -5.10
N CYS A 77 -6.82 -2.04 -3.99
CA CYS A 77 -7.79 -2.64 -3.09
C CYS A 77 -8.93 -1.67 -2.79
N GLU A 78 -10.15 -2.21 -2.70
CA GLU A 78 -11.32 -1.38 -2.42
C GLU A 78 -11.77 -1.56 -0.97
N GLY A 79 -12.32 -0.50 -0.40
CA GLY A 79 -12.79 -0.55 0.98
C GLY A 79 -12.06 0.44 1.88
N MET A 80 -12.79 0.99 2.83
CA MET A 80 -12.22 1.97 3.76
C MET A 80 -11.03 1.37 4.50
N ILE A 81 -9.94 2.14 4.57
CA ILE A 81 -8.73 1.69 5.24
C ILE A 81 -8.46 0.22 4.98
N CYS A 82 -8.71 -0.21 3.73
CA CYS A 82 -8.49 -1.60 3.34
C CYS A 82 -7.04 -2.00 3.57
N ASN A 83 -6.15 -1.02 3.54
CA ASN A 83 -4.72 -1.28 3.74
C ASN A 83 -4.36 -1.25 5.23
N VAL A 84 -5.14 -1.96 6.02
CA VAL A 84 -4.91 -2.03 7.46
C VAL A 84 -3.51 -2.54 7.77
N GLU A 85 -3.25 -3.80 7.41
CA GLU A 85 -1.95 -4.41 7.65
C GLU A 85 -1.39 -5.01 6.36
N LEU A 86 -0.15 -5.48 6.44
CA LEU A 86 0.51 -6.08 5.28
C LEU A 86 -0.36 -7.17 4.66
N PRO A 87 -0.70 -8.18 5.47
CA PRO A 87 -1.53 -9.31 5.03
C PRO A 87 -2.97 -8.90 4.79
N THR A 88 -3.66 -9.66 3.94
CA THR A 88 -5.05 -9.36 3.62
C THR A 88 -5.86 -10.66 3.45
N ASN A 89 -6.86 -10.84 4.31
CA ASN A 89 -7.70 -12.03 4.26
C ASN A 89 -8.99 -11.76 3.49
N HIS A 90 -9.65 -10.65 3.85
CA HIS A 90 -10.90 -10.27 3.20
C HIS A 90 -11.23 -8.81 3.47
N THR A 91 -12.22 -8.29 2.76
CA THR A 91 -12.63 -6.90 2.92
C THR A 91 -13.54 -6.74 4.12
N ASN A 92 -13.24 -5.75 4.96
CA ASN A 92 -14.03 -5.48 6.15
C ASN A 92 -15.03 -4.36 5.91
N ALA A 93 -15.61 -4.34 4.70
CA ALA A 93 -16.58 -3.33 4.34
C ALA A 93 -18.00 -3.85 4.48
N VAL A 94 -18.84 -3.11 5.19
CA VAL A 94 -20.22 -3.50 5.41
C VAL A 94 -21.18 -2.45 4.85
N PHE A 95 -20.81 -1.19 4.97
CA PHE A 95 -21.63 -0.09 4.47
C PHE A 95 -21.04 0.51 3.20
N ALA A 96 -19.71 0.55 3.14
CA ALA A 96 -19.02 1.10 1.98
C ALA A 96 -19.11 0.16 0.79
N MET A 1 -16.78 9.51 0.74
CA MET A 1 -15.33 9.52 0.96
C MET A 1 -14.92 8.41 1.91
N PHE A 2 -13.61 8.20 2.04
CA PHE A 2 -13.09 7.16 2.92
C PHE A 2 -11.66 7.49 3.35
N LYS A 3 -11.25 6.93 4.49
CA LYS A 3 -9.90 7.16 5.01
C LYS A 3 -8.96 6.04 4.57
N CYS A 4 -7.76 6.42 4.16
CA CYS A 4 -6.76 5.45 3.72
C CYS A 4 -5.37 5.86 4.18
N PHE A 5 -4.52 4.87 4.45
CA PHE A 5 -3.16 5.12 4.91
C PHE A 5 -2.30 5.67 3.77
N THR A 6 -1.98 6.95 3.83
CA THR A 6 -1.17 7.60 2.82
C THR A 6 0.25 7.87 3.32
N CYS A 7 0.85 6.87 3.95
CA CYS A 7 2.19 7.00 4.49
C CYS A 7 3.23 6.71 3.41
N GLU A 8 4.48 7.12 3.67
CA GLU A 8 5.56 6.90 2.72
C GLU A 8 6.66 6.03 3.33
N ASN A 9 7.46 6.63 4.21
CA ASN A 9 8.54 5.91 4.86
C ASN A 9 8.12 5.43 6.25
N ALA A 10 7.96 4.12 6.40
CA ALA A 10 7.57 3.54 7.67
C ALA A 10 8.17 2.15 7.85
N GLY A 11 8.82 1.94 8.98
CA GLY A 11 9.44 0.65 9.26
C GLY A 11 8.43 -0.47 9.31
N ASP A 12 7.29 -0.22 9.95
CA ASP A 12 6.23 -1.22 10.07
C ASP A 12 4.86 -0.58 9.92
N ASN A 13 3.85 -1.42 9.75
CA ASN A 13 2.48 -0.94 9.59
C ASN A 13 2.11 0.04 10.69
N TYR A 14 2.50 -0.29 11.92
CA TYR A 14 2.22 0.56 13.07
C TYR A 14 2.62 2.01 12.80
N ASN A 15 3.92 2.24 12.68
CA ASN A 15 4.44 3.57 12.41
C ASN A 15 3.82 4.16 11.16
N CYS A 16 3.64 3.33 10.15
CA CYS A 16 3.05 3.77 8.89
C CYS A 16 1.67 4.38 9.11
N ASN A 17 0.94 3.83 10.08
CA ASN A 17 -0.40 4.31 10.40
C ASN A 17 -0.33 5.63 11.18
N ARG A 18 0.56 5.66 12.18
CA ARG A 18 0.73 6.85 13.00
C ARG A 18 1.21 8.04 12.16
N TRP A 19 1.79 7.74 11.00
CA TRP A 19 2.30 8.78 10.11
C TRP A 19 1.21 9.23 9.14
N ALA A 20 0.48 8.27 8.58
CA ALA A 20 -0.59 8.57 7.64
C ALA A 20 -1.85 9.01 8.37
N GLU A 21 -2.16 10.30 8.30
CA GLU A 21 -3.34 10.85 8.96
C GLU A 21 -4.61 10.14 8.46
N ASP A 22 -5.61 10.06 9.33
CA ASP A 22 -6.87 9.42 8.98
C ASP A 22 -7.85 10.43 8.39
N LYS A 23 -7.56 10.90 7.18
CA LYS A 23 -8.41 11.86 6.51
C LYS A 23 -8.97 11.29 5.21
N TRP A 24 -10.14 11.77 4.81
CA TRP A 24 -10.78 11.31 3.59
C TRP A 24 -9.81 11.37 2.40
N CYS A 25 -10.01 10.49 1.43
CA CYS A 25 -9.15 10.44 0.25
C CYS A 25 -9.55 11.52 -0.75
N PRO A 26 -8.63 11.85 -1.67
CA PRO A 26 -8.87 12.86 -2.70
C PRO A 26 -10.15 12.61 -3.48
N GLN A 27 -10.59 13.61 -4.24
CA GLN A 27 -11.81 13.49 -5.04
C GLN A 27 -11.57 12.58 -6.25
N ASN A 28 -10.38 12.68 -6.83
CA ASN A 28 -10.04 11.86 -8.00
C ASN A 28 -9.39 10.55 -7.58
N THR A 29 -9.97 9.91 -6.56
CA THR A 29 -9.45 8.64 -6.05
C THR A 29 -10.56 7.79 -5.46
N GLN A 30 -10.55 6.50 -5.80
CA GLN A 30 -11.57 5.58 -5.30
C GLN A 30 -10.94 4.23 -4.95
N TYR A 31 -9.62 4.18 -4.95
CA TYR A 31 -8.91 2.94 -4.64
C TYR A 31 -7.79 3.20 -3.62
N CYS A 32 -7.26 2.12 -3.06
CA CYS A 32 -6.20 2.23 -2.07
C CYS A 32 -4.93 1.52 -2.56
N LEU A 33 -3.97 2.31 -3.00
CA LEU A 33 -2.70 1.77 -3.50
C LEU A 33 -1.89 1.16 -2.35
N THR A 34 -1.39 -0.06 -2.58
CA THR A 34 -0.59 -0.75 -1.57
C THR A 34 0.77 -1.14 -2.13
N VAL A 35 1.78 -0.33 -1.85
CA VAL A 35 3.13 -0.60 -2.33
C VAL A 35 3.91 -1.46 -1.31
N HIS A 36 4.57 -2.49 -1.81
CA HIS A 36 5.35 -3.38 -0.96
C HIS A 36 6.80 -3.44 -1.42
N HIS A 37 7.72 -3.10 -0.52
CA HIS A 37 9.14 -3.11 -0.83
C HIS A 37 9.77 -4.44 -0.42
N PHE A 38 10.26 -5.19 -1.39
CA PHE A 38 10.88 -6.49 -1.13
C PHE A 38 12.30 -6.53 -1.69
N THR A 39 13.29 -6.53 -0.80
CA THR A 39 14.69 -6.56 -1.21
C THR A 39 15.06 -7.93 -1.76
N SER A 40 15.92 -7.94 -2.78
CA SER A 40 16.35 -9.19 -3.41
C SER A 40 16.88 -10.16 -2.35
N HIS A 41 17.57 -9.62 -1.35
CA HIS A 41 18.12 -10.44 -0.28
C HIS A 41 18.22 -9.64 1.02
N GLY A 42 17.24 -9.83 1.90
CA GLY A 42 17.23 -9.13 3.17
C GLY A 42 15.87 -9.13 3.83
N ARG A 43 15.86 -9.02 5.15
CA ARG A 43 14.61 -9.02 5.91
C ARG A 43 13.95 -7.64 5.85
N SER A 44 14.78 -6.60 5.88
CA SER A 44 14.27 -5.23 5.84
C SER A 44 13.31 -5.04 4.68
N THR A 45 12.14 -4.48 4.97
CA THR A 45 11.12 -4.24 3.96
C THR A 45 10.30 -2.99 4.28
N SER A 46 10.41 -1.98 3.43
CA SER A 46 9.68 -0.73 3.63
C SER A 46 8.23 -0.87 3.17
N ILE A 47 7.35 -0.05 3.74
CA ILE A 47 5.95 -0.08 3.38
C ILE A 47 5.45 1.31 2.98
N THR A 48 4.69 1.37 1.89
CA THR A 48 4.15 2.63 1.40
C THR A 48 2.77 2.44 0.78
N LYS A 49 1.84 3.32 1.12
CA LYS A 49 0.49 3.26 0.60
C LYS A 49 -0.09 4.65 0.40
N LYS A 50 -1.17 4.74 -0.37
CA LYS A 50 -1.82 6.01 -0.64
C LYS A 50 -3.02 5.83 -1.57
N CYS A 51 -3.88 6.83 -1.62
CA CYS A 51 -5.07 6.78 -2.46
C CYS A 51 -4.68 6.75 -3.94
N ALA A 52 -5.49 6.07 -4.75
CA ALA A 52 -5.23 5.96 -6.18
C ALA A 52 -6.54 5.82 -6.96
N SER A 53 -6.41 5.51 -8.24
CA SER A 53 -7.59 5.36 -9.10
C SER A 53 -7.40 4.18 -10.05
N ARG A 54 -8.39 3.95 -10.91
CA ARG A 54 -8.35 2.86 -11.87
C ARG A 54 -7.20 3.05 -12.86
N SER A 55 -6.90 4.32 -13.16
CA SER A 55 -5.82 4.64 -14.09
C SER A 55 -4.47 4.56 -13.40
N GLU A 56 -4.36 5.14 -12.21
CA GLU A 56 -3.12 5.12 -11.47
C GLU A 56 -2.57 3.71 -11.35
N CYS A 57 -3.45 2.75 -11.08
CA CYS A 57 -3.06 1.36 -10.94
C CYS A 57 -3.75 0.50 -11.98
N HIS A 58 -3.89 1.03 -13.19
CA HIS A 58 -4.54 0.31 -14.27
C HIS A 58 -3.86 -1.04 -14.52
N PHE A 59 -2.57 -1.10 -14.23
CA PHE A 59 -1.80 -2.33 -14.41
C PHE A 59 -0.83 -2.54 -13.25
N VAL A 60 -1.35 -3.08 -12.14
CA VAL A 60 -0.54 -3.33 -10.96
C VAL A 60 0.49 -4.42 -11.24
N GLY A 61 1.31 -4.72 -10.23
CA GLY A 61 2.34 -5.73 -10.38
C GLY A 61 3.63 -5.37 -9.66
N CYS A 62 4.74 -5.90 -10.16
CA CYS A 62 6.04 -5.63 -9.56
C CYS A 62 6.92 -4.81 -10.51
N HIS A 63 7.88 -4.09 -9.94
CA HIS A 63 8.78 -3.26 -10.73
C HIS A 63 10.21 -3.35 -10.20
N HIS A 64 10.99 -4.26 -10.76
CA HIS A 64 12.38 -4.45 -10.34
C HIS A 64 13.19 -3.17 -10.56
N SER A 65 14.14 -2.92 -9.67
CA SER A 65 14.98 -1.74 -9.76
C SER A 65 16.16 -1.97 -10.70
N ARG A 66 16.67 -0.90 -11.27
CA ARG A 66 17.79 -0.99 -12.20
C ARG A 66 19.11 -1.11 -11.43
N ASP A 67 19.49 -0.04 -10.73
CA ASP A 67 20.73 -0.03 -9.96
C ASP A 67 20.62 -0.96 -8.76
N SER A 68 19.59 -0.76 -7.95
CA SER A 68 19.38 -1.58 -6.76
C SER A 68 18.63 -2.87 -7.11
N GLU A 69 18.82 -3.89 -6.28
CA GLU A 69 18.17 -5.18 -6.50
C GLU A 69 16.88 -5.28 -5.70
N HIS A 70 16.26 -4.13 -5.42
CA HIS A 70 15.03 -4.09 -4.65
C HIS A 70 13.82 -3.94 -5.57
N THR A 71 12.86 -4.84 -5.45
CA THR A 71 11.66 -4.81 -6.27
C THR A 71 10.56 -3.98 -5.60
N GLU A 72 9.85 -3.20 -6.40
CA GLU A 72 8.77 -2.37 -5.89
C GLU A 72 7.44 -2.73 -6.53
N CYS A 73 6.61 -3.47 -5.79
CA CYS A 73 5.32 -3.89 -6.28
C CYS A 73 4.20 -3.07 -5.65
N ARG A 74 3.06 -2.98 -6.34
CA ARG A 74 1.92 -2.23 -5.85
C ARG A 74 0.61 -2.91 -6.23
N SER A 75 -0.46 -2.55 -5.52
CA SER A 75 -1.77 -3.14 -5.79
C SER A 75 -2.87 -2.11 -5.57
N CYS A 76 -4.12 -2.57 -5.57
CA CYS A 76 -5.27 -1.70 -5.37
C CYS A 76 -6.42 -2.45 -4.69
N CYS A 77 -6.72 -2.06 -3.46
CA CYS A 77 -7.80 -2.70 -2.72
C CYS A 77 -8.98 -1.75 -2.55
N GLU A 78 -10.20 -2.30 -2.55
CA GLU A 78 -11.40 -1.51 -2.41
C GLU A 78 -11.93 -1.59 -0.97
N GLY A 79 -12.53 -0.49 -0.51
CA GLY A 79 -13.07 -0.46 0.83
C GLY A 79 -12.38 0.57 1.71
N MET A 80 -13.15 1.25 2.55
CA MET A 80 -12.61 2.25 3.45
C MET A 80 -11.46 1.68 4.27
N ILE A 81 -10.35 2.41 4.33
CA ILE A 81 -9.19 1.97 5.09
C ILE A 81 -8.94 0.48 4.91
N CYS A 82 -9.20 -0.02 3.72
CA CYS A 82 -9.02 -1.43 3.42
C CYS A 82 -7.54 -1.80 3.45
N ASN A 83 -6.68 -0.79 3.36
CA ASN A 83 -5.23 -1.01 3.38
C ASN A 83 -4.70 -0.96 4.80
N VAL A 84 -5.39 -1.61 5.71
CA VAL A 84 -4.98 -1.64 7.12
C VAL A 84 -3.54 -2.12 7.26
N GLU A 85 -3.31 -3.37 6.88
CA GLU A 85 -1.97 -3.95 6.96
C GLU A 85 -1.59 -4.64 5.66
N LEU A 86 -0.30 -4.71 5.39
CA LEU A 86 0.20 -5.35 4.17
C LEU A 86 -0.43 -6.72 3.98
N PRO A 87 -0.47 -7.17 2.71
CA PRO A 87 -1.05 -8.48 2.37
C PRO A 87 -0.20 -9.64 2.87
N THR A 88 -0.52 -10.84 2.40
CA THR A 88 0.22 -12.04 2.81
C THR A 88 0.13 -13.13 1.73
N ASN A 89 0.92 -14.18 1.90
CA ASN A 89 0.93 -15.28 0.95
C ASN A 89 -0.37 -16.08 1.04
N HIS A 90 -1.30 -15.80 0.14
CA HIS A 90 -2.58 -16.50 0.11
C HIS A 90 -3.26 -16.34 -1.24
N THR A 91 -4.42 -16.95 -1.39
CA THR A 91 -5.18 -16.89 -2.63
C THR A 91 -6.30 -15.86 -2.54
N ASN A 92 -6.37 -14.96 -3.53
CA ASN A 92 -7.40 -13.94 -3.56
C ASN A 92 -8.65 -14.43 -4.27
N ALA A 93 -8.53 -14.62 -5.58
CA ALA A 93 -9.66 -15.10 -6.38
C ALA A 93 -9.21 -15.51 -7.77
N VAL A 94 -10.16 -15.94 -8.60
CA VAL A 94 -9.85 -16.37 -9.96
C VAL A 94 -10.33 -15.34 -10.98
N PHE A 95 -11.45 -14.69 -10.68
CA PHE A 95 -12.02 -13.68 -11.57
C PHE A 95 -11.83 -12.28 -10.99
N ALA A 96 -11.93 -11.28 -11.86
CA ALA A 96 -11.78 -9.89 -11.43
C ALA A 96 -13.10 -9.33 -10.91
N MET A 1 -16.83 8.97 0.62
CA MET A 1 -15.56 9.28 1.27
C MET A 1 -15.08 8.10 2.12
N PHE A 2 -13.77 8.00 2.27
CA PHE A 2 -13.18 6.91 3.06
C PHE A 2 -11.78 7.30 3.55
N LYS A 3 -11.40 6.74 4.69
CA LYS A 3 -10.09 7.03 5.28
C LYS A 3 -9.11 5.92 4.95
N CYS A 4 -8.11 6.24 4.12
CA CYS A 4 -7.09 5.27 3.73
C CYS A 4 -5.73 5.66 4.28
N PHE A 5 -4.80 4.70 4.31
CA PHE A 5 -3.46 4.94 4.81
C PHE A 5 -2.54 5.45 3.69
N THR A 6 -2.22 6.73 3.75
CA THR A 6 -1.35 7.34 2.74
C THR A 6 0.04 7.61 3.30
N CYS A 7 0.62 6.60 3.95
CA CYS A 7 1.95 6.72 4.53
C CYS A 7 3.03 6.47 3.48
N GLU A 8 4.17 7.11 3.66
CA GLU A 8 5.28 6.96 2.73
C GLU A 8 6.42 6.15 3.36
N ASN A 9 7.15 6.78 4.26
CA ASN A 9 8.27 6.13 4.94
C ASN A 9 7.81 5.52 6.27
N ALA A 10 7.83 4.20 6.35
CA ALA A 10 7.42 3.51 7.56
C ALA A 10 7.95 2.07 7.58
N GLY A 11 8.63 1.71 8.67
CA GLY A 11 9.17 0.37 8.79
C GLY A 11 8.11 -0.67 9.08
N ASP A 12 7.19 -0.34 9.99
CA ASP A 12 6.12 -1.25 10.36
C ASP A 12 4.76 -0.59 10.16
N ASN A 13 3.71 -1.40 10.13
CA ASN A 13 2.36 -0.90 9.94
C ASN A 13 2.02 0.16 10.98
N TYR A 14 2.49 -0.05 12.21
CA TYR A 14 2.24 0.90 13.29
C TYR A 14 2.68 2.30 12.90
N ASN A 15 3.99 2.49 12.77
CA ASN A 15 4.55 3.78 12.41
C ASN A 15 3.87 4.32 11.14
N CYS A 16 3.60 3.43 10.20
CA CYS A 16 2.96 3.82 8.95
C CYS A 16 1.65 4.57 9.21
N ASN A 17 0.77 3.95 9.98
CA ASN A 17 -0.52 4.56 10.30
C ASN A 17 -0.32 5.89 11.03
N ARG A 18 0.74 5.96 11.82
CA ARG A 18 1.04 7.18 12.57
C ARG A 18 1.63 8.26 11.67
N TRP A 19 2.21 7.83 10.56
CA TRP A 19 2.81 8.75 9.60
C TRP A 19 1.79 9.21 8.57
N ALA A 20 0.86 8.32 8.21
CA ALA A 20 -0.17 8.65 7.25
C ALA A 20 -1.18 9.64 7.83
N GLU A 21 -2.31 9.80 7.14
CA GLU A 21 -3.35 10.71 7.60
C GLU A 21 -4.70 10.02 7.68
N ASP A 22 -5.37 10.16 8.82
CA ASP A 22 -6.67 9.54 9.02
C ASP A 22 -7.80 10.47 8.58
N LYS A 23 -7.78 10.84 7.30
CA LYS A 23 -8.80 11.73 6.75
C LYS A 23 -9.30 11.21 5.40
N TRP A 24 -10.49 11.65 5.02
CA TRP A 24 -11.07 11.23 3.75
C TRP A 24 -10.09 11.42 2.60
N CYS A 25 -10.15 10.53 1.62
CA CYS A 25 -9.26 10.60 0.46
C CYS A 25 -9.72 11.69 -0.51
N PRO A 26 -8.80 12.13 -1.39
CA PRO A 26 -9.09 13.16 -2.38
C PRO A 26 -10.34 12.87 -3.19
N GLN A 27 -10.77 13.83 -3.99
CA GLN A 27 -11.96 13.67 -4.82
C GLN A 27 -11.65 12.85 -6.07
N ASN A 28 -10.43 12.99 -6.57
CA ASN A 28 -10.01 12.27 -7.76
C ASN A 28 -9.35 10.95 -7.40
N THR A 29 -9.98 10.21 -6.48
CA THR A 29 -9.46 8.92 -6.04
C THR A 29 -10.58 7.94 -5.75
N GLN A 30 -10.51 6.77 -6.35
CA GLN A 30 -11.53 5.74 -6.16
C GLN A 30 -10.89 4.40 -5.84
N TYR A 31 -9.62 4.42 -5.42
CA TYR A 31 -8.90 3.20 -5.09
C TYR A 31 -7.84 3.48 -4.03
N CYS A 32 -7.25 2.40 -3.51
CA CYS A 32 -6.21 2.53 -2.49
C CYS A 32 -4.99 1.69 -2.85
N LEU A 33 -3.98 2.34 -3.40
CA LEU A 33 -2.74 1.66 -3.80
C LEU A 33 -2.02 1.10 -2.57
N THR A 34 -1.53 -0.14 -2.71
CA THR A 34 -0.81 -0.79 -1.61
C THR A 34 0.53 -1.32 -2.09
N VAL A 35 1.58 -0.56 -1.82
CA VAL A 35 2.94 -0.95 -2.21
C VAL A 35 3.60 -1.79 -1.13
N HIS A 36 4.31 -2.84 -1.54
CA HIS A 36 5.00 -3.71 -0.60
C HIS A 36 6.49 -3.79 -0.92
N HIS A 37 7.32 -3.28 -0.02
CA HIS A 37 8.76 -3.30 -0.22
C HIS A 37 9.37 -4.57 0.37
N PHE A 38 9.94 -5.40 -0.50
CA PHE A 38 10.56 -6.65 -0.07
C PHE A 38 11.92 -6.83 -0.73
N THR A 39 12.95 -7.00 0.08
CA THR A 39 14.31 -7.18 -0.43
C THR A 39 14.54 -8.62 -0.86
N SER A 40 15.41 -8.81 -1.84
CA SER A 40 15.72 -10.15 -2.35
C SER A 40 16.11 -11.08 -1.21
N HIS A 41 16.84 -10.55 -0.23
CA HIS A 41 17.28 -11.34 0.92
C HIS A 41 17.55 -10.44 2.11
N GLY A 42 16.59 -10.36 3.02
CA GLY A 42 16.74 -9.53 4.20
C GLY A 42 15.44 -9.33 4.95
N ARG A 43 15.47 -9.53 6.26
CA ARG A 43 14.28 -9.36 7.08
C ARG A 43 13.62 -8.01 6.83
N SER A 44 14.44 -7.02 6.49
CA SER A 44 13.94 -5.68 6.22
C SER A 44 12.82 -5.71 5.18
N THR A 45 11.83 -4.83 5.36
CA THR A 45 10.71 -4.76 4.44
C THR A 45 9.88 -3.50 4.69
N SER A 46 10.09 -2.48 3.87
CA SER A 46 9.36 -1.23 4.01
C SER A 46 7.94 -1.36 3.45
N ILE A 47 7.09 -0.40 3.78
CA ILE A 47 5.71 -0.40 3.31
C ILE A 47 5.24 1.01 2.96
N THR A 48 4.48 1.12 1.88
CA THR A 48 3.96 2.41 1.43
C THR A 48 2.62 2.26 0.74
N LYS A 49 1.68 3.13 1.07
CA LYS A 49 0.34 3.09 0.48
C LYS A 49 -0.19 4.50 0.26
N LYS A 50 -1.25 4.62 -0.53
CA LYS A 50 -1.87 5.90 -0.82
C LYS A 50 -3.06 5.74 -1.75
N CYS A 51 -4.01 6.67 -1.66
CA CYS A 51 -5.20 6.62 -2.50
C CYS A 51 -4.84 6.86 -3.97
N ALA A 52 -5.50 6.13 -4.86
CA ALA A 52 -5.25 6.26 -6.29
C ALA A 52 -6.51 5.94 -7.09
N SER A 53 -6.39 6.01 -8.41
CA SER A 53 -7.52 5.74 -9.30
C SER A 53 -7.37 4.37 -9.96
N ARG A 54 -8.34 4.03 -10.81
CA ARG A 54 -8.32 2.75 -11.52
C ARG A 54 -7.20 2.71 -12.54
N SER A 55 -6.95 3.86 -13.19
CA SER A 55 -5.91 3.95 -14.19
C SER A 55 -4.53 4.12 -13.55
N GLU A 56 -4.48 4.94 -12.50
CA GLU A 56 -3.22 5.18 -11.80
C GLU A 56 -2.56 3.86 -11.39
N CYS A 57 -3.37 2.93 -10.92
CA CYS A 57 -2.87 1.62 -10.49
C CYS A 57 -3.26 0.54 -11.49
N HIS A 58 -3.39 0.93 -12.75
CA HIS A 58 -3.76 -0.01 -13.81
C HIS A 58 -2.55 -0.86 -14.21
N PHE A 59 -1.37 -0.26 -14.16
CA PHE A 59 -0.14 -0.97 -14.52
C PHE A 59 0.62 -1.42 -13.28
N VAL A 60 -0.13 -1.84 -12.26
CA VAL A 60 0.47 -2.31 -11.01
C VAL A 60 1.33 -3.54 -11.23
N GLY A 61 1.88 -4.07 -10.15
CA GLY A 61 2.72 -5.25 -10.25
C GLY A 61 4.05 -5.09 -9.52
N CYS A 62 4.88 -6.12 -9.58
CA CYS A 62 6.18 -6.10 -8.92
C CYS A 62 7.25 -5.56 -9.85
N HIS A 63 8.15 -4.74 -9.31
CA HIS A 63 9.23 -4.16 -10.09
C HIS A 63 10.56 -4.27 -9.35
N HIS A 64 11.42 -5.18 -9.81
CA HIS A 64 12.73 -5.38 -9.18
C HIS A 64 13.65 -4.20 -9.48
N SER A 65 14.27 -3.67 -8.43
CA SER A 65 15.17 -2.54 -8.57
C SER A 65 16.29 -2.85 -9.56
N ARG A 66 16.66 -1.86 -10.36
CA ARG A 66 17.71 -2.03 -11.35
C ARG A 66 19.09 -1.95 -10.70
N ASP A 67 19.22 -1.10 -9.70
CA ASP A 67 20.49 -0.93 -8.99
C ASP A 67 20.63 -1.95 -7.87
N SER A 68 19.61 -2.03 -7.02
CA SER A 68 19.62 -2.98 -5.91
C SER A 68 18.82 -4.23 -6.24
N GLU A 69 18.81 -5.18 -5.31
CA GLU A 69 18.08 -6.43 -5.51
C GLU A 69 16.75 -6.41 -4.78
N HIS A 70 16.15 -5.22 -4.69
CA HIS A 70 14.87 -5.07 -4.01
C HIS A 70 13.71 -5.19 -5.00
N THR A 71 12.48 -5.23 -4.47
CA THR A 71 11.30 -5.36 -5.30
C THR A 71 10.12 -4.59 -4.71
N GLU A 72 9.35 -3.94 -5.57
CA GLU A 72 8.19 -3.16 -5.12
C GLU A 72 6.91 -3.68 -5.77
N CYS A 73 6.10 -4.39 -4.97
CA CYS A 73 4.84 -4.94 -5.46
C CYS A 73 3.67 -4.09 -5.02
N ARG A 74 3.03 -3.43 -5.97
CA ARG A 74 1.88 -2.57 -5.67
C ARG A 74 0.59 -3.19 -6.20
N SER A 75 -0.52 -2.85 -5.56
CA SER A 75 -1.82 -3.38 -5.97
C SER A 75 -2.93 -2.38 -5.66
N CYS A 76 -4.17 -2.75 -5.99
CA CYS A 76 -5.32 -1.89 -5.75
C CYS A 76 -6.32 -2.58 -4.83
N CYS A 77 -6.80 -1.84 -3.83
CA CYS A 77 -7.76 -2.38 -2.88
C CYS A 77 -8.93 -1.40 -2.68
N GLU A 78 -10.12 -1.95 -2.51
CA GLU A 78 -11.32 -1.14 -2.32
C GLU A 78 -11.83 -1.27 -0.89
N GLY A 79 -12.41 -0.18 -0.37
CA GLY A 79 -12.94 -0.20 0.98
C GLY A 79 -12.17 0.72 1.90
N MET A 80 -12.88 1.33 2.87
CA MET A 80 -12.25 2.24 3.82
C MET A 80 -11.10 1.55 4.55
N ILE A 81 -9.99 2.25 4.70
CA ILE A 81 -8.83 1.71 5.38
C ILE A 81 -8.60 0.25 5.01
N CYS A 82 -8.85 -0.07 3.74
CA CYS A 82 -8.67 -1.44 3.25
C CYS A 82 -7.22 -1.90 3.42
N ASN A 83 -6.30 -0.95 3.35
CA ASN A 83 -4.88 -1.25 3.48
C ASN A 83 -4.46 -1.22 4.95
N VAL A 84 -5.22 -1.92 5.80
CA VAL A 84 -4.93 -1.98 7.22
C VAL A 84 -3.49 -2.40 7.47
N GLU A 85 -3.19 -3.66 7.17
CA GLU A 85 -1.84 -4.19 7.37
C GLU A 85 -1.23 -4.64 6.04
N LEU A 86 -0.05 -5.24 6.10
CA LEU A 86 0.63 -5.72 4.91
C LEU A 86 -0.30 -6.56 4.05
N PRO A 87 -0.83 -7.64 4.63
CA PRO A 87 -1.74 -8.56 3.93
C PRO A 87 -3.10 -7.92 3.67
N THR A 88 -3.63 -8.14 2.47
CA THR A 88 -4.92 -7.59 2.08
C THR A 88 -6.06 -8.43 2.64
N ASN A 89 -7.24 -7.82 2.75
CA ASN A 89 -8.42 -8.51 3.27
C ASN A 89 -9.70 -7.89 2.73
N HIS A 90 -10.76 -8.70 2.66
CA HIS A 90 -12.05 -8.23 2.15
C HIS A 90 -13.17 -8.62 3.10
N THR A 91 -14.30 -7.91 3.01
CA THR A 91 -15.44 -8.18 3.85
C THR A 91 -16.74 -7.82 3.14
N ASN A 92 -17.78 -8.63 3.37
CA ASN A 92 -19.08 -8.40 2.76
C ASN A 92 -19.89 -7.39 3.56
N ALA A 93 -20.47 -6.41 2.87
CA ALA A 93 -21.27 -5.38 3.52
C ALA A 93 -22.76 -5.68 3.39
N VAL A 94 -23.47 -5.62 4.52
CA VAL A 94 -24.90 -5.89 4.52
C VAL A 94 -25.64 -4.86 5.36
N PHE A 95 -26.80 -4.41 4.86
CA PHE A 95 -27.61 -3.42 5.56
C PHE A 95 -29.07 -3.85 5.58
N ALA A 96 -29.88 -3.11 6.34
CA ALA A 96 -31.30 -3.40 6.45
C ALA A 96 -32.06 -2.87 5.23
N MET A 1 -15.71 10.01 1.41
CA MET A 1 -15.21 10.54 2.67
C MET A 1 -14.44 9.49 3.45
N PHE A 2 -14.10 8.39 2.78
CA PHE A 2 -13.37 7.30 3.41
C PHE A 2 -11.93 7.72 3.71
N LYS A 3 -11.31 7.03 4.66
CA LYS A 3 -9.94 7.33 5.05
C LYS A 3 -9.01 6.17 4.70
N CYS A 4 -7.90 6.48 4.05
CA CYS A 4 -6.93 5.47 3.66
C CYS A 4 -5.53 5.81 4.18
N PHE A 5 -4.67 4.81 4.26
CA PHE A 5 -3.31 5.01 4.75
C PHE A 5 -2.41 5.54 3.63
N THR A 6 -2.07 6.81 3.70
CA THR A 6 -1.21 7.43 2.70
C THR A 6 0.19 7.69 3.25
N CYS A 7 0.76 6.67 3.87
CA CYS A 7 2.09 6.77 4.44
C CYS A 7 3.17 6.51 3.38
N GLU A 8 4.37 7.03 3.63
CA GLU A 8 5.48 6.84 2.70
C GLU A 8 6.49 5.84 3.24
N ASN A 9 7.30 6.28 4.19
CA ASN A 9 8.32 5.42 4.79
C ASN A 9 7.89 4.97 6.18
N ALA A 10 7.58 3.68 6.31
CA ALA A 10 7.16 3.12 7.60
C ALA A 10 7.74 1.74 7.81
N GLY A 11 8.50 1.58 8.89
CA GLY A 11 9.12 0.29 9.18
C GLY A 11 8.09 -0.76 9.56
N ASP A 12 7.00 -0.33 10.18
CA ASP A 12 5.95 -1.23 10.61
C ASP A 12 4.56 -0.63 10.35
N ASN A 13 3.56 -1.48 10.20
CA ASN A 13 2.20 -1.04 9.95
C ASN A 13 1.78 0.02 10.97
N TYR A 14 2.13 -0.21 12.23
CA TYR A 14 1.79 0.73 13.30
C TYR A 14 2.29 2.13 12.97
N ASN A 15 3.58 2.24 12.66
CA ASN A 15 4.17 3.53 12.33
C ASN A 15 3.45 4.18 11.15
N CYS A 16 3.20 3.39 10.12
CA CYS A 16 2.51 3.89 8.93
C CYS A 16 1.22 4.60 9.31
N ASN A 17 0.55 4.10 10.34
CA ASN A 17 -0.70 4.69 10.80
C ASN A 17 -0.45 6.04 11.47
N ARG A 18 0.55 6.08 12.35
CA ARG A 18 0.89 7.31 13.05
C ARG A 18 1.32 8.40 12.08
N TRP A 19 1.81 7.98 10.91
CA TRP A 19 2.25 8.93 9.89
C TRP A 19 1.09 9.33 8.98
N ALA A 20 0.48 8.34 8.34
CA ALA A 20 -0.64 8.59 7.44
C ALA A 20 -1.87 9.04 8.21
N GLU A 21 -2.16 10.33 8.15
CA GLU A 21 -3.32 10.89 8.86
C GLU A 21 -4.61 10.28 8.34
N ASP A 22 -5.61 10.18 9.22
CA ASP A 22 -6.89 9.62 8.85
C ASP A 22 -7.84 10.70 8.33
N LYS A 23 -7.52 11.24 7.15
CA LYS A 23 -8.33 12.29 6.54
C LYS A 23 -8.92 11.81 5.22
N TRP A 24 -10.02 12.44 4.82
CA TRP A 24 -10.68 12.08 3.56
C TRP A 24 -9.70 12.10 2.40
N CYS A 25 -9.84 11.13 1.50
CA CYS A 25 -8.96 11.03 0.35
C CYS A 25 -9.39 12.00 -0.76
N PRO A 26 -8.48 12.25 -1.71
CA PRO A 26 -8.75 13.15 -2.84
C PRO A 26 -10.05 12.81 -3.56
N GLN A 27 -10.49 13.70 -4.43
CA GLN A 27 -11.72 13.50 -5.20
C GLN A 27 -11.46 12.58 -6.39
N ASN A 28 -10.28 12.70 -6.98
CA ASN A 28 -9.91 11.89 -8.14
C ASN A 28 -9.32 10.56 -7.69
N THR A 29 -10.03 9.87 -6.80
CA THR A 29 -9.57 8.58 -6.29
C THR A 29 -10.75 7.69 -5.91
N GLN A 30 -10.60 6.38 -6.12
CA GLN A 30 -11.66 5.43 -5.80
C GLN A 30 -11.06 4.08 -5.41
N TYR A 31 -9.77 4.07 -5.11
CA TYR A 31 -9.09 2.85 -4.73
C TYR A 31 -7.97 3.13 -3.73
N CYS A 32 -7.48 2.08 -3.08
CA CYS A 32 -6.42 2.22 -2.09
C CYS A 32 -5.16 1.48 -2.53
N LEU A 33 -4.27 2.19 -3.21
CA LEU A 33 -3.03 1.60 -3.69
C LEU A 33 -2.20 1.04 -2.54
N THR A 34 -1.46 -0.03 -2.80
CA THR A 34 -0.63 -0.67 -1.80
C THR A 34 0.69 -1.13 -2.38
N VAL A 35 1.74 -0.34 -2.17
CA VAL A 35 3.07 -0.67 -2.68
C VAL A 35 3.87 -1.47 -1.65
N HIS A 36 4.57 -2.49 -2.12
CA HIS A 36 5.38 -3.34 -1.24
C HIS A 36 6.83 -3.39 -1.72
N HIS A 37 7.75 -3.02 -0.84
CA HIS A 37 9.18 -3.03 -1.17
C HIS A 37 9.80 -4.39 -0.86
N PHE A 38 9.73 -5.31 -1.81
CA PHE A 38 10.28 -6.64 -1.64
C PHE A 38 11.69 -6.72 -2.21
N THR A 39 12.55 -7.50 -1.56
CA THR A 39 13.93 -7.67 -2.00
C THR A 39 14.35 -9.13 -1.97
N SER A 40 15.13 -9.54 -2.97
CA SER A 40 15.60 -10.92 -3.06
C SER A 40 16.25 -11.36 -1.75
N HIS A 41 17.18 -10.54 -1.25
CA HIS A 41 17.87 -10.84 0.00
C HIS A 41 17.56 -9.80 1.06
N GLY A 42 17.61 -10.21 2.32
CA GLY A 42 17.33 -9.29 3.42
C GLY A 42 16.01 -8.57 3.23
N ARG A 43 14.91 -9.30 3.40
CA ARG A 43 13.59 -8.71 3.25
C ARG A 43 13.45 -7.45 4.10
N SER A 44 13.48 -6.30 3.44
CA SER A 44 13.35 -5.02 4.13
C SER A 44 11.92 -4.77 4.58
N THR A 45 11.75 -3.86 5.53
CA THR A 45 10.43 -3.53 6.04
C THR A 45 9.90 -2.24 5.42
N SER A 46 10.28 -1.99 4.18
CA SER A 46 9.85 -0.79 3.47
C SER A 46 8.44 -0.96 2.92
N ILE A 47 7.52 -0.13 3.41
CA ILE A 47 6.13 -0.19 2.96
C ILE A 47 5.60 1.20 2.62
N THR A 48 4.75 1.27 1.60
CA THR A 48 4.17 2.54 1.17
C THR A 48 2.80 2.33 0.57
N LYS A 49 1.83 3.13 1.01
CA LYS A 49 0.46 3.05 0.51
C LYS A 49 -0.14 4.44 0.33
N LYS A 50 -1.25 4.51 -0.40
CA LYS A 50 -1.93 5.77 -0.65
C LYS A 50 -3.17 5.57 -1.50
N CYS A 51 -4.01 6.60 -1.58
CA CYS A 51 -5.24 6.53 -2.37
C CYS A 51 -4.94 6.68 -3.85
N ALA A 52 -5.66 5.93 -4.68
CA ALA A 52 -5.46 5.99 -6.12
C ALA A 52 -6.77 5.68 -6.85
N SER A 53 -6.66 5.45 -8.16
CA SER A 53 -7.83 5.15 -8.98
C SER A 53 -7.53 4.06 -9.99
N ARG A 54 -8.56 3.60 -10.70
CA ARG A 54 -8.39 2.55 -11.71
C ARG A 54 -7.33 2.95 -12.73
N SER A 55 -7.23 4.24 -13.00
CA SER A 55 -6.26 4.74 -13.96
C SER A 55 -4.88 4.86 -13.34
N GLU A 56 -4.80 5.55 -12.20
CA GLU A 56 -3.54 5.74 -11.51
C GLU A 56 -2.85 4.40 -11.26
N CYS A 57 -3.63 3.41 -10.85
CA CYS A 57 -3.10 2.07 -10.58
C CYS A 57 -3.52 1.09 -11.67
N HIS A 58 -3.67 1.59 -12.89
CA HIS A 58 -4.08 0.76 -14.02
C HIS A 58 -2.93 -0.16 -14.45
N PHE A 59 -1.71 0.38 -14.41
CA PHE A 59 -0.54 -0.39 -14.79
C PHE A 59 0.25 -0.86 -13.57
N VAL A 60 -0.45 -1.56 -12.68
CA VAL A 60 0.17 -2.08 -11.46
C VAL A 60 0.93 -3.37 -11.73
N GLY A 61 1.49 -3.95 -10.67
CA GLY A 61 2.23 -5.20 -10.82
C GLY A 61 3.60 -5.13 -10.18
N CYS A 62 4.45 -6.10 -10.49
CA CYS A 62 5.80 -6.14 -9.94
C CYS A 62 6.81 -5.59 -10.93
N HIS A 63 7.81 -4.88 -10.42
CA HIS A 63 8.85 -4.30 -11.26
C HIS A 63 10.23 -4.79 -10.83
N HIS A 64 10.84 -5.63 -11.67
CA HIS A 64 12.16 -6.18 -11.38
C HIS A 64 13.26 -5.18 -11.79
N SER A 65 14.01 -4.72 -10.80
CA SER A 65 15.09 -3.77 -11.06
C SER A 65 16.31 -4.46 -11.65
N ARG A 66 16.94 -3.82 -12.63
CA ARG A 66 18.11 -4.38 -13.29
C ARG A 66 19.36 -4.16 -12.44
N ASP A 67 19.43 -3.00 -11.79
CA ASP A 67 20.56 -2.66 -10.95
C ASP A 67 20.60 -3.53 -9.69
N SER A 68 19.50 -3.51 -8.95
CA SER A 68 19.40 -4.30 -7.71
C SER A 68 18.63 -5.60 -7.96
N GLU A 69 18.67 -6.49 -6.98
CA GLU A 69 17.97 -7.77 -7.09
C GLU A 69 16.65 -7.73 -6.32
N HIS A 70 16.11 -6.54 -6.15
CA HIS A 70 14.85 -6.36 -5.43
C HIS A 70 13.70 -6.15 -6.41
N THR A 71 12.47 -6.33 -5.92
CA THR A 71 11.29 -6.15 -6.75
C THR A 71 10.22 -5.35 -6.02
N GLU A 72 9.53 -4.48 -6.74
CA GLU A 72 8.49 -3.66 -6.16
C GLU A 72 7.12 -4.03 -6.73
N CYS A 73 6.26 -4.59 -5.87
CA CYS A 73 4.92 -4.99 -6.29
C CYS A 73 3.86 -4.08 -5.67
N ARG A 74 2.86 -3.74 -6.46
CA ARG A 74 1.77 -2.87 -6.00
C ARG A 74 0.43 -3.34 -6.55
N SER A 75 -0.63 -3.13 -5.78
CA SER A 75 -1.97 -3.52 -6.19
C SER A 75 -3.01 -2.52 -5.70
N CYS A 76 -4.25 -2.69 -6.16
CA CYS A 76 -5.33 -1.80 -5.77
C CYS A 76 -6.36 -2.54 -4.92
N CYS A 77 -6.52 -2.10 -3.68
CA CYS A 77 -7.47 -2.71 -2.76
C CYS A 77 -8.65 -1.78 -2.49
N GLU A 78 -9.84 -2.36 -2.36
CA GLU A 78 -11.05 -1.57 -2.11
C GLU A 78 -11.42 -1.61 -0.62
N GLY A 79 -12.22 -0.64 -0.19
CA GLY A 79 -12.63 -0.59 1.20
C GLY A 79 -11.89 0.47 1.98
N MET A 80 -12.58 1.15 2.89
CA MET A 80 -11.98 2.19 3.70
C MET A 80 -10.77 1.65 4.46
N ILE A 81 -9.66 2.38 4.40
CA ILE A 81 -8.44 1.97 5.09
C ILE A 81 -8.20 0.46 4.94
N CYS A 82 -8.64 -0.09 3.81
CA CYS A 82 -8.48 -1.51 3.55
C CYS A 82 -7.00 -1.91 3.59
N ASN A 83 -6.13 -0.95 3.29
CA ASN A 83 -4.70 -1.19 3.30
C ASN A 83 -4.14 -1.16 4.72
N VAL A 84 -4.72 -1.97 5.60
CA VAL A 84 -4.28 -2.03 6.98
C VAL A 84 -2.94 -2.74 7.11
N GLU A 85 -2.94 -4.06 6.93
CA GLU A 85 -1.73 -4.85 7.02
C GLU A 85 -1.07 -5.00 5.65
N LEU A 86 0.26 -5.05 5.64
CA LEU A 86 1.01 -5.19 4.39
C LEU A 86 0.61 -6.46 3.65
N PRO A 87 0.79 -6.46 2.32
CA PRO A 87 0.46 -7.60 1.48
C PRO A 87 1.39 -8.79 1.71
N THR A 88 0.91 -9.98 1.37
CA THR A 88 1.71 -11.20 1.55
C THR A 88 2.35 -11.62 0.24
N ASN A 89 3.56 -12.17 0.32
CA ASN A 89 4.28 -12.62 -0.86
C ASN A 89 4.06 -14.11 -1.10
N HIS A 90 3.91 -14.49 -2.36
CA HIS A 90 3.69 -15.88 -2.73
C HIS A 90 4.21 -16.16 -4.13
N THR A 91 5.07 -17.18 -4.25
CA THR A 91 5.65 -17.55 -5.53
C THR A 91 5.79 -19.07 -5.65
N ASN A 92 5.52 -19.58 -6.85
CA ASN A 92 5.62 -21.02 -7.10
C ASN A 92 6.21 -21.29 -8.48
N ALA A 93 7.48 -21.68 -8.50
CA ALA A 93 8.16 -21.98 -9.76
C ALA A 93 7.78 -23.37 -10.27
N VAL A 94 7.97 -24.38 -9.42
CA VAL A 94 7.66 -25.75 -9.79
C VAL A 94 6.47 -26.28 -8.98
N PHE A 95 5.63 -27.07 -9.63
CA PHE A 95 4.46 -27.65 -8.97
C PHE A 95 4.75 -29.06 -8.48
N ALA A 96 4.08 -29.45 -7.39
CA ALA A 96 4.27 -30.78 -6.81
C ALA A 96 3.58 -31.84 -7.67
N MET A 1 -17.04 9.28 1.16
CA MET A 1 -15.59 9.31 1.32
C MET A 1 -15.13 8.29 2.37
N PHE A 2 -13.84 8.00 2.37
CA PHE A 2 -13.27 7.05 3.31
C PHE A 2 -11.88 7.48 3.77
N LYS A 3 -11.36 6.80 4.78
CA LYS A 3 -10.04 7.11 5.31
C LYS A 3 -9.05 5.98 4.98
N CYS A 4 -8.01 6.33 4.21
CA CYS A 4 -7.00 5.35 3.82
C CYS A 4 -5.64 5.73 4.40
N PHE A 5 -4.73 4.76 4.45
CA PHE A 5 -3.40 4.98 4.98
C PHE A 5 -2.45 5.46 3.89
N THR A 6 -2.32 6.78 3.76
CA THR A 6 -1.45 7.36 2.76
C THR A 6 -0.06 7.65 3.32
N CYS A 7 0.56 6.63 3.92
CA CYS A 7 1.88 6.77 4.51
C CYS A 7 2.96 6.58 3.45
N GLU A 8 4.11 7.23 3.67
CA GLU A 8 5.22 7.14 2.73
C GLU A 8 6.31 6.21 3.27
N ASN A 9 7.07 6.70 4.24
CA ASN A 9 8.14 5.92 4.84
C ASN A 9 7.73 5.36 6.19
N ALA A 10 7.62 4.04 6.28
CA ALA A 10 7.23 3.39 7.52
C ALA A 10 7.86 2.00 7.63
N GLY A 11 8.59 1.78 8.72
CA GLY A 11 9.23 0.49 8.93
C GLY A 11 8.24 -0.60 9.30
N ASP A 12 7.20 -0.23 10.03
CA ASP A 12 6.18 -1.18 10.44
C ASP A 12 4.78 -0.62 10.20
N ASN A 13 3.81 -1.52 10.03
CA ASN A 13 2.43 -1.12 9.79
C ASN A 13 1.97 -0.10 10.83
N TYR A 14 2.45 -0.26 12.05
CA TYR A 14 2.08 0.64 13.14
C TYR A 14 2.54 2.07 12.85
N ASN A 15 3.84 2.23 12.66
CA ASN A 15 4.41 3.55 12.37
C ASN A 15 3.68 4.22 11.21
N CYS A 16 3.37 3.43 10.18
CA CYS A 16 2.66 3.94 9.01
C CYS A 16 1.39 4.66 9.42
N ASN A 17 0.54 3.98 10.19
CA ASN A 17 -0.72 4.56 10.64
C ASN A 17 -0.47 5.84 11.42
N ARG A 18 0.63 5.87 12.16
CA ARG A 18 0.98 7.04 12.97
C ARG A 18 1.27 8.25 12.07
N TRP A 19 1.77 7.97 10.86
CA TRP A 19 2.09 9.03 9.91
C TRP A 19 0.88 9.37 9.04
N ALA A 20 0.37 8.36 8.34
CA ALA A 20 -0.78 8.55 7.47
C ALA A 20 -1.99 9.05 8.25
N GLU A 21 -2.21 10.37 8.23
CA GLU A 21 -3.32 10.97 8.94
C GLU A 21 -4.63 10.29 8.57
N ASP A 22 -5.60 10.34 9.49
CA ASP A 22 -6.90 9.73 9.27
C ASP A 22 -7.86 10.72 8.62
N LYS A 23 -7.56 11.12 7.39
CA LYS A 23 -8.41 12.06 6.67
C LYS A 23 -9.03 11.40 5.43
N TRP A 24 -9.96 12.09 4.80
CA TRP A 24 -10.63 11.58 3.62
C TRP A 24 -9.67 11.54 2.42
N CYS A 25 -9.95 10.64 1.48
CA CYS A 25 -9.10 10.50 0.30
C CYS A 25 -9.37 11.63 -0.70
N PRO A 26 -8.45 11.81 -1.65
CA PRO A 26 -8.56 12.84 -2.68
C PRO A 26 -9.87 12.74 -3.46
N GLN A 27 -10.21 13.82 -4.17
CA GLN A 27 -11.43 13.85 -4.97
C GLN A 27 -11.27 13.05 -6.26
N ASN A 28 -10.07 13.09 -6.83
CA ASN A 28 -9.78 12.37 -8.06
C ASN A 28 -9.25 10.97 -7.76
N THR A 29 -9.90 10.28 -6.82
CA THR A 29 -9.49 8.93 -6.45
C THR A 29 -10.69 8.11 -5.96
N GLN A 30 -10.61 6.81 -6.17
CA GLN A 30 -11.69 5.91 -5.76
C GLN A 30 -11.15 4.53 -5.41
N TYR A 31 -9.84 4.46 -5.18
CA TYR A 31 -9.19 3.19 -4.84
C TYR A 31 -8.01 3.42 -3.90
N CYS A 32 -7.45 2.33 -3.39
CA CYS A 32 -6.31 2.41 -2.48
C CYS A 32 -5.23 1.41 -2.88
N LEU A 33 -4.02 1.93 -3.12
CA LEU A 33 -2.90 1.08 -3.51
C LEU A 33 -2.03 0.74 -2.31
N THR A 34 -1.33 -0.39 -2.38
CA THR A 34 -0.46 -0.83 -1.30
C THR A 34 0.84 -1.41 -1.84
N VAL A 35 1.93 -0.66 -1.66
CA VAL A 35 3.24 -1.10 -2.12
C VAL A 35 3.99 -1.84 -1.03
N HIS A 36 4.73 -2.88 -1.42
CA HIS A 36 5.50 -3.67 -0.46
C HIS A 36 6.91 -3.91 -0.98
N HIS A 37 7.90 -3.51 -0.18
CA HIS A 37 9.30 -3.67 -0.55
C HIS A 37 9.84 -5.02 -0.08
N PHE A 38 9.81 -6.01 -0.96
CA PHE A 38 10.29 -7.35 -0.62
C PHE A 38 11.75 -7.52 -1.04
N THR A 39 12.63 -7.60 -0.05
CA THR A 39 14.06 -7.77 -0.31
C THR A 39 14.39 -9.21 -0.69
N SER A 40 15.32 -9.38 -1.62
CA SER A 40 15.72 -10.70 -2.07
C SER A 40 16.17 -11.57 -0.90
N HIS A 41 16.82 -10.94 0.07
CA HIS A 41 17.30 -11.65 1.25
C HIS A 41 17.34 -10.73 2.47
N GLY A 42 16.32 -10.81 3.31
CA GLY A 42 16.26 -9.97 4.49
C GLY A 42 14.87 -9.90 5.08
N ARG A 43 14.79 -9.65 6.38
CA ARG A 43 13.51 -9.55 7.07
C ARG A 43 12.85 -8.20 6.82
N SER A 44 13.68 -7.15 6.75
CA SER A 44 13.18 -5.80 6.52
C SER A 44 12.26 -5.76 5.30
N THR A 45 11.26 -4.89 5.35
CA THR A 45 10.31 -4.75 4.25
C THR A 45 9.57 -3.42 4.32
N SER A 46 10.03 -2.45 3.54
CA SER A 46 9.41 -1.13 3.53
C SER A 46 7.93 -1.22 3.15
N ILE A 47 7.17 -0.20 3.50
CA ILE A 47 5.75 -0.16 3.21
C ILE A 47 5.29 1.24 2.83
N THR A 48 4.55 1.35 1.74
CA THR A 48 4.05 2.64 1.26
C THR A 48 2.73 2.47 0.52
N LYS A 49 1.74 3.26 0.90
CA LYS A 49 0.42 3.21 0.27
C LYS A 49 -0.14 4.61 0.08
N LYS A 50 -1.25 4.71 -0.65
CA LYS A 50 -1.89 5.99 -0.91
C LYS A 50 -3.13 5.80 -1.78
N CYS A 51 -4.05 6.76 -1.68
CA CYS A 51 -5.28 6.70 -2.46
C CYS A 51 -5.00 6.93 -3.94
N ALA A 52 -5.75 6.23 -4.80
CA ALA A 52 -5.58 6.36 -6.24
C ALA A 52 -6.87 6.05 -6.97
N SER A 53 -6.75 5.65 -8.23
CA SER A 53 -7.92 5.33 -9.05
C SER A 53 -7.68 4.06 -9.87
N ARG A 54 -8.57 3.79 -10.82
CA ARG A 54 -8.46 2.62 -11.67
C ARG A 54 -7.40 2.83 -12.75
N SER A 55 -7.30 4.06 -13.23
CA SER A 55 -6.33 4.40 -14.28
C SER A 55 -4.93 4.54 -13.68
N GLU A 56 -4.86 5.09 -12.48
CA GLU A 56 -3.58 5.29 -11.81
C GLU A 56 -2.92 3.95 -11.48
N CYS A 57 -3.74 2.99 -11.05
CA CYS A 57 -3.25 1.66 -10.71
C CYS A 57 -3.48 0.68 -11.85
N HIS A 58 -3.78 1.21 -13.03
CA HIS A 58 -4.03 0.38 -14.20
C HIS A 58 -2.76 -0.38 -14.61
N PHE A 59 -1.61 0.24 -14.37
CA PHE A 59 -0.33 -0.37 -14.71
C PHE A 59 0.43 -0.76 -13.45
N VAL A 60 -0.23 -1.50 -12.57
CA VAL A 60 0.39 -1.95 -11.32
C VAL A 60 1.25 -3.18 -11.56
N GLY A 61 1.82 -3.71 -10.47
CA GLY A 61 2.66 -4.88 -10.57
C GLY A 61 3.92 -4.77 -9.74
N CYS A 62 4.98 -5.44 -10.17
CA CYS A 62 6.25 -5.42 -9.45
C CYS A 62 7.33 -4.73 -10.28
N HIS A 63 8.30 -4.14 -9.60
CA HIS A 63 9.40 -3.44 -10.27
C HIS A 63 10.74 -3.77 -9.62
N HIS A 64 11.43 -4.76 -10.17
CA HIS A 64 12.73 -5.17 -9.63
C HIS A 64 13.75 -4.06 -9.78
N SER A 65 14.54 -3.83 -8.73
CA SER A 65 15.55 -2.79 -8.75
C SER A 65 16.85 -3.31 -9.38
N ARG A 66 17.50 -2.44 -10.15
CA ARG A 66 18.75 -2.81 -10.82
C ARG A 66 19.93 -2.70 -9.86
N ASP A 67 19.95 -1.63 -9.07
CA ASP A 67 21.03 -1.42 -8.11
C ASP A 67 20.94 -2.42 -6.96
N SER A 68 19.77 -2.50 -6.34
CA SER A 68 19.55 -3.41 -5.22
C SER A 68 18.84 -4.68 -5.69
N GLU A 69 18.76 -5.67 -4.81
CA GLU A 69 18.12 -6.93 -5.12
C GLU A 69 16.70 -6.97 -4.54
N HIS A 70 16.09 -5.80 -4.40
CA HIS A 70 14.73 -5.70 -3.86
C HIS A 70 13.71 -5.54 -4.97
N THR A 71 12.44 -5.63 -4.61
CA THR A 71 11.36 -5.49 -5.59
C THR A 71 10.21 -4.66 -5.01
N GLU A 72 9.61 -3.83 -5.86
CA GLU A 72 8.50 -2.98 -5.45
C GLU A 72 7.19 -3.45 -6.07
N CYS A 73 6.41 -4.19 -5.29
CA CYS A 73 5.13 -4.71 -5.76
C CYS A 73 3.98 -3.88 -5.21
N ARG A 74 3.17 -3.32 -6.12
CA ARG A 74 2.03 -2.50 -5.72
C ARG A 74 0.73 -3.07 -6.30
N SER A 75 -0.31 -3.08 -5.48
CA SER A 75 -1.62 -3.59 -5.91
C SER A 75 -2.75 -2.68 -5.44
N CYS A 76 -3.90 -2.82 -6.07
CA CYS A 76 -5.06 -2.01 -5.73
C CYS A 76 -5.95 -2.73 -4.72
N CYS A 77 -6.70 -1.96 -3.94
CA CYS A 77 -7.59 -2.52 -2.93
C CYS A 77 -8.84 -1.67 -2.77
N GLU A 78 -9.95 -2.30 -2.40
CA GLU A 78 -11.21 -1.59 -2.20
C GLU A 78 -11.64 -1.63 -0.75
N GLY A 79 -12.33 -0.59 -0.32
CA GLY A 79 -12.79 -0.51 1.06
C GLY A 79 -12.02 0.51 1.87
N MET A 80 -12.72 1.21 2.76
CA MET A 80 -12.10 2.21 3.60
C MET A 80 -10.94 1.62 4.40
N ILE A 81 -9.82 2.34 4.44
CA ILE A 81 -8.65 1.88 5.18
C ILE A 81 -8.37 0.41 4.90
N CYS A 82 -8.77 -0.05 3.72
CA CYS A 82 -8.56 -1.44 3.33
C CYS A 82 -7.10 -1.85 3.51
N ASN A 83 -6.20 -0.87 3.38
CA ASN A 83 -4.77 -1.14 3.52
C ASN A 83 -4.36 -1.10 4.98
N VAL A 84 -5.04 -1.88 5.80
CA VAL A 84 -4.75 -1.93 7.23
C VAL A 84 -3.32 -2.38 7.47
N GLU A 85 -3.04 -3.65 7.20
CA GLU A 85 -1.71 -4.21 7.39
C GLU A 85 -1.32 -5.09 6.21
N LEU A 86 -0.17 -5.76 6.32
CA LEU A 86 0.32 -6.63 5.27
C LEU A 86 -0.77 -7.60 4.81
N PRO A 87 -0.62 -8.12 3.58
CA PRO A 87 -1.57 -9.06 3.00
C PRO A 87 -1.55 -10.43 3.69
N THR A 88 -2.39 -10.59 4.70
CA THR A 88 -2.47 -11.85 5.44
C THR A 88 -3.64 -12.70 4.97
N ASN A 89 -3.73 -13.92 5.50
CA ASN A 89 -4.80 -14.83 5.14
C ASN A 89 -6.14 -14.35 5.69
N HIS A 90 -7.20 -15.11 5.41
CA HIS A 90 -8.53 -14.75 5.88
C HIS A 90 -8.60 -14.77 7.41
N THR A 91 -8.55 -15.97 7.98
CA THR A 91 -8.59 -16.13 9.43
C THR A 91 -7.66 -17.22 9.90
N ASN A 92 -6.74 -16.88 10.79
CA ASN A 92 -5.78 -17.84 11.32
C ASN A 92 -6.22 -18.35 12.69
N ALA A 93 -6.80 -17.45 13.49
CA ALA A 93 -7.26 -17.80 14.83
C ALA A 93 -8.58 -17.13 15.15
N VAL A 94 -9.09 -17.36 16.36
CA VAL A 94 -10.35 -16.77 16.78
C VAL A 94 -10.12 -15.52 17.63
N PHE A 95 -9.06 -15.55 18.43
CA PHE A 95 -8.73 -14.43 19.30
C PHE A 95 -7.66 -13.55 18.66
N ALA A 96 -7.45 -12.37 19.24
CA ALA A 96 -6.45 -11.43 18.73
C ALA A 96 -5.04 -11.86 19.13
N MET A 1 -15.46 9.95 0.62
CA MET A 1 -15.11 10.49 1.93
C MET A 1 -14.46 9.42 2.80
N PHE A 2 -14.06 8.31 2.18
CA PHE A 2 -13.43 7.21 2.90
C PHE A 2 -12.04 7.61 3.38
N LYS A 3 -11.54 6.89 4.37
CA LYS A 3 -10.21 7.15 4.93
C LYS A 3 -9.24 6.04 4.56
N CYS A 4 -8.13 6.42 3.93
CA CYS A 4 -7.11 5.46 3.53
C CYS A 4 -5.75 5.82 4.14
N PHE A 5 -4.83 4.86 4.10
CA PHE A 5 -3.49 5.09 4.64
C PHE A 5 -2.56 5.66 3.59
N THR A 6 -2.14 6.91 3.80
CA THR A 6 -1.24 7.58 2.86
C THR A 6 0.15 7.76 3.46
N CYS A 7 0.70 6.68 4.00
CA CYS A 7 2.02 6.71 4.61
C CYS A 7 3.10 6.57 3.55
N GLU A 8 4.29 7.10 3.84
CA GLU A 8 5.41 7.03 2.91
C GLU A 8 6.62 6.35 3.56
N ASN A 9 7.29 7.09 4.45
CA ASN A 9 8.46 6.56 5.15
C ASN A 9 8.10 6.11 6.56
N ALA A 10 7.72 4.85 6.70
CA ALA A 10 7.36 4.31 8.00
C ALA A 10 8.27 3.14 8.38
N GLY A 11 8.36 2.15 7.49
CA GLY A 11 9.19 1.00 7.76
C GLY A 11 8.43 -0.14 8.39
N ASP A 12 7.44 0.20 9.21
CA ASP A 12 6.63 -0.81 9.89
C ASP A 12 5.15 -0.44 9.82
N ASN A 13 4.29 -1.46 9.78
CA ASN A 13 2.86 -1.25 9.71
C ASN A 13 2.40 -0.27 10.78
N TYR A 14 2.88 -0.47 12.01
CA TYR A 14 2.52 0.40 13.12
C TYR A 14 2.92 1.84 12.84
N ASN A 15 4.10 2.02 12.26
CA ASN A 15 4.60 3.35 11.94
C ASN A 15 3.80 3.97 10.80
N CYS A 16 3.45 3.16 9.81
CA CYS A 16 2.68 3.63 8.66
C CYS A 16 1.40 4.34 9.12
N ASN A 17 0.74 3.77 10.11
CA ASN A 17 -0.49 4.34 10.64
C ASN A 17 -0.20 5.59 11.46
N ARG A 18 0.91 5.57 12.19
CA ARG A 18 1.31 6.70 13.02
C ARG A 18 1.44 7.97 12.20
N TRP A 19 1.85 7.81 10.94
CA TRP A 19 2.01 8.94 10.04
C TRP A 19 0.73 9.23 9.28
N ALA A 20 0.21 8.22 8.59
CA ALA A 20 -1.03 8.36 7.84
C ALA A 20 -2.25 8.31 8.75
N GLU A 21 -2.86 9.48 8.97
CA GLU A 21 -4.04 9.57 9.83
C GLU A 21 -5.31 9.23 9.05
N ASP A 22 -6.45 9.35 9.72
CA ASP A 22 -7.73 9.06 9.08
C ASP A 22 -8.30 10.29 8.39
N LYS A 23 -7.75 10.61 7.22
CA LYS A 23 -8.20 11.76 6.46
C LYS A 23 -8.90 11.33 5.18
N TRP A 24 -9.90 12.08 4.77
CA TRP A 24 -10.65 11.78 3.55
C TRP A 24 -9.75 11.82 2.33
N CYS A 25 -9.97 10.91 1.39
CA CYS A 25 -9.18 10.84 0.18
C CYS A 25 -9.64 11.89 -0.85
N PRO A 26 -8.77 12.19 -1.81
CA PRO A 26 -9.07 13.17 -2.87
C PRO A 26 -10.25 12.75 -3.73
N GLN A 27 -10.67 13.63 -4.63
CA GLN A 27 -11.79 13.35 -5.52
C GLN A 27 -11.34 12.50 -6.71
N ASN A 28 -10.10 12.68 -7.13
CA ASN A 28 -9.55 11.93 -8.25
C ASN A 28 -9.00 10.59 -7.78
N THR A 29 -9.80 9.86 -7.02
CA THR A 29 -9.39 8.55 -6.51
C THR A 29 -10.60 7.65 -6.27
N GLN A 30 -10.40 6.35 -6.44
CA GLN A 30 -11.48 5.39 -6.23
C GLN A 30 -10.92 4.05 -5.77
N TYR A 31 -9.68 4.06 -5.28
CA TYR A 31 -9.04 2.83 -4.80
C TYR A 31 -8.00 3.16 -3.73
N CYS A 32 -7.47 2.12 -3.10
CA CYS A 32 -6.48 2.28 -2.05
C CYS A 32 -5.17 1.60 -2.42
N LEU A 33 -4.21 2.39 -2.93
CA LEU A 33 -2.92 1.86 -3.33
C LEU A 33 -2.21 1.20 -2.15
N THR A 34 -1.71 -0.01 -2.37
CA THR A 34 -1.01 -0.74 -1.32
C THR A 34 0.32 -1.29 -1.84
N VAL A 35 1.39 -0.54 -1.59
CA VAL A 35 2.72 -0.95 -2.02
C VAL A 35 3.42 -1.79 -0.95
N HIS A 36 3.94 -2.93 -1.36
CA HIS A 36 4.64 -3.82 -0.43
C HIS A 36 6.10 -4.00 -0.84
N HIS A 37 7.01 -3.53 0.00
CA HIS A 37 8.43 -3.64 -0.27
C HIS A 37 9.00 -4.94 0.30
N PHE A 38 9.33 -5.87 -0.59
CA PHE A 38 9.88 -7.16 -0.17
C PHE A 38 11.30 -7.34 -0.68
N THR A 39 12.26 -7.33 0.23
CA THR A 39 13.67 -7.48 -0.13
C THR A 39 14.07 -8.95 -0.15
N SER A 40 15.02 -9.29 -1.03
CA SER A 40 15.48 -10.67 -1.14
C SER A 40 15.83 -11.24 0.23
N HIS A 41 16.37 -10.39 1.10
CA HIS A 41 16.74 -10.82 2.45
C HIS A 41 15.54 -11.42 3.18
N GLY A 42 14.57 -10.58 3.52
CA GLY A 42 13.39 -11.04 4.22
C GLY A 42 12.98 -10.12 5.34
N ARG A 43 13.82 -10.03 6.37
CA ARG A 43 13.54 -9.17 7.52
C ARG A 43 13.28 -7.74 7.07
N SER A 44 14.03 -7.28 6.07
CA SER A 44 13.89 -5.92 5.56
C SER A 44 12.70 -5.84 4.60
N THR A 45 11.64 -5.17 5.04
CA THR A 45 10.45 -5.01 4.22
C THR A 45 9.67 -3.76 4.61
N SER A 46 9.83 -2.70 3.81
CA SER A 46 9.15 -1.44 4.07
C SER A 46 7.70 -1.50 3.63
N ILE A 47 6.93 -0.48 3.98
CA ILE A 47 5.52 -0.41 3.63
C ILE A 47 5.12 1.00 3.22
N THR A 48 4.31 1.10 2.16
CA THR A 48 3.85 2.40 1.68
C THR A 48 2.51 2.27 0.98
N LYS A 49 1.62 3.23 1.23
CA LYS A 49 0.29 3.24 0.63
C LYS A 49 -0.22 4.66 0.45
N LYS A 50 -1.29 4.81 -0.32
CA LYS A 50 -1.88 6.12 -0.57
C LYS A 50 -3.09 6.00 -1.51
N CYS A 51 -3.92 7.03 -1.52
CA CYS A 51 -5.10 7.04 -2.38
C CYS A 51 -4.70 6.96 -3.85
N ALA A 52 -5.47 6.21 -4.62
CA ALA A 52 -5.20 6.05 -6.05
C ALA A 52 -6.48 5.81 -6.83
N SER A 53 -6.34 5.40 -8.09
CA SER A 53 -7.49 5.14 -8.93
C SER A 53 -7.18 4.07 -9.97
N ARG A 54 -8.20 3.58 -10.66
CA ARG A 54 -8.02 2.55 -11.68
C ARG A 54 -6.92 2.93 -12.66
N SER A 55 -6.77 4.23 -12.91
CA SER A 55 -5.76 4.72 -13.83
C SER A 55 -4.40 4.81 -13.14
N GLU A 56 -4.36 5.55 -12.03
CA GLU A 56 -3.12 5.71 -11.28
C GLU A 56 -2.49 4.36 -10.97
N CYS A 57 -3.31 3.38 -10.61
CA CYS A 57 -2.83 2.05 -10.29
C CYS A 57 -3.24 1.06 -11.38
N HIS A 58 -3.30 1.54 -12.61
CA HIS A 58 -3.68 0.68 -13.74
C HIS A 58 -2.55 -0.30 -14.08
N PHE A 59 -1.32 0.18 -14.00
CA PHE A 59 -0.16 -0.66 -14.30
C PHE A 59 0.52 -1.12 -13.01
N VAL A 60 -0.25 -1.81 -12.16
CA VAL A 60 0.29 -2.31 -10.90
C VAL A 60 1.05 -3.61 -11.11
N GLY A 61 1.51 -4.20 -10.01
CA GLY A 61 2.25 -5.45 -10.09
C GLY A 61 3.61 -5.36 -9.43
N CYS A 62 4.41 -6.40 -9.57
CA CYS A 62 5.74 -6.44 -8.98
C CYS A 62 6.79 -5.91 -9.95
N HIS A 63 7.76 -5.16 -9.43
CA HIS A 63 8.82 -4.60 -10.26
C HIS A 63 10.18 -4.78 -9.59
N HIS A 64 10.95 -5.77 -10.06
CA HIS A 64 12.26 -6.04 -9.50
C HIS A 64 13.25 -4.94 -9.88
N SER A 65 13.96 -4.41 -8.88
CA SER A 65 14.93 -3.35 -9.10
C SER A 65 16.11 -3.88 -9.92
N ARG A 66 16.78 -2.96 -10.63
CA ARG A 66 17.93 -3.33 -11.46
C ARG A 66 19.19 -3.41 -10.60
N ASP A 67 19.25 -2.59 -9.56
CA ASP A 67 20.41 -2.58 -8.66
C ASP A 67 20.13 -3.39 -7.41
N SER A 68 19.11 -2.97 -6.65
CA SER A 68 18.76 -3.65 -5.42
C SER A 68 18.15 -5.02 -5.71
N GLU A 69 18.10 -5.87 -4.68
CA GLU A 69 17.56 -7.21 -4.83
C GLU A 69 16.14 -7.29 -4.28
N HIS A 70 15.52 -6.12 -4.10
CA HIS A 70 14.16 -6.06 -3.58
C HIS A 70 13.15 -5.82 -4.70
N THR A 71 11.89 -6.12 -4.43
CA THR A 71 10.82 -5.95 -5.42
C THR A 71 9.72 -5.06 -4.88
N GLU A 72 9.08 -4.31 -5.78
CA GLU A 72 8.00 -3.41 -5.40
C GLU A 72 6.67 -3.89 -5.96
N CYS A 73 5.86 -4.54 -5.12
CA CYS A 73 4.57 -5.05 -5.54
C CYS A 73 3.43 -4.19 -4.98
N ARG A 74 2.67 -3.58 -5.87
CA ARG A 74 1.55 -2.73 -5.47
C ARG A 74 0.23 -3.27 -5.99
N SER A 75 -0.85 -2.99 -5.26
CA SER A 75 -2.18 -3.46 -5.66
C SER A 75 -3.26 -2.48 -5.20
N CYS A 76 -4.43 -2.56 -5.83
CA CYS A 76 -5.54 -1.69 -5.48
C CYS A 76 -6.62 -2.45 -4.71
N CYS A 77 -6.85 -2.03 -3.48
CA CYS A 77 -7.85 -2.68 -2.63
C CYS A 77 -9.05 -1.77 -2.43
N GLU A 78 -10.24 -2.36 -2.37
CA GLU A 78 -11.47 -1.60 -2.18
C GLU A 78 -11.96 -1.71 -0.73
N GLY A 79 -12.57 -0.64 -0.23
CA GLY A 79 -13.07 -0.64 1.12
C GLY A 79 -12.38 0.39 1.99
N MET A 80 -13.15 1.07 2.84
CA MET A 80 -12.59 2.08 3.72
C MET A 80 -11.40 1.53 4.50
N ILE A 81 -10.32 2.30 4.55
CA ILE A 81 -9.12 1.90 5.26
C ILE A 81 -8.87 0.41 5.10
N CYS A 82 -9.03 -0.09 3.88
CA CYS A 82 -8.81 -1.51 3.60
C CYS A 82 -7.34 -1.86 3.64
N ASN A 83 -6.49 -0.87 3.33
CA ASN A 83 -5.04 -1.08 3.34
C ASN A 83 -4.48 -0.91 4.74
N VAL A 84 -5.03 -1.67 5.69
CA VAL A 84 -4.58 -1.61 7.07
C VAL A 84 -3.18 -2.18 7.22
N GLU A 85 -3.07 -3.50 7.07
CA GLU A 85 -1.77 -4.17 7.18
C GLU A 85 -1.49 -5.01 5.95
N LEU A 86 -0.35 -5.70 5.95
CA LEU A 86 0.04 -6.54 4.82
C LEU A 86 -1.11 -7.44 4.39
N PRO A 87 -1.71 -7.13 3.24
CA PRO A 87 -2.83 -7.91 2.69
C PRO A 87 -2.39 -9.29 2.20
N THR A 88 -3.29 -10.26 2.32
CA THR A 88 -3.00 -11.62 1.89
C THR A 88 -3.56 -11.90 0.50
N ASN A 89 -3.10 -12.97 -0.11
CA ASN A 89 -3.55 -13.35 -1.45
C ASN A 89 -4.98 -13.90 -1.40
N HIS A 90 -5.89 -13.23 -2.10
CA HIS A 90 -7.28 -13.66 -2.14
C HIS A 90 -7.83 -13.62 -3.57
N THR A 91 -9.08 -14.05 -3.73
CA THR A 91 -9.71 -14.06 -5.05
C THR A 91 -10.33 -12.71 -5.38
N ASN A 92 -9.76 -12.04 -6.38
CA ASN A 92 -10.27 -10.74 -6.80
C ASN A 92 -11.48 -10.88 -7.72
N ALA A 93 -12.58 -10.23 -7.34
CA ALA A 93 -13.81 -10.29 -8.13
C ALA A 93 -14.66 -9.05 -7.91
N VAL A 94 -15.67 -8.87 -8.75
CA VAL A 94 -16.56 -7.72 -8.65
C VAL A 94 -17.96 -8.14 -8.22
N PHE A 95 -18.39 -9.30 -8.72
CA PHE A 95 -19.71 -9.82 -8.38
C PHE A 95 -19.61 -10.98 -7.40
N ALA A 96 -20.76 -11.38 -6.85
CA ALA A 96 -20.79 -12.49 -5.90
C ALA A 96 -20.67 -13.83 -6.61
N MET A 1 -14.50 9.79 0.11
CA MET A 1 -15.58 9.14 0.86
C MET A 1 -15.03 8.01 1.72
N PHE A 2 -13.71 7.91 1.81
CA PHE A 2 -13.07 6.87 2.60
C PHE A 2 -11.71 7.35 3.12
N LYS A 3 -11.24 6.70 4.18
CA LYS A 3 -9.95 7.06 4.77
C LYS A 3 -8.89 6.00 4.45
N CYS A 4 -7.93 6.37 3.61
CA CYS A 4 -6.86 5.46 3.22
C CYS A 4 -5.54 5.86 3.88
N PHE A 5 -4.65 4.89 4.06
CA PHE A 5 -3.35 5.13 4.67
C PHE A 5 -2.38 5.72 3.66
N THR A 6 -2.13 7.02 3.78
CA THR A 6 -1.22 7.71 2.87
C THR A 6 0.15 7.87 3.50
N CYS A 7 0.69 6.78 4.04
CA CYS A 7 2.00 6.81 4.68
C CYS A 7 3.11 6.61 3.65
N GLU A 8 4.29 7.13 3.95
CA GLU A 8 5.43 7.01 3.05
C GLU A 8 6.48 6.05 3.62
N ASN A 9 7.23 6.51 4.63
CA ASN A 9 8.25 5.70 5.25
C ASN A 9 7.74 5.09 6.56
N ALA A 10 7.49 3.78 6.54
CA ALA A 10 7.00 3.08 7.71
C ALA A 10 7.58 1.67 7.79
N GLY A 11 8.30 1.40 8.87
CA GLY A 11 8.91 0.09 9.05
C GLY A 11 7.89 -0.98 9.41
N ASP A 12 6.84 -0.57 10.12
CA ASP A 12 5.80 -1.50 10.53
C ASP A 12 4.41 -0.91 10.25
N ASN A 13 3.42 -1.79 10.17
CA ASN A 13 2.05 -1.36 9.90
C ASN A 13 1.63 -0.23 10.86
N TYR A 14 1.92 -0.42 12.15
CA TYR A 14 1.57 0.56 13.16
C TYR A 14 2.18 1.93 12.82
N ASN A 15 3.46 1.93 12.50
CA ASN A 15 4.15 3.17 12.15
C ASN A 15 3.44 3.90 11.02
N CYS A 16 3.06 3.14 9.99
CA CYS A 16 2.36 3.72 8.85
C CYS A 16 1.15 4.53 9.29
N ASN A 17 0.36 3.95 10.20
CA ASN A 17 -0.83 4.62 10.71
C ASN A 17 -0.47 5.95 11.38
N ARG A 18 0.66 5.96 12.06
CA ARG A 18 1.12 7.17 12.75
C ARG A 18 1.66 8.19 11.75
N TRP A 19 2.00 7.72 10.56
CA TRP A 19 2.53 8.59 9.52
C TRP A 19 1.40 9.17 8.67
N ALA A 20 0.43 8.32 8.32
CA ALA A 20 -0.71 8.75 7.52
C ALA A 20 -1.75 9.45 8.38
N GLU A 21 -2.75 10.05 7.73
CA GLU A 21 -3.81 10.75 8.44
C GLU A 21 -5.16 10.09 8.18
N ASP A 22 -6.09 10.28 9.12
CA ASP A 22 -7.41 9.70 9.00
C ASP A 22 -8.39 10.69 8.38
N LYS A 23 -8.08 11.11 7.15
CA LYS A 23 -8.92 12.05 6.43
C LYS A 23 -9.36 11.48 5.09
N TRP A 24 -10.51 11.95 4.60
CA TRP A 24 -11.04 11.48 3.32
C TRP A 24 -9.98 11.61 2.22
N CYS A 25 -10.03 10.70 1.25
CA CYS A 25 -9.09 10.72 0.14
C CYS A 25 -9.51 11.73 -0.92
N PRO A 26 -8.58 12.10 -1.80
CA PRO A 26 -8.83 13.06 -2.88
C PRO A 26 -10.10 12.73 -3.65
N GLN A 27 -10.56 13.70 -4.44
CA GLN A 27 -11.77 13.51 -5.24
C GLN A 27 -11.52 12.56 -6.41
N ASN A 28 -10.32 12.65 -6.98
CA ASN A 28 -9.95 11.79 -8.10
C ASN A 28 -9.28 10.51 -7.61
N THR A 29 -9.84 9.92 -6.56
CA THR A 29 -9.29 8.70 -6.00
C THR A 29 -10.38 7.85 -5.37
N GLN A 30 -10.33 6.55 -5.59
CA GLN A 30 -11.32 5.62 -5.04
C GLN A 30 -10.69 4.26 -4.75
N TYR A 31 -9.36 4.22 -4.71
CA TYR A 31 -8.65 2.99 -4.45
C TYR A 31 -7.57 3.19 -3.39
N CYS A 32 -6.98 2.10 -2.92
CA CYS A 32 -5.93 2.17 -1.91
C CYS A 32 -4.64 1.54 -2.42
N LEU A 33 -3.80 2.34 -3.03
CA LEU A 33 -2.53 1.86 -3.57
C LEU A 33 -1.64 1.29 -2.45
N THR A 34 -1.03 0.14 -2.72
CA THR A 34 -0.17 -0.50 -1.75
C THR A 34 1.14 -0.95 -2.38
N VAL A 35 2.17 -0.13 -2.23
CA VAL A 35 3.48 -0.44 -2.79
C VAL A 35 4.33 -1.23 -1.80
N HIS A 36 4.91 -2.33 -2.29
CA HIS A 36 5.75 -3.18 -1.45
C HIS A 36 7.20 -3.16 -1.93
N HIS A 37 8.11 -2.76 -1.05
CA HIS A 37 9.53 -2.70 -1.38
C HIS A 37 10.21 -4.02 -1.05
N PHE A 38 10.45 -4.84 -2.08
CA PHE A 38 11.10 -6.13 -1.90
C PHE A 38 12.38 -6.22 -2.74
N THR A 39 13.50 -6.47 -2.07
CA THR A 39 14.78 -6.58 -2.75
C THR A 39 15.21 -8.03 -2.90
N SER A 40 15.93 -8.33 -3.98
CA SER A 40 16.40 -9.68 -4.24
C SER A 40 17.19 -10.23 -3.04
N HIS A 41 16.55 -11.09 -2.26
CA HIS A 41 17.18 -11.68 -1.10
C HIS A 41 17.65 -10.60 -0.13
N GLY A 42 16.75 -9.69 0.22
CA GLY A 42 17.09 -8.61 1.13
C GLY A 42 16.29 -8.67 2.43
N ARG A 43 16.94 -8.32 3.53
CA ARG A 43 16.29 -8.34 4.83
C ARG A 43 15.37 -7.13 5.00
N SER A 44 15.83 -5.98 4.52
CA SER A 44 15.05 -4.75 4.62
C SER A 44 13.86 -4.77 3.66
N THR A 45 12.78 -4.12 4.05
CA THR A 45 11.59 -4.06 3.22
C THR A 45 10.72 -2.85 3.57
N SER A 46 10.82 -1.80 2.75
CA SER A 46 10.05 -0.58 2.99
C SER A 46 8.59 -0.77 2.58
N ILE A 47 7.73 0.12 3.05
CA ILE A 47 6.31 0.05 2.75
C ILE A 47 5.73 1.45 2.52
N THR A 48 4.91 1.58 1.48
CA THR A 48 4.29 2.85 1.15
C THR A 48 2.93 2.64 0.49
N LYS A 49 1.93 3.39 0.95
CA LYS A 49 0.58 3.29 0.39
C LYS A 49 -0.11 4.64 0.42
N LYS A 50 -1.10 4.82 -0.44
CA LYS A 50 -1.85 6.06 -0.52
C LYS A 50 -3.10 5.90 -1.38
N CYS A 51 -3.79 7.01 -1.63
CA CYS A 51 -5.01 6.97 -2.44
C CYS A 51 -4.66 6.91 -3.92
N ALA A 52 -5.51 6.22 -4.69
CA ALA A 52 -5.30 6.09 -6.13
C ALA A 52 -6.62 5.92 -6.86
N SER A 53 -6.55 5.61 -8.14
CA SER A 53 -7.74 5.42 -8.96
C SER A 53 -7.58 4.24 -9.91
N ARG A 54 -8.65 3.91 -10.62
CA ARG A 54 -8.63 2.80 -11.56
C ARG A 54 -7.55 3.00 -12.63
N SER A 55 -7.27 4.26 -12.94
CA SER A 55 -6.26 4.59 -13.94
C SER A 55 -4.86 4.52 -13.35
N GLU A 56 -4.68 5.17 -12.20
CA GLU A 56 -3.38 5.18 -11.53
C GLU A 56 -2.83 3.77 -11.40
N CYS A 57 -3.69 2.84 -11.00
CA CYS A 57 -3.29 1.45 -10.82
C CYS A 57 -4.14 0.52 -11.70
N HIS A 58 -4.24 0.87 -12.98
CA HIS A 58 -5.02 0.07 -13.92
C HIS A 58 -4.30 -1.23 -14.25
N PHE A 59 -2.97 -1.18 -14.30
CA PHE A 59 -2.17 -2.35 -14.60
C PHE A 59 -1.18 -2.63 -13.49
N VAL A 60 -1.70 -2.99 -12.31
CA VAL A 60 -0.86 -3.29 -11.16
C VAL A 60 0.11 -4.42 -11.47
N GLY A 61 1.01 -4.70 -10.53
CA GLY A 61 1.99 -5.75 -10.72
C GLY A 61 3.36 -5.38 -10.18
N CYS A 62 4.36 -6.19 -10.51
CA CYS A 62 5.72 -5.95 -10.05
C CYS A 62 6.57 -5.35 -11.17
N HIS A 63 7.57 -4.57 -10.79
CA HIS A 63 8.45 -3.93 -11.76
C HIS A 63 9.91 -4.10 -11.36
N HIS A 64 10.58 -5.08 -11.96
CA HIS A 64 11.98 -5.35 -11.66
C HIS A 64 12.89 -4.34 -12.38
N SER A 65 13.86 -3.81 -11.64
CA SER A 65 14.79 -2.84 -12.20
C SER A 65 15.93 -3.54 -12.94
N ARG A 66 16.32 -2.99 -14.08
CA ARG A 66 17.40 -3.55 -14.89
C ARG A 66 18.76 -3.28 -14.25
N ASP A 67 18.89 -2.12 -13.62
CA ASP A 67 20.14 -1.73 -12.97
C ASP A 67 20.24 -2.35 -11.58
N SER A 68 19.19 -2.15 -10.77
CA SER A 68 19.16 -2.69 -9.42
C SER A 68 18.59 -4.10 -9.41
N GLU A 69 18.81 -4.82 -8.31
CA GLU A 69 18.32 -6.18 -8.17
C GLU A 69 17.07 -6.22 -7.29
N HIS A 70 16.51 -5.04 -7.01
CA HIS A 70 15.32 -4.94 -6.17
C HIS A 70 14.08 -4.75 -7.03
N THR A 71 12.96 -5.32 -6.58
CA THR A 71 11.71 -5.22 -7.31
C THR A 71 10.69 -4.38 -6.53
N GLU A 72 9.92 -3.57 -7.26
CA GLU A 72 8.91 -2.72 -6.64
C GLU A 72 7.51 -3.09 -7.12
N CYS A 73 6.74 -3.72 -6.24
CA CYS A 73 5.38 -4.13 -6.57
C CYS A 73 4.36 -3.16 -5.99
N ARG A 74 3.18 -3.12 -6.60
CA ARG A 74 2.12 -2.23 -6.14
C ARG A 74 0.74 -2.79 -6.49
N SER A 75 -0.19 -2.68 -5.56
CA SER A 75 -1.54 -3.19 -5.77
C SER A 75 -2.58 -2.13 -5.41
N CYS A 76 -3.85 -2.52 -5.45
CA CYS A 76 -4.94 -1.60 -5.13
C CYS A 76 -6.12 -2.36 -4.53
N CYS A 77 -6.47 -2.01 -3.30
CA CYS A 77 -7.59 -2.65 -2.60
C CYS A 77 -8.74 -1.67 -2.40
N GLU A 78 -9.96 -2.18 -2.43
CA GLU A 78 -11.14 -1.36 -2.25
C GLU A 78 -11.68 -1.48 -0.83
N GLY A 79 -12.24 -0.39 -0.32
CA GLY A 79 -12.79 -0.39 1.03
C GLY A 79 -12.08 0.59 1.94
N MET A 80 -12.85 1.27 2.78
CA MET A 80 -12.30 2.25 3.72
C MET A 80 -11.15 1.65 4.52
N ILE A 81 -10.05 2.38 4.62
CA ILE A 81 -8.88 1.92 5.35
C ILE A 81 -8.68 0.42 5.17
N CYS A 82 -8.76 -0.04 3.92
CA CYS A 82 -8.58 -1.45 3.60
C CYS A 82 -7.11 -1.82 3.57
N ASN A 83 -6.26 -0.82 3.32
CA ASN A 83 -4.82 -1.04 3.26
C ASN A 83 -4.19 -0.98 4.65
N VAL A 84 -4.77 -1.73 5.59
CA VAL A 84 -4.28 -1.76 6.95
C VAL A 84 -2.93 -2.47 7.04
N GLU A 85 -2.91 -3.74 6.68
CA GLU A 85 -1.69 -4.53 6.71
C GLU A 85 -0.95 -4.44 5.37
N LEU A 86 0.32 -4.81 5.38
CA LEU A 86 1.14 -4.77 4.18
C LEU A 86 0.44 -5.45 3.01
N PRO A 87 -0.02 -6.69 3.23
CA PRO A 87 -0.72 -7.47 2.22
C PRO A 87 -2.12 -6.92 1.92
N THR A 88 -2.51 -6.98 0.65
CA THR A 88 -3.81 -6.49 0.24
C THR A 88 -4.94 -7.38 0.77
N ASN A 89 -6.16 -6.86 0.74
CA ASN A 89 -7.32 -7.62 1.21
C ASN A 89 -8.58 -7.21 0.45
N HIS A 90 -9.48 -8.17 0.26
CA HIS A 90 -10.73 -7.90 -0.45
C HIS A 90 -11.93 -8.25 0.43
N THR A 91 -13.01 -7.47 0.29
CA THR A 91 -14.22 -7.68 1.07
C THR A 91 -15.44 -7.10 0.37
N ASN A 92 -16.62 -7.41 0.88
CA ASN A 92 -17.86 -6.91 0.30
C ASN A 92 -18.19 -5.52 0.83
N ALA A 93 -18.13 -4.54 -0.06
CA ALA A 93 -18.42 -3.16 0.32
C ALA A 93 -18.80 -2.32 -0.90
N VAL A 94 -19.96 -1.67 -0.83
CA VAL A 94 -20.43 -0.84 -1.93
C VAL A 94 -20.52 0.63 -1.52
N PHE A 95 -20.27 1.52 -2.46
CA PHE A 95 -20.32 2.96 -2.19
C PHE A 95 -21.37 3.63 -3.07
N ALA A 96 -21.93 4.73 -2.57
CA ALA A 96 -22.94 5.47 -3.30
C ALA A 96 -22.33 6.21 -4.49
N MET A 1 -17.18 9.63 1.37
CA MET A 1 -15.73 9.71 1.55
C MET A 1 -15.22 8.50 2.34
N PHE A 2 -13.92 8.25 2.24
CA PHE A 2 -13.31 7.13 2.94
C PHE A 2 -11.86 7.44 3.31
N LYS A 3 -11.42 6.91 4.45
CA LYS A 3 -10.06 7.14 4.93
C LYS A 3 -9.14 6.01 4.48
N CYS A 4 -7.88 6.34 4.22
CA CYS A 4 -6.90 5.36 3.78
C CYS A 4 -5.50 5.76 4.23
N PHE A 5 -4.63 4.77 4.40
CA PHE A 5 -3.26 5.01 4.83
C PHE A 5 -2.41 5.56 3.68
N THR A 6 -2.11 6.85 3.75
CA THR A 6 -1.31 7.51 2.72
C THR A 6 0.10 7.81 3.21
N CYS A 7 0.72 6.83 3.85
CA CYS A 7 2.07 6.99 4.38
C CYS A 7 3.12 6.72 3.30
N GLU A 8 4.34 7.19 3.54
CA GLU A 8 5.43 7.00 2.58
C GLU A 8 6.40 5.93 3.07
N ASN A 9 7.24 6.30 4.03
CA ASN A 9 8.22 5.37 4.58
C ASN A 9 7.81 4.92 5.97
N ALA A 10 7.50 3.63 6.09
CA ALA A 10 7.09 3.05 7.37
C ALA A 10 7.61 1.63 7.52
N GLY A 11 8.54 1.44 8.44
CA GLY A 11 9.10 0.12 8.67
C GLY A 11 8.07 -0.88 9.17
N ASP A 12 7.08 -0.38 9.90
CA ASP A 12 6.02 -1.23 10.43
C ASP A 12 4.65 -0.60 10.20
N ASN A 13 3.63 -1.44 10.14
CA ASN A 13 2.26 -0.97 9.91
C ASN A 13 1.91 0.13 10.90
N TYR A 14 2.30 -0.06 12.16
CA TYR A 14 2.02 0.93 13.20
C TYR A 14 2.56 2.30 12.82
N ASN A 15 3.85 2.35 12.50
CA ASN A 15 4.49 3.60 12.11
C ASN A 15 3.72 4.30 11.01
N CYS A 16 3.26 3.51 10.03
CA CYS A 16 2.49 4.05 8.91
C CYS A 16 1.22 4.74 9.40
N ASN A 17 0.63 4.20 10.46
CA ASN A 17 -0.59 4.75 11.02
C ASN A 17 -0.32 6.09 11.70
N ARG A 18 0.86 6.21 12.30
CA ARG A 18 1.25 7.45 12.99
C ARG A 18 1.54 8.56 11.97
N TRP A 19 1.96 8.17 10.78
CA TRP A 19 2.27 9.13 9.72
C TRP A 19 1.03 9.45 8.89
N ALA A 20 0.44 8.42 8.30
CA ALA A 20 -0.75 8.58 7.48
C ALA A 20 -1.96 8.95 8.34
N GLU A 21 -2.40 10.20 8.24
CA GLU A 21 -3.55 10.67 9.01
C GLU A 21 -4.83 9.99 8.54
N ASP A 22 -5.84 9.96 9.40
CA ASP A 22 -7.11 9.35 9.08
C ASP A 22 -8.08 10.39 8.49
N LYS A 23 -7.74 10.90 7.31
CA LYS A 23 -8.56 11.90 6.65
C LYS A 23 -9.11 11.35 5.33
N TRP A 24 -10.21 11.94 4.87
CA TRP A 24 -10.84 11.52 3.62
C TRP A 24 -9.82 11.48 2.49
N CYS A 25 -10.05 10.61 1.51
CA CYS A 25 -9.16 10.48 0.37
C CYS A 25 -9.42 11.57 -0.66
N PRO A 26 -8.44 11.78 -1.56
CA PRO A 26 -8.56 12.80 -2.61
C PRO A 26 -9.81 12.63 -3.46
N GLN A 27 -10.14 13.66 -4.23
CA GLN A 27 -11.33 13.62 -5.09
C GLN A 27 -11.08 12.77 -6.32
N ASN A 28 -9.85 12.82 -6.84
CA ASN A 28 -9.48 12.06 -8.02
C ASN A 28 -8.94 10.69 -7.64
N THR A 29 -9.64 10.01 -6.74
CA THR A 29 -9.23 8.68 -6.29
C THR A 29 -10.44 7.83 -5.91
N GLN A 30 -10.50 6.62 -6.44
CA GLN A 30 -11.60 5.71 -6.16
C GLN A 30 -11.07 4.35 -5.72
N TYR A 31 -9.81 4.31 -5.30
CA TYR A 31 -9.19 3.06 -4.86
C TYR A 31 -8.11 3.34 -3.80
N CYS A 32 -7.64 2.28 -3.16
CA CYS A 32 -6.61 2.40 -2.13
C CYS A 32 -5.35 1.65 -2.54
N LEU A 33 -4.43 2.36 -3.17
CA LEU A 33 -3.17 1.77 -3.62
C LEU A 33 -2.40 1.18 -2.44
N THR A 34 -1.80 0.01 -2.64
CA THR A 34 -1.03 -0.65 -1.59
C THR A 34 0.31 -1.16 -2.13
N VAL A 35 1.37 -0.44 -1.81
CA VAL A 35 2.71 -0.81 -2.26
C VAL A 35 3.48 -1.52 -1.15
N HIS A 36 3.98 -2.71 -1.46
CA HIS A 36 4.74 -3.50 -0.50
C HIS A 36 6.15 -3.78 -1.01
N HIS A 37 7.15 -3.44 -0.20
CA HIS A 37 8.55 -3.65 -0.57
C HIS A 37 9.02 -5.04 -0.13
N PHE A 38 9.91 -5.62 -0.91
CA PHE A 38 10.44 -6.94 -0.61
C PHE A 38 11.92 -7.04 -0.98
N THR A 39 12.73 -7.57 -0.06
CA THR A 39 14.16 -7.71 -0.30
C THR A 39 14.54 -9.17 -0.50
N SER A 40 15.37 -9.43 -1.51
CA SER A 40 15.81 -10.78 -1.82
C SER A 40 16.34 -11.48 -0.56
N HIS A 41 17.27 -10.81 0.12
CA HIS A 41 17.86 -11.37 1.34
C HIS A 41 18.53 -10.27 2.16
N GLY A 42 17.92 -9.92 3.28
CA GLY A 42 18.47 -8.89 4.14
C GLY A 42 17.56 -8.53 5.30
N ARG A 43 17.71 -7.32 5.81
CA ARG A 43 16.89 -6.86 6.93
C ARG A 43 15.42 -6.80 6.53
N SER A 44 14.61 -6.14 7.35
CA SER A 44 13.18 -6.01 7.09
C SER A 44 12.94 -5.30 5.77
N THR A 45 11.70 -4.88 5.54
CA THR A 45 11.32 -4.18 4.32
C THR A 45 10.39 -3.02 4.61
N SER A 46 10.50 -1.95 3.82
CA SER A 46 9.67 -0.78 4.00
C SER A 46 8.31 -0.97 3.34
N ILE A 47 7.38 -0.07 3.64
CA ILE A 47 6.04 -0.14 3.09
C ILE A 47 5.52 1.24 2.70
N THR A 48 4.63 1.27 1.71
CA THR A 48 4.07 2.54 1.25
C THR A 48 2.66 2.34 0.70
N LYS A 49 1.76 3.25 1.04
CA LYS A 49 0.37 3.17 0.59
C LYS A 49 -0.21 4.56 0.36
N LYS A 50 -1.29 4.63 -0.40
CA LYS A 50 -1.95 5.90 -0.69
C LYS A 50 -3.16 5.70 -1.59
N CYS A 51 -4.06 6.67 -1.59
CA CYS A 51 -5.27 6.60 -2.41
C CYS A 51 -4.93 6.74 -3.88
N ALA A 52 -5.68 6.03 -4.72
CA ALA A 52 -5.46 6.07 -6.17
C ALA A 52 -6.76 5.81 -6.92
N SER A 53 -6.64 5.51 -8.22
CA SER A 53 -7.80 5.24 -9.05
C SER A 53 -7.53 4.08 -10.00
N ARG A 54 -8.51 3.75 -10.82
CA ARG A 54 -8.38 2.67 -11.79
C ARG A 54 -7.28 2.96 -12.81
N SER A 55 -7.12 4.24 -13.12
CA SER A 55 -6.10 4.66 -14.08
C SER A 55 -4.73 4.74 -13.42
N GLU A 56 -4.66 5.41 -12.28
CA GLU A 56 -3.41 5.57 -11.55
C GLU A 56 -2.77 4.21 -11.28
N CYS A 57 -3.59 3.24 -10.88
CA CYS A 57 -3.10 1.90 -10.60
C CYS A 57 -3.42 0.94 -11.75
N HIS A 58 -3.56 1.50 -12.94
CA HIS A 58 -3.86 0.70 -14.13
C HIS A 58 -2.67 -0.18 -14.51
N PHE A 59 -1.47 0.35 -14.32
CA PHE A 59 -0.25 -0.37 -14.64
C PHE A 59 0.47 -0.83 -13.38
N VAL A 60 -0.24 -1.57 -12.54
CA VAL A 60 0.31 -2.07 -11.29
C VAL A 60 1.15 -3.33 -11.53
N GLY A 61 1.66 -3.91 -10.45
CA GLY A 61 2.47 -5.11 -10.56
C GLY A 61 3.77 -5.01 -9.78
N CYS A 62 4.71 -5.90 -10.08
CA CYS A 62 5.99 -5.91 -9.39
C CYS A 62 7.09 -5.35 -10.29
N HIS A 63 8.08 -4.72 -9.67
CA HIS A 63 9.20 -4.13 -10.40
C HIS A 63 10.52 -4.37 -9.67
N HIS A 64 11.27 -5.36 -10.12
CA HIS A 64 12.56 -5.69 -9.51
C HIS A 64 13.57 -4.57 -9.73
N SER A 65 14.31 -4.24 -8.69
CA SER A 65 15.31 -3.17 -8.77
C SER A 65 16.51 -3.61 -9.60
N ARG A 66 17.00 -2.71 -10.44
CA ARG A 66 18.15 -3.01 -11.29
C ARG A 66 19.45 -2.98 -10.49
N ASP A 67 19.52 -2.04 -9.54
CA ASP A 67 20.72 -1.90 -8.71
C ASP A 67 20.69 -2.90 -7.55
N SER A 68 19.59 -2.90 -6.81
CA SER A 68 19.44 -3.81 -5.67
C SER A 68 18.69 -5.07 -6.07
N GLU A 69 18.66 -6.04 -5.17
CA GLU A 69 17.98 -7.30 -5.43
C GLU A 69 16.60 -7.33 -4.77
N HIS A 70 15.97 -6.16 -4.69
CA HIS A 70 14.65 -6.06 -4.09
C HIS A 70 13.56 -5.97 -5.15
N THR A 71 12.32 -5.87 -4.72
CA THR A 71 11.18 -5.79 -5.63
C THR A 71 10.07 -4.91 -5.08
N GLU A 72 9.41 -4.17 -5.95
CA GLU A 72 8.32 -3.29 -5.54
C GLU A 72 7.00 -3.73 -6.16
N CYS A 73 6.16 -4.37 -5.34
CA CYS A 73 4.87 -4.85 -5.81
C CYS A 73 3.74 -3.97 -5.26
N ARG A 74 2.80 -3.60 -6.13
CA ARG A 74 1.67 -2.77 -5.73
C ARG A 74 0.38 -3.26 -6.39
N SER A 75 -0.74 -3.04 -5.70
CA SER A 75 -2.04 -3.45 -6.22
C SER A 75 -3.13 -2.45 -5.81
N CYS A 76 -4.35 -2.73 -6.24
CA CYS A 76 -5.48 -1.85 -5.93
C CYS A 76 -6.48 -2.57 -5.03
N CYS A 77 -6.63 -2.08 -3.81
CA CYS A 77 -7.55 -2.68 -2.85
C CYS A 77 -8.71 -1.73 -2.56
N GLU A 78 -9.91 -2.30 -2.42
CA GLU A 78 -11.10 -1.51 -2.15
C GLU A 78 -11.50 -1.62 -0.68
N GLY A 79 -12.30 -0.66 -0.21
CA GLY A 79 -12.73 -0.66 1.18
C GLY A 79 -11.99 0.35 2.02
N MET A 80 -12.71 0.99 2.94
CA MET A 80 -12.11 2.00 3.82
C MET A 80 -10.89 1.43 4.53
N ILE A 81 -9.79 2.18 4.51
CA ILE A 81 -8.56 1.76 5.15
C ILE A 81 -8.30 0.28 4.94
N CYS A 82 -8.64 -0.21 3.75
CA CYS A 82 -8.45 -1.61 3.40
C CYS A 82 -6.98 -2.01 3.52
N ASN A 83 -6.10 -1.01 3.43
CA ASN A 83 -4.67 -1.25 3.53
C ASN A 83 -4.21 -1.25 4.99
N VAL A 84 -4.96 -1.94 5.84
CA VAL A 84 -4.63 -2.01 7.26
C VAL A 84 -3.25 -2.62 7.48
N GLU A 85 -3.15 -3.93 7.30
CA GLU A 85 -1.88 -4.63 7.48
C GLU A 85 -1.30 -5.06 6.14
N LEU A 86 0.02 -5.12 6.06
CA LEU A 86 0.70 -5.50 4.83
C LEU A 86 0.39 -6.95 4.47
N PRO A 87 0.58 -7.86 5.44
CA PRO A 87 0.32 -9.29 5.25
C PRO A 87 -1.18 -9.60 5.13
N THR A 88 -1.95 -9.06 6.07
CA THR A 88 -3.39 -9.28 6.07
C THR A 88 -4.06 -8.55 7.23
N ASN A 89 -5.17 -7.88 6.95
CA ASN A 89 -5.90 -7.15 7.98
C ASN A 89 -6.61 -8.09 8.94
N HIS A 90 -7.18 -7.54 10.00
CA HIS A 90 -7.88 -8.35 11.00
C HIS A 90 -9.00 -7.53 11.66
N THR A 91 -9.80 -8.20 12.47
CA THR A 91 -10.91 -7.54 13.16
C THR A 91 -11.05 -8.06 14.59
N ASN A 92 -11.02 -7.14 15.55
CA ASN A 92 -11.15 -7.50 16.96
C ASN A 92 -11.63 -6.32 17.79
N ALA A 93 -12.17 -6.60 18.96
CA ALA A 93 -12.67 -5.55 19.85
C ALA A 93 -11.55 -5.01 20.74
N VAL A 94 -11.73 -3.79 21.22
CA VAL A 94 -10.73 -3.16 22.09
C VAL A 94 -11.35 -2.72 23.42
N PHE A 95 -12.60 -2.29 23.36
CA PHE A 95 -13.31 -1.85 24.55
C PHE A 95 -14.26 -2.92 25.06
N ALA A 96 -13.85 -4.18 24.91
CA ALA A 96 -14.67 -5.31 25.35
C ALA A 96 -14.26 -5.79 26.74
N MET A 1 -15.15 10.15 0.69
CA MET A 1 -15.45 10.33 2.10
C MET A 1 -14.87 9.20 2.94
N PHE A 2 -13.97 8.43 2.33
CA PHE A 2 -13.33 7.31 3.02
C PHE A 2 -11.94 7.68 3.50
N LYS A 3 -11.48 7.02 4.56
CA LYS A 3 -10.16 7.27 5.11
C LYS A 3 -9.22 6.10 4.87
N CYS A 4 -8.15 6.34 4.12
CA CYS A 4 -7.18 5.31 3.80
C CYS A 4 -5.80 5.68 4.32
N PHE A 5 -4.90 4.71 4.39
CA PHE A 5 -3.54 4.93 4.87
C PHE A 5 -2.67 5.50 3.75
N THR A 6 -2.38 6.79 3.83
CA THR A 6 -1.55 7.45 2.83
C THR A 6 -0.17 7.75 3.37
N CYS A 7 0.44 6.76 4.01
CA CYS A 7 1.78 6.92 4.58
C CYS A 7 2.85 6.72 3.51
N GLU A 8 3.97 7.43 3.66
CA GLU A 8 5.07 7.33 2.71
C GLU A 8 6.27 6.65 3.35
N ASN A 9 6.96 7.38 4.23
CA ASN A 9 8.14 6.84 4.91
C ASN A 9 7.74 6.14 6.20
N ALA A 10 7.70 4.81 6.17
CA ALA A 10 7.35 4.02 7.34
C ALA A 10 8.28 2.82 7.50
N GLY A 11 8.38 2.31 8.71
CA GLY A 11 9.24 1.17 8.98
C GLY A 11 8.45 -0.10 9.24
N ASP A 12 7.25 0.05 9.78
CA ASP A 12 6.39 -1.09 10.06
C ASP A 12 4.92 -0.71 9.96
N ASN A 13 4.04 -1.71 10.04
CA ASN A 13 2.61 -1.48 9.95
C ASN A 13 2.16 -0.41 10.94
N TYR A 14 2.78 -0.42 12.12
CA TYR A 14 2.45 0.54 13.16
C TYR A 14 2.90 1.95 12.77
N ASN A 15 4.19 2.11 12.53
CA ASN A 15 4.74 3.40 12.14
C ASN A 15 3.98 4.00 10.96
N CYS A 16 3.77 3.18 9.93
CA CYS A 16 3.05 3.62 8.74
C CYS A 16 1.71 4.25 9.12
N ASN A 17 0.96 3.56 9.98
CA ASN A 17 -0.33 4.04 10.42
C ASN A 17 -0.19 5.27 11.30
N ARG A 18 0.87 5.30 12.11
CA ARG A 18 1.13 6.42 13.01
C ARG A 18 1.26 7.72 12.22
N TRP A 19 1.69 7.61 10.96
CA TRP A 19 1.86 8.78 10.11
C TRP A 19 0.57 9.11 9.37
N ALA A 20 0.07 8.14 8.61
CA ALA A 20 -1.16 8.32 7.85
C ALA A 20 -2.38 8.25 8.76
N GLU A 21 -2.90 9.42 9.13
CA GLU A 21 -4.06 9.49 10.01
C GLU A 21 -5.35 9.24 9.22
N ASP A 22 -6.48 9.43 9.89
CA ASP A 22 -7.78 9.24 9.25
C ASP A 22 -8.25 10.51 8.54
N LYS A 23 -7.61 10.81 7.41
CA LYS A 23 -7.96 12.00 6.64
C LYS A 23 -8.74 11.63 5.38
N TRP A 24 -9.61 12.52 4.95
CA TRP A 24 -10.42 12.27 3.75
C TRP A 24 -9.54 12.24 2.50
N CYS A 25 -9.81 11.28 1.63
CA CYS A 25 -9.04 11.13 0.39
C CYS A 25 -9.52 12.11 -0.67
N PRO A 26 -8.70 12.32 -1.70
CA PRO A 26 -9.03 13.23 -2.81
C PRO A 26 -10.37 12.89 -3.45
N GLN A 27 -10.84 13.77 -4.33
CA GLN A 27 -12.10 13.57 -5.02
C GLN A 27 -11.93 12.64 -6.21
N ASN A 28 -10.77 12.73 -6.87
CA ASN A 28 -10.49 11.89 -8.03
C ASN A 28 -9.77 10.60 -7.61
N THR A 29 -10.31 9.95 -6.59
CA THR A 29 -9.73 8.71 -6.10
C THR A 29 -10.82 7.70 -5.74
N GLN A 30 -10.70 6.49 -6.30
CA GLN A 30 -11.67 5.44 -6.04
C GLN A 30 -10.98 4.13 -5.71
N TYR A 31 -9.70 4.22 -5.32
CA TYR A 31 -8.92 3.04 -4.99
C TYR A 31 -7.86 3.36 -3.95
N CYS A 32 -7.22 2.33 -3.41
CA CYS A 32 -6.19 2.52 -2.40
C CYS A 32 -4.94 1.71 -2.76
N LEU A 33 -3.98 2.36 -3.41
CA LEU A 33 -2.74 1.70 -3.81
C LEU A 33 -1.99 1.18 -2.59
N THR A 34 -1.41 -0.01 -2.73
CA THR A 34 -0.66 -0.63 -1.65
C THR A 34 0.72 -1.09 -2.12
N VAL A 35 1.73 -0.26 -1.91
CA VAL A 35 3.09 -0.59 -2.30
C VAL A 35 3.83 -1.32 -1.20
N HIS A 36 4.67 -2.27 -1.58
CA HIS A 36 5.44 -3.06 -0.62
C HIS A 36 6.90 -3.17 -1.06
N HIS A 37 7.79 -3.38 -0.10
CA HIS A 37 9.21 -3.51 -0.39
C HIS A 37 9.77 -4.81 0.19
N PHE A 38 10.29 -5.67 -0.68
CA PHE A 38 10.85 -6.94 -0.26
C PHE A 38 12.30 -7.07 -0.70
N THR A 39 13.22 -7.04 0.26
CA THR A 39 14.64 -7.16 -0.02
C THR A 39 15.07 -8.62 -0.12
N SER A 40 15.82 -8.95 -1.17
CA SER A 40 16.28 -10.31 -1.39
C SER A 40 16.97 -10.85 -0.13
N HIS A 41 17.71 -9.98 0.56
CA HIS A 41 18.41 -10.36 1.78
C HIS A 41 18.29 -9.27 2.84
N GLY A 42 17.32 -9.43 3.74
CA GLY A 42 17.13 -8.46 4.80
C GLY A 42 15.73 -8.55 5.39
N ARG A 43 15.63 -8.30 6.70
CA ARG A 43 14.35 -8.34 7.39
C ARG A 43 13.53 -7.08 7.11
N SER A 44 14.22 -5.94 7.00
CA SER A 44 13.56 -4.68 6.75
C SER A 44 12.65 -4.78 5.52
N THR A 45 11.55 -4.05 5.55
CA THR A 45 10.60 -4.06 4.44
C THR A 45 9.82 -2.74 4.37
N SER A 46 10.29 -1.82 3.54
CA SER A 46 9.63 -0.52 3.39
C SER A 46 8.18 -0.70 2.96
N ILE A 47 7.31 0.14 3.52
CA ILE A 47 5.89 0.09 3.20
C ILE A 47 5.35 1.47 2.87
N THR A 48 4.54 1.55 1.82
CA THR A 48 3.95 2.81 1.39
C THR A 48 2.61 2.59 0.71
N LYS A 49 1.62 3.41 1.08
CA LYS A 49 0.29 3.31 0.49
C LYS A 49 -0.32 4.69 0.28
N LYS A 50 -1.38 4.74 -0.52
CA LYS A 50 -2.07 6.00 -0.80
C LYS A 50 -3.24 5.78 -1.74
N CYS A 51 -4.24 6.66 -1.65
CA CYS A 51 -5.42 6.56 -2.50
C CYS A 51 -5.07 6.82 -3.96
N ALA A 52 -5.68 6.05 -4.85
CA ALA A 52 -5.43 6.19 -6.28
C ALA A 52 -6.66 5.80 -7.10
N SER A 53 -6.53 5.87 -8.42
CA SER A 53 -7.63 5.52 -9.31
C SER A 53 -7.39 4.17 -9.97
N ARG A 54 -8.34 3.75 -10.80
CA ARG A 54 -8.24 2.47 -11.50
C ARG A 54 -7.12 2.51 -12.54
N SER A 55 -6.97 3.66 -13.18
CA SER A 55 -5.94 3.83 -14.21
C SER A 55 -4.58 4.09 -13.58
N GLU A 56 -4.58 4.87 -12.49
CA GLU A 56 -3.34 5.19 -11.81
C GLU A 56 -2.56 3.93 -11.45
N CYS A 57 -3.27 2.95 -10.90
CA CYS A 57 -2.65 1.69 -10.51
C CYS A 57 -3.03 0.57 -11.48
N HIS A 58 -3.11 0.92 -12.77
CA HIS A 58 -3.47 -0.06 -13.80
C HIS A 58 -2.27 -0.95 -14.13
N PHE A 59 -1.08 -0.38 -14.08
CA PHE A 59 0.14 -1.12 -14.38
C PHE A 59 0.76 -1.67 -13.11
N VAL A 60 -0.04 -2.34 -12.30
CA VAL A 60 0.44 -2.92 -11.06
C VAL A 60 1.44 -4.04 -11.30
N GLY A 61 1.94 -4.64 -10.24
CA GLY A 61 2.90 -5.72 -10.37
C GLY A 61 4.18 -5.47 -9.58
N CYS A 62 5.15 -6.35 -9.74
CA CYS A 62 6.42 -6.21 -9.05
C CYS A 62 7.50 -5.63 -9.96
N HIS A 63 8.44 -4.90 -9.38
CA HIS A 63 9.52 -4.29 -10.15
C HIS A 63 10.87 -4.50 -9.46
N HIS A 64 11.67 -5.40 -10.02
CA HIS A 64 12.99 -5.70 -9.46
C HIS A 64 14.01 -4.65 -9.89
N SER A 65 14.68 -4.05 -8.91
CA SER A 65 15.68 -3.04 -9.17
C SER A 65 16.95 -3.65 -9.75
N ARG A 66 17.64 -2.89 -10.59
CA ARG A 66 18.88 -3.37 -11.20
C ARG A 66 20.06 -3.24 -10.24
N ASP A 67 20.19 -2.07 -9.63
CA ASP A 67 21.28 -1.83 -8.68
C ASP A 67 21.06 -2.63 -7.39
N SER A 68 19.89 -2.48 -6.79
CA SER A 68 19.57 -3.18 -5.56
C SER A 68 18.99 -4.57 -5.86
N GLU A 69 19.02 -5.43 -4.85
CA GLU A 69 18.50 -6.80 -5.00
C GLU A 69 17.12 -6.93 -4.39
N HIS A 70 16.46 -5.79 -4.18
CA HIS A 70 15.13 -5.77 -3.60
C HIS A 70 14.06 -5.61 -4.68
N THR A 71 12.82 -5.94 -4.34
CA THR A 71 11.71 -5.83 -5.28
C THR A 71 10.55 -5.07 -4.67
N GLU A 72 9.83 -4.32 -5.50
CA GLU A 72 8.69 -3.54 -5.04
C GLU A 72 7.43 -3.93 -5.79
N CYS A 73 6.38 -4.25 -5.06
CA CYS A 73 5.10 -4.64 -5.66
C CYS A 73 3.97 -3.74 -5.18
N ARG A 74 3.08 -3.39 -6.09
CA ARG A 74 1.95 -2.53 -5.76
C ARG A 74 0.64 -3.12 -6.28
N SER A 75 -0.44 -2.93 -5.51
CA SER A 75 -1.74 -3.44 -5.89
C SER A 75 -2.82 -2.39 -5.68
N CYS A 76 -4.08 -2.80 -5.86
CA CYS A 76 -5.21 -1.90 -5.69
C CYS A 76 -6.29 -2.53 -4.83
N CYS A 77 -6.67 -1.84 -3.74
CA CYS A 77 -7.69 -2.35 -2.83
C CYS A 77 -8.78 -1.30 -2.63
N GLU A 78 -10.02 -1.75 -2.52
CA GLU A 78 -11.15 -0.86 -2.30
C GLU A 78 -11.71 -1.01 -0.89
N GLY A 79 -12.33 0.06 -0.40
CA GLY A 79 -12.90 0.03 0.93
C GLY A 79 -12.15 0.93 1.91
N MET A 80 -12.88 1.52 2.84
CA MET A 80 -12.27 2.40 3.83
C MET A 80 -11.13 1.70 4.57
N ILE A 81 -10.00 2.40 4.69
CA ILE A 81 -8.84 1.85 5.37
C ILE A 81 -8.67 0.36 5.04
N CYS A 82 -8.88 0.02 3.78
CA CYS A 82 -8.74 -1.37 3.33
C CYS A 82 -7.30 -1.85 3.49
N ASN A 83 -6.35 -0.92 3.38
CA ASN A 83 -4.94 -1.26 3.51
C ASN A 83 -4.52 -1.25 4.97
N VAL A 84 -5.26 -1.96 5.81
CA VAL A 84 -4.97 -2.04 7.23
C VAL A 84 -3.55 -2.55 7.47
N GLU A 85 -3.34 -3.84 7.22
CA GLU A 85 -2.02 -4.44 7.41
C GLU A 85 -1.59 -5.19 6.16
N LEU A 86 -0.40 -5.78 6.21
CA LEU A 86 0.13 -6.52 5.08
C LEU A 86 -0.87 -7.55 4.57
N PRO A 87 -1.34 -7.37 3.33
CA PRO A 87 -2.31 -8.27 2.71
C PRO A 87 -1.71 -9.62 2.38
N THR A 88 -0.42 -9.63 2.05
CA THR A 88 0.27 -10.88 1.72
C THR A 88 0.49 -11.74 2.96
N ASN A 89 0.74 -11.08 4.08
CA ASN A 89 0.97 -11.79 5.34
C ASN A 89 0.33 -11.04 6.51
N HIS A 90 -0.85 -11.48 6.92
CA HIS A 90 -1.56 -10.86 8.03
C HIS A 90 -0.84 -11.12 9.35
N THR A 91 -1.38 -10.57 10.44
CA THR A 91 -0.80 -10.74 11.76
C THR A 91 -0.99 -12.17 12.26
N ASN A 92 0.10 -12.82 12.63
CA ASN A 92 0.04 -14.18 13.13
C ASN A 92 1.23 -14.48 14.04
N ALA A 93 1.06 -15.46 14.92
CA ALA A 93 2.13 -15.84 15.84
C ALA A 93 2.11 -17.34 16.10
N VAL A 94 3.13 -18.03 15.60
CA VAL A 94 3.23 -19.48 15.78
C VAL A 94 4.68 -19.91 15.91
N PHE A 95 4.93 -20.89 16.78
CA PHE A 95 6.28 -21.39 17.01
C PHE A 95 6.50 -22.72 16.29
N ALA A 96 7.74 -22.99 15.91
CA ALA A 96 8.08 -24.22 15.20
C ALA A 96 8.35 -25.35 16.19
#